data_7KNA
#
_entry.id   7KNA
#
loop_
_entity.id
_entity.type
_entity.pdbx_description
1 polymer Hemagglutinin,I53_dn5
2 branched 2-acetamido-2-deoxy-beta-D-glucopyranose-(1-4)-2-acetamido-2-deoxy-beta-D-glucopyranose
3 non-polymer 2-acetamido-2-deoxy-beta-D-glucopyranose
#
_entity_poly.entity_id   1
_entity_poly.type   'polypeptide(L)'
_entity_poly.pdbx_seq_one_letter_code
;DTLCIGYHANNSTDTVDTVLEKNVTVTHSVNLLEDKHNGKLCKLRGVAPLHLGKCNIAGWILGNPECESLSTASSWSYIV
ETSNSDNGTCFPGDFINYEELREQLSSVSSFERFEIFPKTSSWPNHDSNKGVTAACPHAGAKSFYKNLIWLVKKGNSYPK
LNQSYINDKGKEVLVLWGIHHPSTTADQQSLYQNADAYVFVGTSRYSKKFKPEIATRPKVRDQEGRMNYYWTLVEPGDKI
TFEATGNLVVPRYAFTMERNAGSGIIISDTPVHDCNTTCQTPEGAINTSLPFQNIHPITIGKCPKYVKSTKLRLATGLRN
VPSIQSRGLFGAIAGFIEGGWTGMVDGWYGYHHQNEQGSGYAADLKSTQNAIDKITNKVNSVIEKMNTQFTAVGKEFNHL
EKRIENLNKKVDDGFLDIWTYNAELLVLLENERTLDYHDSNVKNLYEKVRNQLKNNAKEIGNGCFEFYHKCDNTCMESVK
NGTYDYPKYSEEAKLNREKIDGVSAEEAELAYLLGELAYKLGEYRIAIRAYRIALKRDPNNAEAWYNLGNAYYKQGRYRE
AIEYYQKALELDPNNAEAWYNLGNAYYERGEYEEAIEYYRKALRLDPNNADAMQNLLNAKMREEGGWELQHHHHHH
;
_entity_poly.pdbx_strand_id   A,B,C
#
loop_
_chem_comp.id
_chem_comp.type
_chem_comp.name
_chem_comp.formula
NAG D-saccharide, beta linking 2-acetamido-2-deoxy-beta-D-glucopyranose 'C8 H15 N O6'
#
# COMPACT_ATOMS: atom_id res chain seq x y z
N ASP A 1 20.76 57.37 24.39
CA ASP A 1 19.49 56.82 23.97
C ASP A 1 19.72 55.60 23.06
N THR A 2 18.96 54.51 23.31
CA THR A 2 19.07 53.27 22.53
C THR A 2 17.71 52.75 22.06
N LEU A 3 17.80 51.93 21.02
CA LEU A 3 16.66 51.20 20.47
C LEU A 3 17.15 49.80 20.06
N CYS A 4 16.48 48.76 20.59
CA CYS A 4 16.90 47.36 20.37
C CYS A 4 15.80 46.58 19.68
N ILE A 5 16.24 45.66 18.81
CA ILE A 5 15.36 44.72 18.13
C ILE A 5 15.51 43.36 18.76
N GLY A 6 14.41 42.79 19.22
CA GLY A 6 14.48 41.50 19.87
C GLY A 6 13.27 40.63 19.58
N TYR A 7 13.11 39.61 20.39
CA TYR A 7 12.03 38.66 20.22
C TYR A 7 11.51 38.11 21.54
N HIS A 8 10.30 37.60 21.48
CA HIS A 8 9.53 37.07 22.60
C HIS A 8 10.15 35.90 23.31
N ALA A 9 9.91 35.84 24.60
CA ALA A 9 10.34 34.71 25.40
C ALA A 9 9.31 34.49 26.51
N ASN A 10 9.26 33.27 27.03
CA ASN A 10 8.33 32.94 28.10
C ASN A 10 8.90 31.81 28.94
N ASN A 11 8.07 31.24 29.81
CA ASN A 11 8.45 30.13 30.71
C ASN A 11 8.04 28.77 30.12
N SER A 12 7.76 28.66 28.81
CA SER A 12 7.39 27.41 28.15
C SER A 12 8.54 26.43 28.16
N THR A 13 8.24 25.19 28.52
CA THR A 13 9.26 24.16 28.66
C THR A 13 9.10 22.99 27.69
N ASP A 14 8.16 23.08 26.75
CA ASP A 14 8.05 22.00 25.80
C ASP A 14 8.99 22.23 24.63
N THR A 15 9.26 21.16 23.90
CA THR A 15 10.23 21.23 22.83
C THR A 15 9.73 20.62 21.55
N VAL A 16 10.48 20.89 20.51
CA VAL A 16 10.29 20.26 19.23
C VAL A 16 11.62 19.71 18.79
N ASP A 17 11.59 18.75 17.89
CA ASP A 17 12.83 18.32 17.32
C ASP A 17 12.95 18.91 15.95
N THR A 18 14.17 19.15 15.51
CA THR A 18 14.38 19.58 14.15
C THR A 18 15.30 18.58 13.51
N VAL A 19 15.39 18.57 12.19
CA VAL A 19 16.26 17.59 11.59
C VAL A 19 17.72 17.83 11.97
N LEU A 20 18.10 19.08 12.20
CA LEU A 20 19.47 19.37 12.62
C LEU A 20 19.72 19.21 14.11
N GLU A 21 18.77 19.65 14.94
CA GLU A 21 18.99 19.68 16.38
C GLU A 21 17.80 19.19 17.20
N LYS A 22 18.08 18.34 18.18
CA LYS A 22 17.02 17.80 19.04
C LYS A 22 16.80 18.65 20.30
N ASN A 23 15.59 18.49 20.91
CA ASN A 23 15.20 19.15 22.17
C ASN A 23 15.25 20.67 22.08
N VAL A 24 14.73 21.28 21.00
CA VAL A 24 14.73 22.73 20.85
C VAL A 24 13.52 23.31 21.58
N THR A 25 13.75 24.14 22.58
CA THR A 25 12.65 24.68 23.35
C THR A 25 12.06 25.85 22.60
N VAL A 26 10.74 25.88 22.48
CA VAL A 26 10.09 26.96 21.72
C VAL A 26 9.03 27.64 22.54
N THR A 27 8.65 28.86 22.14
CA THR A 27 7.65 29.61 22.88
C THR A 27 6.24 29.11 22.60
N HIS A 28 6.02 28.58 21.40
CA HIS A 28 4.70 28.08 21.01
C HIS A 28 4.82 26.90 20.04
N SER A 29 3.95 25.91 20.21
CA SER A 29 3.90 24.76 19.30
C SER A 29 2.54 24.10 19.31
N VAL A 30 2.27 23.30 18.29
CA VAL A 30 1.02 22.55 18.20
C VAL A 30 1.29 21.07 18.05
N ASN A 31 0.31 20.27 18.43
CA ASN A 31 0.42 18.82 18.35
C ASN A 31 -0.31 18.25 17.15
N LEU A 32 0.41 17.55 16.28
CA LEU A 32 -0.20 16.92 15.10
C LEU A 32 -0.64 15.49 15.37
N LEU A 33 -0.24 14.97 16.53
CA LEU A 33 -0.48 13.57 16.84
C LEU A 33 -1.43 13.39 17.99
N GLU A 34 -2.55 12.74 17.74
CA GLU A 34 -3.52 12.51 18.80
C GLU A 34 -3.21 11.20 19.52
N ASP A 35 -2.95 11.31 20.82
CA ASP A 35 -2.58 10.16 21.63
C ASP A 35 -3.59 9.87 22.73
N LYS A 36 -4.80 10.41 22.59
CA LYS A 36 -5.84 10.21 23.59
C LYS A 36 -7.16 9.87 22.95
N HIS A 37 -8.02 9.25 23.74
CA HIS A 37 -9.37 8.89 23.34
C HIS A 37 -10.29 9.09 24.52
N ASN A 38 -11.61 9.08 24.29
CA ASN A 38 -12.51 9.37 25.40
C ASN A 38 -12.87 8.11 26.20
N GLY A 39 -12.33 6.98 25.81
CA GLY A 39 -12.53 5.72 26.52
C GLY A 39 -13.92 5.11 26.32
N LYS A 40 -14.67 5.59 25.35
CA LYS A 40 -16.03 5.09 25.14
C LYS A 40 -16.26 4.74 23.68
N LEU A 41 -17.14 3.76 23.42
CA LEU A 41 -17.52 3.48 22.05
C LEU A 41 -18.71 4.38 21.71
N CYS A 42 -18.62 5.11 20.58
CA CYS A 42 -19.60 6.12 20.18
C CYS A 42 -20.28 5.77 18.85
N LYS A 43 -21.31 6.55 18.52
CA LYS A 43 -22.06 6.39 17.30
C LYS A 43 -21.28 6.90 16.09
N LEU A 44 -21.45 6.27 14.95
CA LEU A 44 -20.83 6.75 13.71
C LEU A 44 -21.91 7.18 12.75
N ARG A 45 -21.75 8.35 12.16
CA ARG A 45 -22.75 8.87 11.24
C ARG A 45 -24.11 9.00 11.93
N GLY A 46 -24.08 9.22 13.25
CA GLY A 46 -25.29 9.40 14.05
C GLY A 46 -26.00 8.08 14.38
N VAL A 47 -25.39 6.96 14.01
CA VAL A 47 -26.01 5.66 14.19
C VAL A 47 -25.28 4.76 15.17
N ALA A 48 -26.05 4.18 16.08
CA ALA A 48 -25.53 3.31 17.12
C ALA A 48 -24.91 2.05 16.53
N PRO A 49 -23.95 1.44 17.22
CA PRO A 49 -23.42 0.13 16.94
C PRO A 49 -24.38 -0.94 17.38
N LEU A 50 -24.23 -2.12 16.82
CA LEU A 50 -24.94 -3.27 17.32
C LEU A 50 -24.04 -3.93 18.33
N HIS A 51 -24.48 -3.98 19.59
CA HIS A 51 -23.59 -4.54 20.61
C HIS A 51 -24.03 -5.93 21.00
N LEU A 52 -23.16 -6.89 20.77
CA LEU A 52 -23.45 -8.27 21.09
C LEU A 52 -22.71 -8.62 22.37
N GLY A 53 -23.34 -8.39 23.52
CA GLY A 53 -22.66 -8.51 24.80
C GLY A 53 -22.15 -9.90 25.14
N LYS A 54 -22.91 -10.93 24.80
CA LYS A 54 -22.51 -12.30 25.13
C LYS A 54 -22.31 -13.20 23.90
N CYS A 55 -23.07 -12.93 22.83
CA CYS A 55 -23.14 -13.65 21.59
C CYS A 55 -22.14 -13.12 20.56
N ASN A 56 -21.72 -13.94 19.64
CA ASN A 56 -20.98 -13.44 18.50
C ASN A 56 -21.96 -13.35 17.34
N ILE A 57 -21.50 -12.94 16.16
CA ILE A 57 -22.43 -12.81 15.05
C ILE A 57 -23.13 -14.11 14.68
N ALA A 58 -22.42 -15.24 14.59
CA ALA A 58 -23.13 -16.46 14.22
C ALA A 58 -24.24 -16.75 15.20
N GLY A 59 -23.96 -16.54 16.47
CA GLY A 59 -24.95 -16.80 17.50
C GLY A 59 -26.17 -15.92 17.29
N TRP A 60 -25.92 -14.64 17.13
CA TRP A 60 -26.99 -13.68 16.96
C TRP A 60 -27.84 -13.91 15.73
N ILE A 61 -27.22 -14.16 14.59
CA ILE A 61 -27.97 -14.32 13.34
C ILE A 61 -28.74 -15.64 13.33
N LEU A 62 -28.19 -16.69 13.92
CA LEU A 62 -28.86 -17.98 13.97
C LEU A 62 -29.92 -18.02 15.08
N GLY A 63 -29.73 -17.24 16.13
CA GLY A 63 -30.67 -17.25 17.22
C GLY A 63 -30.26 -18.21 18.33
N ASN A 64 -28.99 -18.21 18.68
CA ASN A 64 -28.52 -19.00 19.81
C ASN A 64 -29.46 -18.69 20.98
N PRO A 65 -29.88 -19.69 21.76
CA PRO A 65 -30.76 -19.54 22.92
C PRO A 65 -30.33 -18.45 23.89
N GLU A 66 -29.04 -18.13 23.93
CA GLU A 66 -28.55 -17.10 24.85
C GLU A 66 -28.65 -15.66 24.31
N CYS A 67 -29.07 -15.49 23.04
CA CYS A 67 -29.17 -14.19 22.37
C CYS A 67 -30.60 -13.68 22.47
N GLU A 68 -31.48 -14.48 23.05
CA GLU A 68 -32.90 -14.12 23.14
C GLU A 68 -33.10 -12.83 23.92
N SER A 69 -32.23 -12.58 24.88
CA SER A 69 -32.27 -11.40 25.73
C SER A 69 -31.90 -10.13 24.97
N LEU A 70 -31.19 -10.29 23.87
CA LEU A 70 -30.67 -9.16 23.11
C LEU A 70 -31.74 -8.49 22.28
N SER A 71 -31.78 -7.16 22.37
CA SER A 71 -32.70 -6.36 21.57
C SER A 71 -32.02 -5.97 20.27
N THR A 72 -32.59 -6.41 19.16
CA THR A 72 -32.00 -6.15 17.86
C THR A 72 -32.36 -4.75 17.38
N ALA A 73 -31.37 -4.07 16.83
CA ALA A 73 -31.58 -2.73 16.29
C ALA A 73 -32.09 -2.83 14.87
N SER A 74 -32.85 -1.82 14.44
CA SER A 74 -33.33 -1.78 13.06
C SER A 74 -32.21 -1.40 12.10
N SER A 75 -31.13 -0.85 12.64
CA SER A 75 -29.98 -0.47 11.84
C SER A 75 -28.75 -0.35 12.73
N TRP A 76 -27.58 -0.35 12.12
CA TRP A 76 -26.35 -0.10 12.86
C TRP A 76 -25.24 0.33 11.94
N SER A 77 -24.28 1.06 12.49
CA SER A 77 -23.14 1.50 11.70
C SER A 77 -21.94 0.56 11.77
N TYR A 78 -21.85 -0.21 12.84
CA TYR A 78 -20.77 -1.17 13.02
C TYR A 78 -21.17 -2.19 14.06
N ILE A 79 -20.42 -3.28 14.15
CA ILE A 79 -20.73 -4.32 15.14
C ILE A 79 -19.67 -4.43 16.21
N VAL A 80 -20.11 -4.52 17.45
CA VAL A 80 -19.20 -4.69 18.56
C VAL A 80 -19.36 -6.03 19.24
N GLU A 81 -18.27 -6.77 19.30
CA GLU A 81 -18.24 -8.06 19.98
C GLU A 81 -17.32 -7.92 21.18
N THR A 82 -17.60 -8.67 22.24
CA THR A 82 -16.73 -8.58 23.40
C THR A 82 -15.65 -9.66 23.33
N SER A 83 -14.67 -9.58 24.22
CA SER A 83 -13.55 -10.51 24.21
C SER A 83 -13.95 -11.91 24.61
N ASN A 84 -15.11 -12.03 25.24
CA ASN A 84 -15.63 -13.29 25.72
C ASN A 84 -16.96 -13.62 25.08
N SER A 85 -17.18 -13.16 23.85
CA SER A 85 -18.43 -13.45 23.15
C SER A 85 -18.39 -14.85 22.57
N ASP A 86 -18.53 -15.84 23.45
CA ASP A 86 -18.40 -17.25 23.08
C ASP A 86 -19.67 -17.89 22.49
N ASN A 87 -20.86 -17.34 22.68
CA ASN A 87 -22.12 -17.95 22.26
C ASN A 87 -22.33 -17.79 20.76
N GLY A 88 -21.78 -18.65 19.95
CA GLY A 88 -21.86 -18.68 18.50
C GLY A 88 -22.74 -19.82 18.09
N THR A 89 -22.21 -20.73 17.30
CA THR A 89 -22.99 -21.89 16.98
C THR A 89 -22.98 -22.79 18.21
N CYS A 90 -24.13 -23.33 18.62
CA CYS A 90 -24.30 -24.19 19.75
C CYS A 90 -24.35 -25.69 19.37
N PHE A 91 -24.61 -25.88 18.06
CA PHE A 91 -24.61 -27.23 17.51
C PHE A 91 -23.38 -27.25 16.60
N PRO A 92 -22.31 -27.93 16.98
CA PRO A 92 -21.00 -27.91 16.34
C PRO A 92 -21.09 -28.21 14.87
N GLY A 93 -20.31 -27.49 14.09
CA GLY A 93 -20.28 -27.64 12.65
C GLY A 93 -19.64 -26.43 12.01
N ASP A 94 -19.55 -26.44 10.69
CA ASP A 94 -18.93 -25.36 9.95
C ASP A 94 -19.95 -24.35 9.48
N PHE A 95 -19.72 -23.10 9.81
CA PHE A 95 -20.56 -22.04 9.30
C PHE A 95 -19.86 -21.59 8.02
N ILE A 96 -20.49 -21.83 6.89
CA ILE A 96 -19.87 -21.63 5.60
C ILE A 96 -19.90 -20.18 5.16
N ASN A 97 -18.75 -19.69 4.69
CA ASN A 97 -18.61 -18.30 4.30
C ASN A 97 -19.01 -17.41 5.44
N TYR A 98 -18.59 -17.80 6.64
CA TYR A 98 -18.91 -17.07 7.83
C TYR A 98 -18.27 -15.71 7.82
N GLU A 99 -17.02 -15.66 7.43
CA GLU A 99 -16.30 -14.41 7.41
C GLU A 99 -16.90 -13.45 6.41
N GLU A 100 -17.37 -13.96 5.27
CA GLU A 100 -17.97 -13.09 4.28
C GLU A 100 -19.29 -12.53 4.82
N LEU A 101 -20.03 -13.35 5.57
CA LEU A 101 -21.27 -12.88 6.16
C LEU A 101 -21.00 -11.83 7.22
N ARG A 102 -19.99 -12.07 8.04
CA ARG A 102 -19.66 -11.15 9.12
C ARG A 102 -19.38 -9.78 8.55
N GLU A 103 -18.70 -9.73 7.42
CA GLU A 103 -18.40 -8.45 6.81
C GLU A 103 -19.63 -7.83 6.15
N GLN A 104 -20.46 -8.62 5.48
CA GLN A 104 -21.65 -8.04 4.84
C GLN A 104 -22.62 -7.44 5.83
N LEU A 105 -22.69 -8.02 7.03
CA LEU A 105 -23.57 -7.50 8.07
C LEU A 105 -22.95 -6.39 8.90
N SER A 106 -21.71 -6.01 8.60
CA SER A 106 -21.02 -5.02 9.39
C SER A 106 -21.72 -3.69 9.40
N SER A 107 -22.43 -3.34 8.34
CA SER A 107 -23.14 -2.07 8.33
C SER A 107 -24.42 -2.21 7.53
N VAL A 108 -25.55 -1.90 8.15
CA VAL A 108 -26.81 -2.02 7.46
C VAL A 108 -27.65 -0.77 7.60
N SER A 109 -28.34 -0.41 6.53
CA SER A 109 -29.22 0.74 6.52
C SER A 109 -30.50 0.37 7.24
N SER A 110 -30.95 -0.85 7.00
CA SER A 110 -32.17 -1.34 7.66
C SER A 110 -32.07 -2.84 7.87
N PHE A 111 -32.73 -3.34 8.91
CA PHE A 111 -32.70 -4.76 9.22
C PHE A 111 -33.96 -5.21 9.96
N GLU A 112 -34.75 -6.04 9.30
CA GLU A 112 -36.00 -6.53 9.86
C GLU A 112 -36.07 -8.03 9.86
N ARG A 113 -36.45 -8.61 10.98
CA ARG A 113 -36.63 -10.05 11.01
C ARG A 113 -38.09 -10.35 10.70
N PHE A 114 -38.34 -11.36 9.86
CA PHE A 114 -39.71 -11.75 9.58
C PHE A 114 -39.82 -13.26 9.47
N GLU A 115 -41.01 -13.80 9.69
CA GLU A 115 -41.13 -15.24 9.68
C GLU A 115 -41.41 -15.74 8.27
N ILE A 116 -40.31 -16.07 7.58
CA ILE A 116 -40.32 -16.53 6.19
C ILE A 116 -41.10 -17.83 5.97
N PHE A 117 -41.04 -18.74 6.91
CA PHE A 117 -41.76 -20.00 6.81
C PHE A 117 -42.49 -20.32 8.11
N PRO A 118 -43.71 -19.81 8.31
CA PRO A 118 -44.46 -19.89 9.54
C PRO A 118 -44.50 -21.31 10.07
N LYS A 119 -44.13 -21.44 11.34
CA LYS A 119 -43.99 -22.74 11.98
C LYS A 119 -45.27 -23.57 11.94
N THR A 120 -46.41 -22.92 12.03
CA THR A 120 -47.66 -23.63 12.12
C THR A 120 -48.33 -23.95 10.78
N SER A 121 -47.81 -23.41 9.66
CA SER A 121 -48.48 -23.68 8.39
C SER A 121 -47.57 -24.17 7.27
N SER A 122 -46.26 -23.98 7.39
CA SER A 122 -45.36 -24.33 6.30
C SER A 122 -44.93 -25.78 6.31
N TRP A 123 -44.99 -26.43 7.47
CA TRP A 123 -44.47 -27.78 7.55
C TRP A 123 -45.48 -28.78 8.12
N PRO A 124 -46.66 -28.95 7.50
CA PRO A 124 -47.77 -29.76 7.97
C PRO A 124 -47.47 -31.25 7.97
N ASN A 125 -46.45 -31.65 7.22
CA ASN A 125 -46.15 -33.06 7.08
C ASN A 125 -44.89 -33.45 7.83
N HIS A 126 -44.36 -32.55 8.64
CA HIS A 126 -43.12 -32.84 9.35
C HIS A 126 -43.23 -32.42 10.80
N ASP A 127 -42.48 -33.05 11.68
CA ASP A 127 -42.58 -32.72 13.09
C ASP A 127 -41.59 -31.63 13.46
N SER A 128 -42.11 -30.45 13.75
CA SER A 128 -41.30 -29.27 14.04
C SER A 128 -41.06 -29.09 15.54
N ASN A 129 -41.59 -30.00 16.35
CA ASN A 129 -41.49 -29.88 17.80
C ASN A 129 -40.46 -30.80 18.44
N LYS A 130 -39.74 -31.57 17.64
CA LYS A 130 -38.74 -32.50 18.16
C LYS A 130 -37.33 -32.01 17.85
N GLY A 131 -37.24 -30.86 17.23
CA GLY A 131 -35.97 -30.31 16.79
C GLY A 131 -35.21 -29.65 17.93
N VAL A 132 -34.81 -30.45 18.92
CA VAL A 132 -34.10 -29.94 20.08
C VAL A 132 -32.84 -30.73 20.37
N THR A 133 -31.94 -30.14 21.12
CA THR A 133 -30.72 -30.82 21.53
C THR A 133 -30.14 -30.32 22.84
N ALA A 134 -29.38 -31.19 23.50
CA ALA A 134 -28.71 -30.87 24.74
C ALA A 134 -27.53 -29.94 24.49
N ALA A 135 -27.13 -29.84 23.23
CA ALA A 135 -26.05 -28.94 22.84
C ALA A 135 -26.47 -27.46 22.82
N CYS A 136 -27.78 -27.16 22.82
CA CYS A 136 -28.32 -25.81 22.72
C CYS A 136 -29.38 -25.58 23.81
N PRO A 137 -29.04 -25.74 25.09
CA PRO A 137 -29.96 -25.71 26.19
C PRO A 137 -30.49 -24.32 26.44
N HIS A 138 -31.70 -24.26 26.97
CA HIS A 138 -32.32 -23.02 27.40
C HIS A 138 -32.92 -23.18 28.78
N ALA A 139 -32.33 -22.52 29.76
CA ALA A 139 -32.77 -22.66 31.13
C ALA A 139 -32.77 -24.13 31.56
N GLY A 140 -31.78 -24.88 31.05
CA GLY A 140 -31.64 -26.29 31.39
C GLY A 140 -32.44 -27.24 30.50
N ALA A 141 -33.33 -26.71 29.67
CA ALA A 141 -34.17 -27.54 28.81
C ALA A 141 -33.49 -27.77 27.47
N LYS A 142 -33.77 -28.89 26.83
CA LYS A 142 -33.26 -29.08 25.48
C LYS A 142 -33.93 -28.07 24.58
N SER A 143 -33.16 -27.47 23.68
CA SER A 143 -33.74 -26.48 22.80
C SER A 143 -32.94 -26.37 21.52
N PHE A 144 -33.13 -25.28 20.80
CA PHE A 144 -32.48 -25.12 19.51
C PHE A 144 -32.43 -23.66 19.11
N TYR A 145 -31.84 -23.38 17.97
CA TYR A 145 -31.76 -22.02 17.47
C TYR A 145 -33.14 -21.47 17.29
N LYS A 146 -33.32 -20.20 17.59
CA LYS A 146 -34.62 -19.57 17.46
C LYS A 146 -35.01 -19.27 16.02
N ASN A 147 -34.03 -19.05 15.13
CA ASN A 147 -34.41 -18.67 13.78
C ASN A 147 -34.48 -19.86 12.82
N LEU A 148 -34.22 -21.06 13.34
CA LEU A 148 -34.23 -22.28 12.55
C LEU A 148 -35.16 -23.35 13.10
N ILE A 149 -35.72 -24.16 12.22
CA ILE A 149 -36.48 -25.33 12.64
C ILE A 149 -35.87 -26.61 12.15
N TRP A 150 -35.60 -27.50 13.09
CA TRP A 150 -35.04 -28.79 12.75
C TRP A 150 -36.18 -29.78 12.65
N LEU A 151 -36.49 -30.20 11.44
CA LEU A 151 -37.63 -31.07 11.20
C LEU A 151 -37.25 -32.53 11.36
N VAL A 152 -38.15 -33.27 12.00
CA VAL A 152 -37.99 -34.68 12.26
C VAL A 152 -39.14 -35.47 11.63
N LYS A 153 -38.87 -36.72 11.28
CA LYS A 153 -39.88 -37.57 10.66
C LYS A 153 -41.12 -37.64 11.52
N LYS A 154 -42.28 -37.64 10.87
CA LYS A 154 -43.56 -37.64 11.56
C LYS A 154 -44.36 -38.88 11.23
N GLY A 155 -44.56 -39.75 12.22
CA GLY A 155 -45.28 -40.99 11.97
C GLY A 155 -44.40 -41.99 11.21
N ASN A 156 -43.11 -41.96 11.47
CA ASN A 156 -42.14 -42.82 10.79
C ASN A 156 -42.14 -42.61 9.29
N SER A 157 -42.28 -41.35 8.88
CA SER A 157 -42.27 -41.00 7.48
C SER A 157 -41.72 -39.60 7.28
N TYR A 158 -40.92 -39.43 6.23
CA TYR A 158 -40.38 -38.12 5.92
C TYR A 158 -40.63 -37.84 4.44
N PRO A 159 -41.81 -37.34 4.10
CA PRO A 159 -42.26 -37.14 2.73
C PRO A 159 -41.45 -36.02 2.15
N LYS A 160 -41.31 -36.00 0.83
CA LYS A 160 -40.55 -34.94 0.24
C LYS A 160 -41.06 -33.59 0.66
N LEU A 161 -40.12 -32.77 1.10
CA LEU A 161 -40.33 -31.41 1.53
C LEU A 161 -40.13 -30.50 0.36
N ASN A 162 -41.12 -29.67 0.07
CA ASN A 162 -40.98 -28.74 -1.04
C ASN A 162 -41.65 -27.40 -0.74
N GLN A 163 -40.83 -26.42 -0.37
CA GLN A 163 -41.30 -25.08 -0.03
C GLN A 163 -40.45 -24.02 -0.68
N SER A 164 -41.05 -22.87 -0.93
CA SER A 164 -40.31 -21.78 -1.54
C SER A 164 -40.78 -20.44 -1.04
N TYR A 165 -39.91 -19.46 -1.15
CA TYR A 165 -40.24 -18.10 -0.78
C TYR A 165 -39.93 -17.14 -1.89
N ILE A 166 -40.89 -16.27 -2.18
CA ILE A 166 -40.69 -15.26 -3.21
C ILE A 166 -40.44 -13.94 -2.55
N ASN A 167 -39.35 -13.29 -2.93
CA ASN A 167 -38.99 -12.08 -2.26
C ASN A 167 -39.78 -10.90 -2.78
N ASP A 168 -40.85 -10.58 -2.05
CA ASP A 168 -41.76 -9.50 -2.41
C ASP A 168 -41.36 -8.21 -1.70
N LYS A 169 -40.17 -8.21 -1.10
CA LYS A 169 -39.64 -7.05 -0.42
C LYS A 169 -38.87 -6.22 -1.44
N GLY A 170 -38.65 -4.94 -1.15
CA GLY A 170 -37.84 -4.12 -2.04
C GLY A 170 -36.36 -4.23 -1.69
N LYS A 171 -36.06 -5.03 -0.68
CA LYS A 171 -34.72 -5.21 -0.17
C LYS A 171 -34.29 -6.68 -0.24
N GLU A 172 -32.99 -6.91 -0.16
CA GLU A 172 -32.44 -8.26 -0.18
C GLU A 172 -32.83 -9.02 1.05
N VAL A 173 -33.07 -10.31 0.89
CA VAL A 173 -33.39 -11.14 2.05
C VAL A 173 -32.31 -12.15 2.33
N LEU A 174 -31.86 -12.16 3.57
CA LEU A 174 -30.87 -13.11 4.02
C LEU A 174 -31.53 -14.32 4.61
N VAL A 175 -31.30 -15.45 3.97
CA VAL A 175 -31.92 -16.69 4.41
C VAL A 175 -30.85 -17.64 4.87
N LEU A 176 -31.04 -18.21 6.05
CA LEU A 176 -30.08 -19.15 6.59
C LEU A 176 -30.74 -20.49 6.82
N TRP A 177 -29.98 -21.55 6.64
CA TRP A 177 -30.46 -22.90 6.86
C TRP A 177 -29.28 -23.77 7.22
N GLY A 178 -29.53 -25.02 7.57
CA GLY A 178 -28.41 -25.88 7.87
C GLY A 178 -28.63 -27.30 7.41
N ILE A 179 -27.56 -28.07 7.43
CA ILE A 179 -27.61 -29.47 7.05
C ILE A 179 -27.16 -30.31 8.21
N HIS A 180 -27.95 -31.30 8.58
CA HIS A 180 -27.60 -32.15 9.70
C HIS A 180 -26.85 -33.38 9.24
N HIS A 181 -25.81 -33.73 9.98
CA HIS A 181 -24.97 -34.88 9.70
C HIS A 181 -24.85 -35.80 10.92
N PRO A 182 -25.74 -36.79 11.05
CA PRO A 182 -25.83 -37.72 12.15
C PRO A 182 -24.54 -38.51 12.29
N SER A 183 -24.24 -38.96 13.50
CA SER A 183 -23.01 -39.70 13.72
C SER A 183 -23.09 -41.14 13.22
N THR A 184 -24.30 -41.71 13.18
CA THR A 184 -24.46 -43.07 12.69
C THR A 184 -25.64 -43.19 11.74
N THR A 185 -25.71 -44.30 11.01
CA THR A 185 -26.86 -44.58 10.15
C THR A 185 -28.11 -44.71 11.01
N ALA A 186 -27.96 -45.33 12.18
CA ALA A 186 -29.09 -45.53 13.06
C ALA A 186 -29.75 -44.20 13.40
N ASP A 187 -28.96 -43.14 13.57
CA ASP A 187 -29.54 -41.84 13.88
C ASP A 187 -30.19 -41.26 12.64
N GLN A 188 -29.57 -41.46 11.49
CA GLN A 188 -30.14 -40.97 10.24
C GLN A 188 -31.53 -41.54 10.07
N GLN A 189 -31.70 -42.81 10.35
CA GLN A 189 -33.01 -43.42 10.22
C GLN A 189 -33.95 -42.97 11.33
N SER A 190 -33.44 -42.82 12.55
CA SER A 190 -34.29 -42.41 13.67
C SER A 190 -34.88 -41.03 13.43
N LEU A 191 -34.13 -40.14 12.81
CA LEU A 191 -34.61 -38.80 12.55
C LEU A 191 -35.29 -38.61 11.21
N TYR A 192 -34.79 -39.23 10.15
CA TYR A 192 -35.31 -38.90 8.83
C TYR A 192 -35.93 -40.05 8.05
N GLN A 193 -35.88 -41.28 8.57
CA GLN A 193 -36.47 -42.46 7.94
C GLN A 193 -35.80 -42.96 6.63
N ASN A 194 -35.56 -42.05 5.71
CA ASN A 194 -35.16 -42.35 4.33
C ASN A 194 -33.75 -42.92 4.15
N ALA A 195 -32.86 -42.63 5.09
CA ALA A 195 -31.47 -43.07 5.04
C ALA A 195 -30.69 -42.36 3.94
N ASP A 196 -30.97 -42.68 2.68
CA ASP A 196 -30.27 -42.02 1.58
C ASP A 196 -30.97 -40.71 1.24
N ALA A 197 -30.83 -39.75 2.14
CA ALA A 197 -31.49 -38.47 2.00
C ALA A 197 -30.61 -37.48 1.25
N TYR A 198 -31.23 -36.46 0.70
CA TYR A 198 -30.50 -35.37 0.10
C TYR A 198 -31.23 -34.06 0.33
N VAL A 199 -30.50 -32.97 0.21
CA VAL A 199 -31.06 -31.64 0.32
C VAL A 199 -30.67 -30.79 -0.87
N PHE A 200 -31.61 -30.08 -1.44
CA PHE A 200 -31.28 -29.17 -2.52
C PHE A 200 -31.81 -27.77 -2.24
N VAL A 201 -30.96 -26.78 -2.42
CA VAL A 201 -31.39 -25.40 -2.24
C VAL A 201 -30.96 -24.54 -3.43
N GLY A 202 -31.83 -23.66 -3.90
CA GLY A 202 -31.40 -22.77 -4.97
C GLY A 202 -32.23 -21.51 -5.21
N THR A 203 -31.57 -20.54 -5.86
CA THR A 203 -32.09 -19.24 -6.27
C THR A 203 -31.59 -18.97 -7.69
N SER A 204 -31.91 -17.83 -8.28
CA SER A 204 -31.50 -17.62 -9.66
C SER A 204 -29.98 -17.67 -9.89
N ARG A 205 -29.19 -17.32 -8.87
CA ARG A 205 -27.74 -17.37 -9.01
C ARG A 205 -27.10 -18.33 -8.02
N TYR A 206 -27.86 -19.29 -7.52
CA TYR A 206 -27.32 -20.22 -6.55
C TYR A 206 -27.98 -21.58 -6.66
N SER A 207 -27.19 -22.63 -6.67
CA SER A 207 -27.75 -23.95 -6.73
C SER A 207 -26.81 -24.97 -6.16
N LYS A 208 -27.23 -25.65 -5.12
CA LYS A 208 -26.35 -26.65 -4.56
C LYS A 208 -27.10 -27.83 -3.97
N LYS A 209 -26.58 -29.02 -4.27
CA LYS A 209 -27.09 -30.24 -3.68
C LYS A 209 -26.18 -30.67 -2.55
N PHE A 210 -26.77 -31.12 -1.47
CA PHE A 210 -26.03 -31.56 -0.31
C PHE A 210 -26.38 -33.01 -0.01
N LYS A 211 -25.43 -33.75 0.50
CA LYS A 211 -25.73 -35.09 0.99
C LYS A 211 -25.22 -35.22 2.40
N PRO A 212 -25.89 -35.97 3.27
CA PRO A 212 -25.44 -36.30 4.60
C PRO A 212 -24.09 -37.00 4.55
N GLU A 213 -23.20 -36.60 5.44
CA GLU A 213 -21.91 -37.21 5.58
C GLU A 213 -21.90 -37.88 6.94
N ILE A 214 -22.19 -39.16 6.95
CA ILE A 214 -22.42 -39.86 8.19
C ILE A 214 -21.20 -40.63 8.64
N ALA A 215 -20.69 -40.21 9.78
CA ALA A 215 -19.51 -40.80 10.40
C ALA A 215 -19.47 -40.37 11.85
N THR A 216 -18.84 -41.15 12.71
CA THR A 216 -18.70 -40.73 14.09
C THR A 216 -17.58 -39.73 14.21
N ARG A 217 -17.83 -38.62 14.89
CA ARG A 217 -16.81 -37.62 15.08
C ARG A 217 -16.50 -37.45 16.56
N PRO A 218 -15.36 -36.83 16.91
CA PRO A 218 -15.02 -36.47 18.27
C PRO A 218 -16.15 -35.63 18.84
N LYS A 219 -16.46 -35.85 20.11
CA LYS A 219 -17.56 -35.10 20.68
C LYS A 219 -17.20 -33.66 20.90
N VAL A 220 -18.10 -32.79 20.45
CA VAL A 220 -18.00 -31.38 20.73
C VAL A 220 -19.32 -30.98 21.34
N ARG A 221 -19.31 -30.42 22.53
CA ARG A 221 -20.58 -30.09 23.21
C ARG A 221 -21.48 -31.32 23.27
N ASP A 222 -20.88 -32.47 23.53
CA ASP A 222 -21.54 -33.77 23.65
C ASP A 222 -22.24 -34.23 22.36
N GLN A 223 -21.84 -33.70 21.21
CA GLN A 223 -22.40 -34.15 19.94
C GLN A 223 -21.40 -34.93 19.12
N GLU A 224 -21.77 -36.12 18.69
CA GLU A 224 -20.91 -36.96 17.86
C GLU A 224 -21.16 -36.68 16.39
N GLY A 225 -22.15 -35.85 16.11
CA GLY A 225 -22.52 -35.48 14.75
C GLY A 225 -22.22 -34.01 14.56
N ARG A 226 -22.59 -33.48 13.41
CA ARG A 226 -22.33 -32.07 13.11
C ARG A 226 -23.49 -31.43 12.37
N MET A 227 -23.57 -30.12 12.44
CA MET A 227 -24.58 -29.40 11.69
C MET A 227 -23.96 -28.19 11.02
N ASN A 228 -23.98 -28.18 9.69
CA ASN A 228 -23.34 -27.08 8.97
C ASN A 228 -24.34 -25.99 8.70
N TYR A 229 -23.86 -24.77 8.54
CA TYR A 229 -24.77 -23.67 8.28
C TYR A 229 -24.44 -23.00 6.98
N TYR A 230 -25.49 -22.68 6.24
CA TYR A 230 -25.37 -22.05 4.95
C TYR A 230 -26.26 -20.85 4.88
N TRP A 231 -25.93 -19.93 3.99
CA TRP A 231 -26.75 -18.76 3.82
C TRP A 231 -26.64 -18.22 2.41
N THR A 232 -27.64 -17.47 2.01
CA THR A 232 -27.59 -16.78 0.74
C THR A 232 -28.46 -15.55 0.77
N LEU A 233 -28.15 -14.60 -0.07
CA LEU A 233 -29.02 -13.45 -0.21
C LEU A 233 -29.94 -13.68 -1.39
N VAL A 234 -31.19 -13.30 -1.22
CA VAL A 234 -32.16 -13.42 -2.28
C VAL A 234 -32.49 -12.04 -2.82
N GLU A 235 -32.21 -11.81 -4.09
CA GLU A 235 -32.47 -10.51 -4.69
C GLU A 235 -33.97 -10.26 -4.72
N PRO A 236 -34.43 -9.01 -4.63
CA PRO A 236 -35.82 -8.65 -4.78
C PRO A 236 -36.35 -9.21 -6.08
N GLY A 237 -37.51 -9.85 -6.02
CA GLY A 237 -38.14 -10.42 -7.21
C GLY A 237 -37.74 -11.87 -7.45
N ASP A 238 -36.72 -12.37 -6.74
CA ASP A 238 -36.29 -13.74 -6.94
C ASP A 238 -37.01 -14.70 -6.01
N LYS A 239 -36.70 -15.98 -6.14
CA LYS A 239 -37.29 -17.00 -5.31
C LYS A 239 -36.23 -17.96 -4.77
N ILE A 240 -36.42 -18.42 -3.54
CA ILE A 240 -35.56 -19.44 -2.99
C ILE A 240 -36.34 -20.72 -2.78
N THR A 241 -35.80 -21.83 -3.26
CA THR A 241 -36.48 -23.10 -3.18
C THR A 241 -35.75 -24.12 -2.33
N PHE A 242 -36.48 -24.71 -1.39
CA PHE A 242 -35.96 -25.76 -0.52
C PHE A 242 -36.63 -27.09 -0.81
N GLU A 243 -35.86 -28.04 -1.32
CA GLU A 243 -36.35 -29.37 -1.65
C GLU A 243 -35.55 -30.41 -0.89
N ALA A 244 -36.20 -31.25 -0.09
CA ALA A 244 -35.41 -32.19 0.70
C ALA A 244 -36.14 -33.46 1.06
N THR A 245 -35.37 -34.51 1.29
CA THR A 245 -35.91 -35.77 1.76
C THR A 245 -35.41 -36.05 3.15
N GLY A 246 -34.75 -35.08 3.74
CA GLY A 246 -34.23 -35.22 5.09
C GLY A 246 -32.95 -34.43 5.28
N ASN A 247 -32.58 -34.27 6.54
CA ASN A 247 -31.36 -33.59 6.98
C ASN A 247 -31.34 -32.11 6.71
N LEU A 248 -32.49 -31.54 6.41
CA LEU A 248 -32.55 -30.10 6.23
C LEU A 248 -33.12 -29.40 7.43
N VAL A 249 -32.38 -28.43 7.93
CA VAL A 249 -32.84 -27.57 8.99
C VAL A 249 -33.35 -26.33 8.30
N VAL A 250 -34.65 -26.11 8.36
CA VAL A 250 -35.25 -25.08 7.53
C VAL A 250 -35.22 -23.75 8.22
N PRO A 251 -35.20 -22.64 7.48
CA PRO A 251 -35.30 -21.31 8.02
C PRO A 251 -36.66 -21.17 8.65
N ARG A 252 -36.74 -20.40 9.72
CA ARG A 252 -38.03 -20.04 10.28
C ARG A 252 -38.18 -18.56 10.08
N TYR A 253 -37.11 -17.87 10.45
CA TYR A 253 -37.02 -16.43 10.29
C TYR A 253 -35.95 -16.10 9.28
N ALA A 254 -36.14 -14.99 8.60
CA ALA A 254 -35.19 -14.50 7.63
C ALA A 254 -35.10 -13.01 7.80
N PHE A 255 -34.03 -12.41 7.29
CA PHE A 255 -33.87 -11.01 7.52
C PHE A 255 -33.95 -10.18 6.27
N THR A 256 -34.81 -9.17 6.29
CA THR A 256 -34.90 -8.26 5.18
C THR A 256 -33.94 -7.15 5.50
N MET A 257 -32.97 -6.93 4.65
CA MET A 257 -31.99 -5.94 4.99
C MET A 257 -31.35 -5.28 3.80
N GLU A 258 -30.85 -4.08 4.03
CA GLU A 258 -30.11 -3.37 3.02
C GLU A 258 -28.73 -3.08 3.53
N ARG A 259 -27.73 -3.55 2.79
CA ARG A 259 -26.34 -3.37 3.15
C ARG A 259 -25.92 -1.94 2.90
N ASN A 260 -25.26 -1.34 3.89
CA ASN A 260 -24.86 0.05 3.79
C ASN A 260 -23.38 0.23 3.56
N ALA A 261 -22.99 0.44 2.31
CA ALA A 261 -21.57 0.61 2.02
C ALA A 261 -20.76 -0.56 2.58
N GLY A 262 -20.24 -0.38 3.78
CA GLY A 262 -19.42 -1.37 4.43
C GLY A 262 -18.62 -0.75 5.56
N SER A 263 -18.47 -1.49 6.64
CA SER A 263 -17.73 -1.04 7.80
C SER A 263 -16.97 -2.20 8.36
N GLY A 264 -16.99 -2.36 9.67
CA GLY A 264 -16.24 -3.45 10.25
C GLY A 264 -16.74 -3.88 11.61
N ILE A 265 -15.97 -4.76 12.22
CA ILE A 265 -16.29 -5.32 13.50
C ILE A 265 -15.20 -5.00 14.50
N ILE A 266 -15.61 -4.49 15.63
CA ILE A 266 -14.68 -4.16 16.69
C ILE A 266 -14.81 -5.14 17.82
N ILE A 267 -13.67 -5.68 18.25
CA ILE A 267 -13.68 -6.57 19.39
C ILE A 267 -13.12 -5.81 20.56
N SER A 268 -13.96 -5.59 21.55
CA SER A 268 -13.58 -4.76 22.68
C SER A 268 -14.48 -4.95 23.88
N ASP A 269 -13.91 -4.80 25.06
CA ASP A 269 -14.70 -4.87 26.28
C ASP A 269 -15.12 -3.47 26.73
N THR A 270 -14.79 -2.48 25.90
CA THR A 270 -15.12 -1.08 26.14
C THR A 270 -16.62 -0.89 25.94
N PRO A 271 -17.34 -0.25 26.87
CA PRO A 271 -18.78 -0.04 26.83
C PRO A 271 -19.22 0.95 25.77
N VAL A 272 -20.47 0.77 25.33
CA VAL A 272 -21.13 1.69 24.41
C VAL A 272 -21.83 2.80 25.17
N HIS A 273 -21.59 4.03 24.76
CA HIS A 273 -22.18 5.20 25.40
C HIS A 273 -22.89 6.09 24.39
N ASP A 274 -23.85 6.88 24.86
CA ASP A 274 -24.56 7.77 23.94
C ASP A 274 -23.76 9.04 23.68
N CYS A 275 -22.86 8.94 22.69
CA CYS A 275 -21.91 9.96 22.26
C CYS A 275 -21.71 9.87 20.76
N ASN A 276 -21.18 10.90 20.15
CA ASN A 276 -20.94 10.91 18.71
C ASN A 276 -19.45 10.97 18.40
N THR A 277 -19.01 10.29 17.34
CA THR A 277 -17.66 10.41 16.82
C THR A 277 -17.61 10.23 15.32
N THR A 278 -16.49 10.60 14.72
CA THR A 278 -16.25 10.31 13.31
C THR A 278 -15.18 9.22 13.10
N CYS A 279 -14.55 8.74 14.18
CA CYS A 279 -13.47 7.75 14.19
C CYS A 279 -13.56 6.85 15.41
N GLN A 280 -13.90 5.61 15.21
CA GLN A 280 -14.06 4.68 16.30
C GLN A 280 -12.90 3.71 16.43
N THR A 281 -12.19 3.79 17.54
CA THR A 281 -11.06 2.92 17.81
C THR A 281 -11.51 1.92 18.86
N PRO A 282 -11.06 0.65 18.83
CA PRO A 282 -11.32 -0.39 19.82
C PRO A 282 -11.04 0.05 21.25
N GLU A 283 -10.14 1.00 21.44
CA GLU A 283 -9.79 1.46 22.78
C GLU A 283 -10.65 2.63 23.23
N GLY A 284 -11.50 3.14 22.35
CA GLY A 284 -12.33 4.31 22.63
C GLY A 284 -12.29 5.29 21.46
N ALA A 285 -13.35 6.05 21.28
CA ALA A 285 -13.48 6.99 20.17
C ALA A 285 -12.44 8.10 20.20
N ILE A 286 -12.00 8.49 19.00
CA ILE A 286 -11.04 9.57 18.82
C ILE A 286 -11.74 10.83 18.34
N ASN A 287 -11.56 11.95 19.05
CA ASN A 287 -12.18 13.23 18.79
C ASN A 287 -11.12 14.30 18.46
N THR A 288 -10.73 14.38 17.19
CA THR A 288 -9.66 15.29 16.75
C THR A 288 -9.74 15.56 15.27
N SER A 289 -9.16 16.67 14.84
CA SER A 289 -9.03 16.98 13.43
C SER A 289 -7.59 16.79 12.97
N LEU A 290 -6.74 16.30 13.86
CA LEU A 290 -5.33 16.14 13.57
C LEU A 290 -5.12 15.00 12.58
N PRO A 291 -4.11 15.10 11.71
CA PRO A 291 -3.77 14.14 10.68
C PRO A 291 -3.26 12.79 11.16
N PHE A 292 -2.69 12.72 12.36
CA PHE A 292 -2.14 11.46 12.82
C PHE A 292 -2.61 11.05 14.20
N GLN A 293 -2.61 9.75 14.46
CA GLN A 293 -2.87 9.21 15.78
C GLN A 293 -1.95 8.05 16.06
N ASN A 294 -1.64 7.82 17.33
CA ASN A 294 -0.80 6.69 17.70
C ASN A 294 -1.47 5.85 18.75
N ILE A 295 -2.79 5.74 18.64
CA ILE A 295 -3.59 5.00 19.59
C ILE A 295 -3.74 3.56 19.17
N HIS A 296 -4.14 3.33 17.92
CA HIS A 296 -4.35 1.96 17.48
C HIS A 296 -4.37 1.89 15.95
N PRO A 297 -3.80 0.83 15.35
CA PRO A 297 -3.81 0.59 13.92
C PRO A 297 -5.16 0.26 13.30
N ILE A 298 -6.12 -0.22 14.10
CA ILE A 298 -7.40 -0.61 13.51
C ILE A 298 -8.54 0.28 13.94
N THR A 299 -9.01 1.12 13.03
CA THR A 299 -10.08 2.05 13.38
C THR A 299 -11.15 2.09 12.30
N ILE A 300 -12.37 2.47 12.68
CA ILE A 300 -13.46 2.63 11.73
C ILE A 300 -13.93 4.06 11.61
N GLY A 301 -13.84 4.63 10.41
CA GLY A 301 -14.32 5.99 10.22
C GLY A 301 -13.33 6.85 9.46
N LYS A 302 -13.58 8.17 9.46
CA LYS A 302 -12.68 9.09 8.79
C LYS A 302 -11.55 9.41 9.74
N CYS A 303 -10.72 8.40 9.98
CA CYS A 303 -9.69 8.42 11.01
C CYS A 303 -8.37 9.02 10.55
N PRO A 304 -7.61 9.63 11.48
CA PRO A 304 -6.25 10.06 11.34
C PRO A 304 -5.41 8.84 11.02
N LYS A 305 -4.31 9.06 10.33
CA LYS A 305 -3.48 7.93 9.94
C LYS A 305 -2.71 7.44 11.14
N TYR A 306 -2.60 6.13 11.27
CA TYR A 306 -1.87 5.58 12.39
C TYR A 306 -0.39 5.64 12.15
N VAL A 307 0.33 6.16 13.13
CA VAL A 307 1.77 6.20 13.10
C VAL A 307 2.28 5.60 14.39
N LYS A 308 3.50 5.12 14.38
CA LYS A 308 4.07 4.52 15.58
C LYS A 308 5.00 5.46 16.30
N SER A 309 4.99 6.71 15.86
CA SER A 309 5.76 7.75 16.50
C SER A 309 5.11 8.08 17.82
N THR A 310 5.82 8.77 18.69
CA THR A 310 5.24 9.14 19.96
C THR A 310 5.05 10.63 20.09
N LYS A 311 5.71 11.40 19.23
CA LYS A 311 5.69 12.84 19.38
C LYS A 311 5.86 13.58 18.06
N LEU A 312 4.80 14.26 17.63
CA LEU A 312 4.85 15.05 16.40
C LEU A 312 4.47 16.48 16.74
N ARG A 313 5.42 17.20 17.32
CA ARG A 313 5.19 18.57 17.73
C ARG A 313 5.68 19.50 16.66
N LEU A 314 4.78 20.30 16.12
CA LEU A 314 5.08 21.21 15.05
C LEU A 314 5.25 22.62 15.61
N ALA A 315 6.43 23.17 15.48
CA ALA A 315 6.73 24.48 16.04
C ALA A 315 5.95 25.54 15.34
N THR A 316 5.48 26.52 16.08
CA THR A 316 4.86 27.66 15.45
C THR A 316 5.61 28.90 15.85
N GLY A 317 6.16 28.86 17.05
CA GLY A 317 6.84 30.00 17.62
C GLY A 317 8.33 29.93 17.39
N LEU A 318 9.03 30.84 18.01
CA LEU A 318 10.47 30.96 17.91
C LEU A 318 11.17 30.33 19.10
N ARG A 319 12.49 30.20 19.05
CA ARG A 319 13.20 29.53 20.13
C ARG A 319 13.01 30.29 21.42
N ASN A 320 12.72 29.56 22.49
CA ASN A 320 12.55 30.20 23.79
C ASN A 320 13.88 30.20 24.50
N VAL A 321 14.60 31.30 24.41
CA VAL A 321 15.94 31.38 24.97
C VAL A 321 16.11 32.61 25.88
N PRO A 322 15.77 32.54 27.20
CA PRO A 322 15.88 33.63 28.18
C PRO A 322 17.29 34.26 28.18
N ILE A 337 21.80 39.45 18.60
CA ILE A 337 20.83 39.40 19.69
C ILE A 337 21.22 38.24 20.61
N GLU A 338 21.50 38.57 21.89
CA GLU A 338 21.93 37.63 22.92
C GLU A 338 20.87 36.63 23.36
N GLY A 339 19.61 37.06 23.36
CA GLY A 339 18.52 36.20 23.81
C GLY A 339 17.17 36.90 23.72
N GLY A 340 16.11 36.22 24.13
CA GLY A 340 14.77 36.77 24.05
C GLY A 340 14.41 37.64 25.25
N TRP A 341 13.30 38.34 25.12
CA TRP A 341 12.79 39.22 26.14
C TRP A 341 11.52 38.68 26.75
N THR A 342 11.58 38.27 28.00
CA THR A 342 10.41 37.68 28.61
C THR A 342 9.35 38.73 28.92
N GLY A 343 9.75 39.99 28.92
CA GLY A 343 8.82 41.07 29.19
C GLY A 343 8.02 41.53 27.96
N MET A 344 8.38 41.05 26.77
CA MET A 344 7.67 41.52 25.58
C MET A 344 6.46 40.62 25.30
N VAL A 345 5.50 40.72 26.18
CA VAL A 345 4.36 39.81 26.19
C VAL A 345 3.33 40.08 25.08
N ASP A 346 3.41 41.23 24.43
CA ASP A 346 2.42 41.58 23.42
C ASP A 346 2.73 41.17 21.98
N GLY A 347 3.81 40.41 21.77
CA GLY A 347 4.06 39.92 20.41
C GLY A 347 5.39 39.22 20.23
N TRP A 348 5.51 38.49 19.12
CA TRP A 348 6.71 37.74 18.82
C TRP A 348 7.93 38.59 18.55
N TYR A 349 7.77 39.65 17.79
CA TYR A 349 8.92 40.47 17.47
C TYR A 349 8.64 41.86 17.94
N GLY A 350 9.66 42.60 18.30
CA GLY A 350 9.40 43.96 18.72
C GLY A 350 10.62 44.72 19.15
N TYR A 351 10.36 45.86 19.78
CA TYR A 351 11.41 46.78 20.14
C TYR A 351 11.45 47.08 21.62
N HIS A 352 12.64 47.43 22.07
CA HIS A 352 12.85 47.96 23.40
C HIS A 352 13.57 49.27 23.28
N HIS A 353 13.17 50.25 24.07
CA HIS A 353 13.86 51.52 23.96
C HIS A 353 14.15 52.10 25.32
N GLN A 354 15.16 52.95 25.36
CA GLN A 354 15.50 53.69 26.56
C GLN A 354 16.06 55.06 26.25
N ASN A 355 15.46 56.08 26.83
CA ASN A 355 15.93 57.45 26.70
C ASN A 355 15.74 58.16 28.04
N GLU A 356 15.76 59.49 28.02
CA GLU A 356 15.64 60.25 29.26
C GLU A 356 14.18 60.45 29.69
N GLN A 357 13.24 60.01 28.87
CA GLN A 357 11.82 60.17 29.16
C GLN A 357 11.26 58.91 29.78
N GLY A 358 11.76 57.77 29.33
CA GLY A 358 11.26 56.49 29.80
C GLY A 358 11.86 55.32 29.03
N SER A 359 11.37 54.12 29.33
CA SER A 359 11.85 52.92 28.68
C SER A 359 10.81 51.82 28.74
N GLY A 360 10.99 50.80 27.92
CA GLY A 360 10.08 49.65 27.96
C GLY A 360 10.01 48.90 26.65
N TYR A 361 9.07 47.97 26.56
CA TYR A 361 8.91 47.13 25.38
C TYR A 361 7.64 47.44 24.63
N ALA A 362 7.67 47.25 23.32
CA ALA A 362 6.48 47.30 22.50
C ALA A 362 6.63 46.38 21.30
N ALA A 363 5.61 45.58 21.02
CA ALA A 363 5.66 44.66 19.91
C ALA A 363 5.57 45.38 18.57
N ASP A 364 6.18 44.78 17.56
CA ASP A 364 6.03 45.24 16.20
C ASP A 364 4.85 44.53 15.62
N LEU A 365 3.70 45.19 15.63
CA LEU A 365 2.46 44.51 15.30
C LEU A 365 2.38 44.08 13.86
N LYS A 366 2.92 44.87 12.95
CA LYS A 366 2.83 44.51 11.55
C LYS A 366 3.60 43.24 11.26
N SER A 367 4.84 43.19 11.73
CA SER A 367 5.69 42.02 11.50
C SER A 367 5.17 40.81 12.25
N THR A 368 4.74 41.02 13.50
CA THR A 368 4.26 39.93 14.30
C THR A 368 3.02 39.32 13.71
N GLN A 369 2.05 40.15 13.30
CA GLN A 369 0.83 39.60 12.78
C GLN A 369 1.09 38.89 11.46
N ASN A 370 2.01 39.43 10.66
CA ASN A 370 2.35 38.81 9.41
C ASN A 370 2.86 37.40 9.64
N ALA A 371 3.81 37.27 10.57
CA ALA A 371 4.36 35.96 10.88
C ALA A 371 3.30 35.04 11.45
N ILE A 372 2.39 35.57 12.25
CA ILE A 372 1.35 34.72 12.81
C ILE A 372 0.45 34.19 11.72
N ASP A 373 0.01 35.06 10.81
CA ASP A 373 -0.88 34.61 9.77
C ASP A 373 -0.23 33.57 8.88
N LYS A 374 1.04 33.77 8.54
CA LYS A 374 1.71 32.83 7.66
C LYS A 374 1.98 31.50 8.34
N ILE A 375 2.38 31.52 9.60
CA ILE A 375 2.62 30.28 10.31
C ILE A 375 1.32 29.56 10.63
N THR A 376 0.28 30.30 11.00
CA THR A 376 -0.98 29.66 11.31
C THR A 376 -1.52 28.98 10.07
N ASN A 377 -1.43 29.66 8.93
CA ASN A 377 -1.88 29.07 7.67
C ASN A 377 -1.04 27.83 7.34
N LYS A 378 0.25 27.87 7.66
CA LYS A 378 1.14 26.74 7.44
C LYS A 378 0.70 25.51 8.23
N VAL A 379 0.36 25.72 9.49
CA VAL A 379 -0.09 24.62 10.32
C VAL A 379 -1.37 24.05 9.77
N ASN A 380 -2.27 24.93 9.36
CA ASN A 380 -3.52 24.50 8.80
C ASN A 380 -3.30 23.76 7.50
N SER A 381 -2.26 24.11 6.74
CA SER A 381 -1.99 23.40 5.50
C SER A 381 -1.67 21.94 5.77
N VAL A 382 -0.82 21.70 6.76
CA VAL A 382 -0.42 20.34 7.08
C VAL A 382 -1.62 19.50 7.53
N ILE A 383 -2.49 20.10 8.35
CA ILE A 383 -3.65 19.39 8.85
C ILE A 383 -4.76 19.23 7.81
N GLU A 384 -5.11 20.31 7.13
CA GLU A 384 -6.21 20.33 6.17
C GLU A 384 -5.99 19.43 4.97
N LYS A 385 -4.75 19.28 4.53
CA LYS A 385 -4.50 18.49 3.34
C LYS A 385 -4.55 16.99 3.56
N MET A 386 -4.71 16.52 4.80
CA MET A 386 -4.76 15.08 4.96
C MET A 386 -6.01 14.52 4.30
N ASN A 387 -7.14 15.19 4.49
CA ASN A 387 -8.40 14.84 3.83
C ASN A 387 -8.67 13.33 3.78
N THR A 388 -8.92 12.74 4.94
CA THR A 388 -9.09 11.29 5.04
C THR A 388 -10.44 10.81 4.50
N GLN A 389 -10.54 9.49 4.27
CA GLN A 389 -11.76 8.84 3.77
C GLN A 389 -12.33 7.93 4.83
N PHE A 390 -13.60 7.57 4.70
CA PHE A 390 -14.23 6.66 5.65
C PHE A 390 -13.93 5.21 5.30
N THR A 391 -13.22 4.54 6.18
CA THR A 391 -12.83 3.15 5.94
C THR A 391 -12.83 2.32 7.20
N ALA A 392 -13.05 1.00 7.04
CA ALA A 392 -13.13 0.07 8.16
C ALA A 392 -11.79 -0.40 8.71
N VAL A 393 -10.79 -0.45 7.84
CA VAL A 393 -9.42 -0.87 8.16
C VAL A 393 -9.24 -2.34 8.56
N GLY A 394 -9.93 -2.79 9.61
CA GLY A 394 -9.75 -4.16 10.08
C GLY A 394 -10.41 -5.19 9.16
N LYS A 395 -9.76 -6.35 9.03
CA LYS A 395 -10.30 -7.45 8.23
C LYS A 395 -10.10 -8.79 8.93
N GLU A 396 -10.99 -9.73 8.65
CA GLU A 396 -10.95 -11.03 9.31
C GLU A 396 -10.81 -12.19 8.36
N PHE A 397 -9.88 -13.08 8.67
CA PHE A 397 -9.60 -14.25 7.87
C PHE A 397 -9.52 -15.50 8.76
N ASN A 398 -9.80 -16.67 8.19
CA ASN A 398 -9.76 -17.91 8.97
C ASN A 398 -8.40 -18.60 8.89
N HIS A 399 -8.29 -19.78 9.50
CA HIS A 399 -7.02 -20.48 9.63
C HIS A 399 -6.48 -21.06 8.33
N LEU A 400 -7.31 -21.10 7.30
CA LEU A 400 -6.91 -21.60 5.99
C LEU A 400 -6.73 -20.45 5.03
N GLU A 401 -6.68 -19.25 5.57
CA GLU A 401 -6.52 -18.05 4.78
C GLU A 401 -5.33 -17.23 5.24
N LYS A 402 -4.30 -17.89 5.74
CA LYS A 402 -3.13 -17.18 6.24
C LYS A 402 -2.45 -16.34 5.18
N ARG A 403 -2.41 -16.82 3.94
CA ARG A 403 -1.71 -16.03 2.93
C ARG A 403 -2.37 -14.67 2.70
N ILE A 404 -3.69 -14.64 2.64
CA ILE A 404 -4.37 -13.36 2.47
C ILE A 404 -4.33 -12.54 3.74
N GLU A 405 -4.37 -13.18 4.90
CA GLU A 405 -4.28 -12.45 6.14
C GLU A 405 -2.95 -11.72 6.22
N ASN A 406 -1.88 -12.41 5.82
CA ASN A 406 -0.56 -11.82 5.82
C ASN A 406 -0.41 -10.78 4.71
N LEU A 407 -1.16 -10.91 3.62
CA LEU A 407 -1.15 -9.86 2.61
C LEU A 407 -1.77 -8.61 3.19
N ASN A 408 -2.87 -8.77 3.92
CA ASN A 408 -3.48 -7.64 4.57
C ASN A 408 -2.50 -7.01 5.55
N LYS A 409 -1.74 -7.85 6.25
CA LYS A 409 -0.76 -7.33 7.18
C LYS A 409 0.31 -6.53 6.44
N LYS A 410 0.79 -7.04 5.30
CA LYS A 410 1.79 -6.28 4.55
C LYS A 410 1.29 -4.89 4.22
N VAL A 411 0.02 -4.79 3.86
CA VAL A 411 -0.54 -3.51 3.50
C VAL A 411 -0.55 -2.59 4.70
N ASP A 412 -0.98 -3.09 5.85
CA ASP A 412 -1.02 -2.25 7.04
C ASP A 412 0.37 -1.85 7.52
N ASP A 413 1.33 -2.77 7.44
CA ASP A 413 2.67 -2.47 7.91
C ASP A 413 3.36 -1.53 6.95
N GLY A 414 3.12 -1.72 5.67
CA GLY A 414 3.71 -0.86 4.66
C GLY A 414 3.21 0.56 4.83
N PHE A 415 1.89 0.72 4.99
CA PHE A 415 1.33 2.04 5.16
C PHE A 415 1.82 2.64 6.46
N LEU A 416 1.94 1.83 7.51
CA LEU A 416 2.45 2.36 8.76
C LEU A 416 3.85 2.89 8.61
N ASP A 417 4.73 2.14 7.96
CA ASP A 417 6.10 2.61 7.82
C ASP A 417 6.17 3.86 6.96
N ILE A 418 5.35 3.93 5.92
CA ILE A 418 5.35 5.11 5.07
C ILE A 418 4.86 6.32 5.82
N TRP A 419 3.74 6.19 6.53
CA TRP A 419 3.19 7.33 7.25
C TRP A 419 4.06 7.72 8.42
N THR A 420 4.64 6.75 9.12
CA THR A 420 5.48 7.10 10.26
C THR A 420 6.72 7.81 9.79
N TYR A 421 7.35 7.29 8.76
CA TYR A 421 8.58 7.89 8.26
C TYR A 421 8.32 9.28 7.74
N ASN A 422 7.29 9.44 6.93
CA ASN A 422 7.01 10.75 6.39
C ASN A 422 6.50 11.71 7.44
N ALA A 423 5.69 11.25 8.38
CA ALA A 423 5.19 12.12 9.41
C ALA A 423 6.31 12.59 10.33
N GLU A 424 7.21 11.68 10.71
CA GLU A 424 8.28 12.10 11.59
C GLU A 424 9.23 13.04 10.87
N LEU A 425 9.55 12.75 9.60
CA LEU A 425 10.41 13.67 8.89
C LEU A 425 9.73 14.97 8.61
N LEU A 426 8.45 14.96 8.31
CA LEU A 426 7.78 16.21 7.98
C LEU A 426 7.88 17.17 9.12
N VAL A 427 7.68 16.69 10.33
CA VAL A 427 7.80 17.58 11.47
C VAL A 427 9.23 18.09 11.57
N LEU A 428 10.20 17.22 11.36
CA LEU A 428 11.60 17.61 11.42
C LEU A 428 11.99 18.56 10.27
N LEU A 429 11.36 18.42 9.11
CA LEU A 429 11.68 19.30 8.01
C LEU A 429 11.11 20.67 8.28
N GLU A 430 9.92 20.69 8.87
CA GLU A 430 9.21 21.93 9.14
C GLU A 430 9.77 22.70 10.30
N ASN A 431 10.10 22.01 11.39
CA ASN A 431 10.50 22.71 12.57
C ASN A 431 11.82 23.41 12.41
N GLU A 432 12.72 22.85 11.60
CA GLU A 432 14.00 23.52 11.47
C GLU A 432 13.79 24.86 10.85
N ARG A 433 13.07 24.90 9.74
CA ARG A 433 12.97 26.18 9.06
C ARG A 433 12.13 27.15 9.86
N THR A 434 11.06 26.67 10.48
CA THR A 434 10.16 27.57 11.20
C THR A 434 10.98 28.48 12.09
N LEU A 435 11.96 27.92 12.76
CA LEU A 435 12.80 28.71 13.62
C LEU A 435 13.70 29.64 12.79
N ASP A 436 14.22 29.18 11.65
CA ASP A 436 15.03 30.05 10.78
C ASP A 436 14.20 31.22 10.20
N TYR A 437 12.94 30.95 9.91
CA TYR A 437 11.99 31.93 9.41
C TYR A 437 11.83 33.04 10.41
N HIS A 438 11.64 32.68 11.66
CA HIS A 438 11.49 33.69 12.69
C HIS A 438 12.78 34.48 12.83
N ASP A 439 13.92 33.79 12.73
CA ASP A 439 15.18 34.50 12.86
C ASP A 439 15.36 35.48 11.72
N SER A 440 14.90 35.10 10.53
CA SER A 440 14.96 35.97 9.36
C SER A 440 14.12 37.21 9.56
N ASN A 441 12.90 37.04 10.09
CA ASN A 441 12.05 38.19 10.33
C ASN A 441 12.64 39.14 11.36
N VAL A 442 13.27 38.60 12.38
CA VAL A 442 13.89 39.44 13.38
C VAL A 442 15.06 40.20 12.77
N LYS A 443 15.88 39.50 11.99
CA LYS A 443 16.99 40.13 11.32
C LYS A 443 16.50 41.22 10.37
N ASN A 444 15.39 40.97 9.69
CA ASN A 444 14.87 41.94 8.75
C ASN A 444 14.44 43.20 9.48
N LEU A 445 13.91 43.08 10.70
CA LEU A 445 13.54 44.28 11.43
C LEU A 445 14.78 45.07 11.77
N TYR A 446 15.85 44.37 12.13
CA TYR A 446 17.08 45.03 12.45
C TYR A 446 17.55 45.86 11.26
N GLU A 447 17.54 45.26 10.08
CA GLU A 447 17.96 45.96 8.88
C GLU A 447 17.03 47.13 8.54
N LYS A 448 15.72 46.96 8.70
CA LYS A 448 14.79 48.03 8.40
C LYS A 448 15.09 49.27 9.24
N VAL A 449 15.51 49.06 10.48
CA VAL A 449 15.91 50.15 11.32
C VAL A 449 17.24 50.72 10.87
N ARG A 450 18.19 49.83 10.58
CA ARG A 450 19.53 50.24 10.17
C ARG A 450 19.47 51.14 8.95
N ASN A 451 18.59 50.81 8.02
CA ASN A 451 18.42 51.53 6.78
C ASN A 451 17.89 52.94 6.97
N GLN A 452 17.25 53.20 8.11
CA GLN A 452 16.72 54.52 8.38
C GLN A 452 17.71 55.34 9.16
N LEU A 453 18.33 54.72 10.15
CA LEU A 453 19.20 55.44 11.03
C LEU A 453 20.49 55.82 10.33
N LYS A 454 20.97 54.94 9.46
CA LYS A 454 22.17 55.23 8.70
C LYS A 454 23.32 55.69 9.60
N ASN A 455 23.67 56.97 9.51
CA ASN A 455 24.80 57.52 10.26
C ASN A 455 24.40 58.21 11.55
N ASN A 456 23.12 58.14 11.89
CA ASN A 456 22.63 58.81 13.08
C ASN A 456 22.64 57.91 14.30
N ALA A 457 23.13 56.69 14.12
CA ALA A 457 23.25 55.74 15.22
C ALA A 457 24.35 54.73 14.91
N LYS A 458 24.92 54.17 15.95
CA LYS A 458 25.92 53.12 15.78
C LYS A 458 25.40 51.77 16.23
N GLU A 459 25.96 50.73 15.66
CA GLU A 459 25.61 49.37 16.05
C GLU A 459 26.47 48.98 17.24
N ILE A 460 25.84 48.50 18.31
CA ILE A 460 26.58 48.19 19.53
C ILE A 460 26.49 46.73 19.92
N GLY A 461 26.04 45.89 19.01
CA GLY A 461 25.87 44.47 19.29
C GLY A 461 24.51 44.22 19.91
N ASN A 462 24.21 42.95 20.20
CA ASN A 462 22.92 42.56 20.78
C ASN A 462 21.72 43.02 19.97
N GLY A 463 21.90 43.27 18.69
CA GLY A 463 20.79 43.72 17.85
C GLY A 463 20.31 45.15 18.22
N CYS A 464 21.17 45.95 18.86
CA CYS A 464 20.83 47.29 19.35
C CYS A 464 21.57 48.39 18.62
N PHE A 465 20.90 49.53 18.54
CA PHE A 465 21.48 50.75 18.00
C PHE A 465 21.59 51.79 19.10
N GLU A 466 22.64 52.59 19.04
CA GLU A 466 22.80 53.70 19.95
C GLU A 466 22.85 55.00 19.17
N PHE A 467 21.98 55.92 19.52
CA PHE A 467 21.81 57.14 18.76
C PHE A 467 22.94 58.14 19.01
N TYR A 468 23.22 58.96 18.00
CA TYR A 468 24.18 60.04 18.14
C TYR A 468 23.47 61.35 18.40
N HIS A 469 22.18 61.26 18.70
CA HIS A 469 21.35 62.42 18.98
C HIS A 469 20.29 62.06 20.00
N LYS A 470 19.65 63.07 20.59
CA LYS A 470 18.57 62.79 21.51
C LYS A 470 17.32 62.38 20.73
N CYS A 471 16.78 61.19 21.03
CA CYS A 471 15.64 60.59 20.34
C CYS A 471 14.47 60.42 21.29
N ASP A 472 13.52 61.32 21.24
CA ASP A 472 12.40 61.36 22.17
C ASP A 472 11.33 60.36 21.80
N ASN A 473 10.26 60.28 22.56
CA ASN A 473 9.24 59.28 22.29
C ASN A 473 8.67 59.41 20.89
N THR A 474 8.56 60.63 20.38
CA THR A 474 8.02 60.83 19.03
C THR A 474 9.02 60.43 17.91
N CYS A 475 10.30 60.23 18.28
CA CYS A 475 11.39 59.80 17.42
C CYS A 475 11.42 58.28 17.44
N MET A 476 11.34 57.69 18.62
CA MET A 476 11.38 56.24 18.71
C MET A 476 10.21 55.67 17.92
N GLU A 477 9.06 56.34 17.97
CA GLU A 477 7.90 55.90 17.22
C GLU A 477 8.11 56.08 15.73
N SER A 478 8.88 57.10 15.35
CA SER A 478 9.13 57.35 13.94
C SER A 478 10.02 56.27 13.38
N VAL A 479 10.96 55.78 14.18
CA VAL A 479 11.84 54.75 13.70
C VAL A 479 11.07 53.45 13.57
N LYS A 480 10.31 53.09 14.59
CA LYS A 480 9.52 51.85 14.57
C LYS A 480 8.49 51.83 13.44
N ASN A 481 7.87 52.99 13.14
CA ASN A 481 6.84 53.11 12.12
C ASN A 481 7.39 53.26 10.68
N GLY A 482 8.74 53.31 10.53
CA GLY A 482 9.40 53.45 9.22
C GLY A 482 9.34 54.87 8.64
N THR A 483 9.20 55.88 9.50
CA THR A 483 9.06 57.25 9.04
C THR A 483 10.17 58.16 9.59
N TYR A 484 11.28 57.57 10.01
CA TYR A 484 12.37 58.35 10.58
C TYR A 484 12.97 59.31 9.57
N ASP A 485 13.15 60.56 10.01
CA ASP A 485 13.73 61.60 9.18
C ASP A 485 15.23 61.70 9.40
N TYR A 486 16.00 61.04 8.55
CA TYR A 486 17.45 61.03 8.74
C TYR A 486 18.08 62.42 8.72
N PRO A 487 17.88 63.26 7.68
CA PRO A 487 18.46 64.58 7.55
C PRO A 487 18.22 65.44 8.78
N LYS A 488 17.04 65.32 9.38
CA LYS A 488 16.68 66.10 10.55
C LYS A 488 17.67 66.03 11.69
N TYR A 489 18.28 64.87 11.90
CA TYR A 489 19.18 64.69 13.03
C TYR A 489 20.62 64.57 12.60
N SER A 490 20.87 64.81 11.32
CA SER A 490 22.20 64.59 10.78
C SER A 490 23.24 65.51 11.41
N GLU A 491 22.90 66.78 11.59
CA GLU A 491 23.90 67.72 12.10
C GLU A 491 24.28 67.40 13.53
N GLU A 492 23.30 66.99 14.34
CA GLU A 492 23.61 66.66 15.72
C GLU A 492 24.53 65.45 15.76
N ALA A 493 24.25 64.48 14.90
CA ALA A 493 25.07 63.28 14.83
C ALA A 493 26.51 63.63 14.43
N LYS A 494 26.67 64.62 13.55
CA LYS A 494 28.01 65.02 13.15
C LYS A 494 28.76 65.62 14.34
N LEU A 495 28.07 66.45 15.12
CA LEU A 495 28.67 67.12 16.26
C LEU A 495 29.15 66.14 17.30
N ASN A 496 28.43 65.04 17.46
CA ASN A 496 28.78 64.06 18.47
C ASN A 496 29.74 62.95 18.01
N ARG A 497 30.35 63.11 16.81
CA ARG A 497 31.33 62.19 16.25
C ARG A 497 32.64 62.93 16.00
N ASP B 1 48.94 43.49 5.53
CA ASP B 1 48.46 42.36 6.30
C ASP B 1 47.02 42.03 5.92
N THR B 2 46.73 40.73 5.71
CA THR B 2 45.38 40.26 5.34
C THR B 2 44.88 39.11 6.20
N LEU B 3 43.57 38.96 6.21
CA LEU B 3 42.87 37.86 6.84
C LEU B 3 41.69 37.46 5.95
N CYS B 4 41.65 36.17 5.56
CA CYS B 4 40.62 35.66 4.63
C CYS B 4 39.77 34.59 5.27
N ILE B 5 38.50 34.59 4.89
CA ILE B 5 37.55 33.57 5.30
C ILE B 5 37.28 32.64 4.14
N GLY B 6 37.49 31.35 4.36
CA GLY B 6 37.31 30.40 3.29
C GLY B 6 36.75 29.08 3.78
N TYR B 7 36.88 28.07 2.93
CA TYR B 7 36.35 26.76 3.22
C TYR B 7 37.21 25.64 2.63
N HIS B 8 37.05 24.47 3.21
CA HIS B 8 37.77 23.25 2.90
C HIS B 8 37.63 22.75 1.49
N ALA B 9 38.69 22.15 0.98
CA ALA B 9 38.66 21.51 -0.32
C ALA B 9 39.59 20.30 -0.28
N ASN B 10 39.35 19.34 -1.16
CA ASN B 10 40.17 18.15 -1.23
C ASN B 10 40.16 17.59 -2.65
N ASN B 11 40.66 16.38 -2.82
CA ASN B 11 40.73 15.69 -4.13
C ASN B 11 39.55 14.72 -4.31
N SER B 12 38.45 14.85 -3.54
CA SER B 12 37.27 14.00 -3.66
C SER B 12 36.57 14.21 -4.98
N THR B 13 36.22 13.11 -5.64
CA THR B 13 35.62 13.16 -6.97
C THR B 13 34.20 12.61 -7.02
N ASP B 14 33.61 12.27 -5.88
CA ASP B 14 32.25 11.79 -5.94
C ASP B 14 31.29 12.96 -5.88
N THR B 15 30.06 12.71 -6.29
CA THR B 15 29.09 13.77 -6.39
C THR B 15 27.76 13.43 -5.77
N VAL B 16 26.95 14.45 -5.63
CA VAL B 16 25.59 14.29 -5.22
C VAL B 16 24.73 15.04 -6.21
N ASP B 17 23.47 14.69 -6.27
CA ASP B 17 22.59 15.48 -7.09
C ASP B 17 21.78 16.35 -6.18
N THR B 18 21.38 17.51 -6.65
CA THR B 18 20.47 18.35 -5.90
C THR B 18 19.27 18.58 -6.76
N VAL B 19 18.16 19.03 -6.19
CA VAL B 19 17.00 19.22 -7.02
C VAL B 19 17.25 20.32 -8.07
N LEU B 20 18.08 21.30 -7.75
CA LEU B 20 18.38 22.34 -8.73
C LEU B 20 19.50 21.97 -9.71
N GLU B 21 20.54 21.32 -9.23
CA GLU B 21 21.71 21.06 -10.06
C GLU B 21 22.28 19.65 -9.92
N LYS B 22 22.58 19.02 -11.05
CA LYS B 22 23.12 17.67 -11.05
C LYS B 22 24.66 17.66 -11.04
N ASN B 23 25.24 16.51 -10.61
CA ASN B 23 26.70 16.26 -10.59
C ASN B 23 27.46 17.27 -9.74
N VAL B 24 26.98 17.60 -8.54
CA VAL B 24 27.67 18.55 -7.67
C VAL B 24 28.75 17.83 -6.88
N THR B 25 30.00 18.21 -7.08
CA THR B 25 31.09 17.52 -6.40
C THR B 25 31.20 18.05 -4.99
N VAL B 26 31.31 17.16 -4.01
CA VAL B 26 31.37 17.59 -2.61
C VAL B 26 32.57 17.01 -1.91
N THR B 27 32.96 17.62 -0.79
CA THR B 27 34.13 17.14 -0.07
C THR B 27 33.82 15.90 0.75
N HIS B 28 32.57 15.77 1.21
CA HIS B 28 32.15 14.63 2.01
C HIS B 28 30.69 14.26 1.74
N SER B 29 30.41 12.96 1.71
CA SER B 29 29.03 12.49 1.57
C SER B 29 28.86 11.09 2.12
N VAL B 30 27.61 10.71 2.36
CA VAL B 30 27.30 9.36 2.84
C VAL B 30 26.32 8.67 1.91
N ASN B 31 26.32 7.35 1.96
CA ASN B 31 25.43 6.56 1.13
C ASN B 31 24.23 6.03 1.88
N LEU B 32 23.03 6.38 1.44
CA LEU B 32 21.81 5.90 2.09
C LEU B 32 21.29 4.61 1.47
N LEU B 33 21.89 4.22 0.35
CA LEU B 33 21.41 3.07 -0.41
C LEU B 33 22.39 1.93 -0.43
N GLU B 34 21.97 0.79 0.10
CA GLU B 34 22.84 -0.36 0.12
C GLU B 34 22.67 -1.17 -1.16
N ASP B 35 23.76 -1.32 -1.91
CA ASP B 35 23.74 -2.01 -3.19
C ASP B 35 24.63 -3.26 -3.19
N LYS B 36 24.98 -3.74 -2.00
CA LYS B 36 25.82 -4.91 -1.90
C LYS B 36 25.29 -5.89 -0.88
N HIS B 37 25.72 -7.13 -1.01
CA HIS B 37 25.38 -8.20 -0.10
C HIS B 37 26.59 -9.10 0.06
N ASN B 38 26.58 -9.98 1.06
CA ASN B 38 27.78 -10.79 1.29
C ASN B 38 27.78 -12.08 0.47
N GLY B 39 26.76 -12.27 -0.33
CA GLY B 39 26.67 -13.42 -1.24
C GLY B 39 26.36 -14.74 -0.53
N LYS B 40 25.94 -14.70 0.72
CA LYS B 40 25.67 -15.92 1.46
C LYS B 40 24.32 -15.88 2.13
N LEU B 41 23.69 -17.04 2.33
CA LEU B 41 22.45 -17.07 3.10
C LEU B 41 22.83 -17.27 4.57
N CYS B 42 22.31 -16.41 5.45
CA CYS B 42 22.68 -16.36 6.86
C CYS B 42 21.48 -16.67 7.78
N LYS B 43 21.79 -16.82 9.06
CA LYS B 43 20.81 -17.10 10.10
C LYS B 43 19.99 -15.85 10.42
N LEU B 44 18.72 -16.02 10.75
CA LEU B 44 17.89 -14.91 11.20
C LEU B 44 17.48 -15.13 12.63
N ARG B 45 17.62 -14.09 13.45
CA ARG B 45 17.31 -14.22 14.87
C ARG B 45 18.13 -15.33 15.52
N GLY B 46 19.33 -15.57 14.98
CA GLY B 46 20.25 -16.56 15.51
C GLY B 46 19.88 -17.99 15.12
N VAL B 47 18.88 -18.15 14.27
CA VAL B 47 18.40 -19.46 13.89
C VAL B 47 18.60 -19.80 12.42
N ALA B 48 19.14 -20.99 12.18
CA ALA B 48 19.43 -21.47 10.84
C ALA B 48 18.16 -21.63 10.02
N PRO B 49 18.26 -21.52 8.69
CA PRO B 49 17.23 -21.88 7.75
C PRO B 49 17.12 -23.37 7.60
N LEU B 50 15.99 -23.83 7.12
CA LEU B 50 15.86 -25.21 6.73
C LEU B 50 16.20 -25.28 5.26
N HIS B 51 17.26 -26.01 4.92
CA HIS B 51 17.68 -26.03 3.53
C HIS B 51 17.29 -27.33 2.87
N LEU B 52 16.43 -27.23 1.86
CA LEU B 52 15.97 -28.40 1.14
C LEU B 52 16.73 -28.47 -0.18
N GLY B 53 17.88 -29.13 -0.17
CA GLY B 53 18.78 -29.10 -1.33
C GLY B 53 18.22 -29.70 -2.61
N LYS B 54 17.47 -30.79 -2.50
CA LYS B 54 16.92 -31.45 -3.68
C LYS B 54 15.38 -31.50 -3.71
N CYS B 55 14.76 -31.56 -2.52
CA CYS B 55 13.35 -31.69 -2.27
C CYS B 55 12.67 -30.34 -2.16
N ASN B 56 11.40 -30.27 -2.44
CA ASN B 56 10.64 -29.08 -2.11
C ASN B 56 9.87 -29.38 -0.84
N ILE B 57 9.07 -28.44 -0.36
CA ILE B 57 8.36 -28.69 0.89
C ILE B 57 7.43 -29.89 0.83
N ALA B 58 6.64 -30.06 -0.22
CA ALA B 58 5.75 -31.22 -0.23
C ALA B 58 6.55 -32.49 -0.12
N GLY B 59 7.68 -32.55 -0.81
CA GLY B 59 8.51 -33.73 -0.77
C GLY B 59 8.99 -34.00 0.63
N TRP B 60 9.54 -32.97 1.25
CA TRP B 60 10.08 -33.09 2.58
C TRP B 60 9.06 -33.48 3.64
N ILE B 61 7.90 -32.84 3.62
CA ILE B 61 6.89 -33.10 4.65
C ILE B 61 6.25 -34.48 4.46
N LEU B 62 6.08 -34.92 3.22
CA LEU B 62 5.51 -36.23 2.95
C LEU B 62 6.53 -37.34 3.11
N GLY B 63 7.80 -37.04 2.89
CA GLY B 63 8.82 -38.06 3.00
C GLY B 63 9.15 -38.69 1.65
N ASN B 64 9.26 -37.88 0.62
CA ASN B 64 9.67 -38.37 -0.69
C ASN B 64 10.93 -39.20 -0.45
N PRO B 65 11.09 -40.38 -1.08
CA PRO B 65 12.24 -41.26 -0.97
C PRO B 65 13.58 -40.56 -1.14
N GLU B 66 13.61 -39.45 -1.86
CA GLU B 66 14.87 -38.73 -2.07
C GLU B 66 15.24 -37.73 -0.95
N CYS B 67 14.36 -37.55 0.05
CA CYS B 67 14.53 -36.61 1.15
C CYS B 67 15.10 -37.35 2.35
N GLU B 68 15.26 -38.66 2.23
CA GLU B 68 15.72 -39.47 3.35
C GLU B 68 17.11 -39.05 3.82
N SER B 69 17.91 -38.55 2.89
CA SER B 69 19.27 -38.10 3.16
C SER B 69 19.30 -36.81 3.97
N LEU B 70 18.21 -36.07 3.94
CA LEU B 70 18.13 -34.76 4.57
C LEU B 70 17.98 -34.86 6.08
N SER B 71 18.80 -34.09 6.79
CA SER B 71 18.71 -34.02 8.24
C SER B 71 17.78 -32.90 8.63
N THR B 72 16.70 -33.24 9.32
CA THR B 72 15.69 -32.27 9.70
C THR B 72 16.12 -31.51 10.93
N ALA B 73 15.92 -30.20 10.90
CA ALA B 73 16.24 -29.35 12.03
C ALA B 73 15.09 -29.35 13.03
N SER B 74 15.40 -29.14 14.30
CA SER B 74 14.36 -29.04 15.32
C SER B 74 13.62 -27.72 15.23
N SER B 75 14.22 -26.75 14.55
CA SER B 75 13.62 -25.45 14.36
C SER B 75 14.25 -24.76 13.16
N TRP B 76 13.59 -23.73 12.66
CA TRP B 76 14.16 -22.91 11.61
C TRP B 76 13.48 -21.56 11.53
N SER B 77 14.21 -20.58 11.01
CA SER B 77 13.65 -19.25 10.86
C SER B 77 13.02 -18.99 9.49
N TYR B 78 13.46 -19.73 8.49
CA TYR B 78 12.92 -19.60 7.15
C TYR B 78 13.26 -20.84 6.35
N ILE B 79 12.63 -21.01 5.20
CA ILE B 79 12.91 -22.18 4.36
C ILE B 79 13.57 -21.80 3.06
N VAL B 80 14.60 -22.56 2.70
CA VAL B 80 15.30 -22.34 1.45
C VAL B 80 15.13 -23.50 0.50
N GLU B 81 14.62 -23.20 -0.69
CA GLU B 81 14.46 -24.18 -1.74
C GLU B 81 15.40 -23.80 -2.87
N THR B 82 15.88 -24.78 -3.61
CA THR B 82 16.77 -24.45 -4.73
C THR B 82 15.96 -24.33 -6.01
N SER B 83 16.60 -23.83 -7.07
CA SER B 83 15.91 -23.60 -8.34
C SER B 83 15.53 -24.89 -9.04
N ASN B 84 16.14 -25.99 -8.60
CA ASN B 84 15.90 -27.30 -9.17
C ASN B 84 15.38 -28.27 -8.15
N SER B 85 14.66 -27.77 -7.14
CA SER B 85 14.10 -28.64 -6.12
C SER B 85 12.83 -29.31 -6.64
N ASP B 86 13.03 -30.29 -7.51
CA ASP B 86 11.93 -30.98 -8.19
C ASP B 86 11.26 -32.11 -7.40
N ASN B 87 11.89 -32.69 -6.37
CA ASN B 87 11.38 -33.85 -5.65
C ASN B 87 10.27 -33.44 -4.69
N GLY B 88 9.05 -33.35 -5.15
CA GLY B 88 7.86 -32.98 -4.40
C GLY B 88 7.01 -34.21 -4.24
N THR B 89 5.78 -34.15 -4.71
CA THR B 89 4.98 -35.34 -4.66
C THR B 89 5.49 -36.27 -5.76
N CYS B 90 5.69 -37.56 -5.47
CA CYS B 90 6.17 -38.56 -6.38
C CYS B 90 5.03 -39.42 -6.98
N PHE B 91 3.88 -39.33 -6.27
CA PHE B 91 2.69 -40.01 -6.75
C PHE B 91 1.75 -38.86 -7.14
N PRO B 92 1.54 -38.63 -8.44
CA PRO B 92 0.85 -37.49 -9.00
C PRO B 92 -0.52 -37.30 -8.40
N GLY B 93 -0.86 -36.05 -8.14
CA GLY B 93 -2.14 -35.69 -7.54
C GLY B 93 -2.08 -34.28 -7.01
N ASP B 94 -3.18 -33.83 -6.43
CA ASP B 94 -3.28 -32.48 -5.90
C ASP B 94 -2.96 -32.44 -4.43
N PHE B 95 -2.02 -31.60 -4.06
CA PHE B 95 -1.73 -31.38 -2.65
C PHE B 95 -2.63 -30.21 -2.26
N ILE B 96 -3.60 -30.48 -1.42
CA ILE B 96 -4.64 -29.51 -1.10
C ILE B 96 -4.19 -28.50 -0.07
N ASN B 97 -4.46 -27.23 -0.35
CA ASN B 97 -4.04 -26.14 0.51
C ASN B 97 -2.55 -26.21 0.71
N TYR B 98 -1.84 -26.51 -0.37
CA TYR B 98 -0.40 -26.65 -0.33
C TYR B 98 0.24 -25.33 -0.01
N GLU B 99 -0.22 -24.28 -0.65
CA GLU B 99 0.35 -22.98 -0.44
C GLU B 99 0.15 -22.51 0.99
N GLU B 100 -1.00 -22.82 1.57
CA GLU B 100 -1.25 -22.41 2.95
C GLU B 100 -0.32 -23.17 3.89
N LEU B 101 -0.05 -24.44 3.57
CA LEU B 101 0.86 -25.22 4.39
C LEU B 101 2.28 -24.70 4.27
N ARG B 102 2.69 -24.37 3.06
CA ARG B 102 4.02 -23.87 2.81
C ARG B 102 4.28 -22.64 3.65
N GLU B 103 3.29 -21.78 3.76
CA GLU B 103 3.46 -20.58 4.57
C GLU B 103 3.43 -20.88 6.05
N GLN B 104 2.56 -21.78 6.51
CA GLN B 104 2.51 -22.07 7.94
C GLN B 104 3.81 -22.70 8.45
N LEU B 105 4.47 -23.47 7.61
CA LEU B 105 5.74 -24.10 7.97
C LEU B 105 6.95 -23.20 7.76
N SER B 106 6.74 -21.98 7.27
CA SER B 106 7.84 -21.10 6.96
C SER B 106 8.69 -20.78 8.17
N SER B 107 8.11 -20.76 9.36
CA SER B 107 8.89 -20.47 10.54
C SER B 107 8.35 -21.23 11.72
N VAL B 108 9.19 -22.05 12.35
CA VAL B 108 8.72 -22.82 13.49
C VAL B 108 9.65 -22.68 14.67
N SER B 109 9.07 -22.63 15.86
CA SER B 109 9.83 -22.55 17.10
C SER B 109 10.38 -23.91 17.41
N SER B 110 9.57 -24.93 17.17
CA SER B 110 10.01 -26.31 17.40
C SER B 110 9.33 -27.24 16.41
N PHE B 111 10.01 -28.33 16.08
CA PHE B 111 9.48 -29.30 15.12
C PHE B 111 10.00 -30.71 15.38
N GLU B 112 9.10 -31.60 15.78
CA GLU B 112 9.47 -32.97 16.08
C GLU B 112 8.65 -33.97 15.31
N ARG B 113 9.30 -34.94 14.70
CA ARG B 113 8.55 -35.98 14.03
C ARG B 113 8.33 -37.13 15.00
N PHE B 114 7.12 -37.68 15.03
CA PHE B 114 6.86 -38.83 15.88
C PHE B 114 5.94 -39.81 15.18
N GLU B 115 6.00 -41.08 15.58
CA GLU B 115 5.20 -42.06 14.88
C GLU B 115 3.80 -42.14 15.48
N ILE B 116 2.90 -41.36 14.88
CA ILE B 116 1.52 -41.24 15.31
C ILE B 116 0.73 -42.54 15.24
N PHE B 117 0.98 -43.35 14.24
CA PHE B 117 0.29 -44.63 14.09
C PHE B 117 1.29 -45.75 13.78
N PRO B 118 1.90 -46.36 14.79
CA PRO B 118 2.98 -47.32 14.65
C PRO B 118 2.63 -48.40 13.65
N LYS B 119 3.54 -48.59 12.69
CA LYS B 119 3.33 -49.50 11.58
C LYS B 119 3.01 -50.93 12.01
N THR B 120 3.61 -51.38 13.10
CA THR B 120 3.46 -52.75 13.52
C THR B 120 2.28 -53.02 14.45
N SER B 121 1.58 -51.98 14.93
CA SER B 121 0.48 -52.24 15.87
C SER B 121 -0.84 -51.56 15.52
N SER B 122 -0.81 -50.54 14.68
CA SER B 122 -2.02 -49.77 14.40
C SER B 122 -2.88 -50.38 13.31
N TRP B 123 -2.28 -51.18 12.44
CA TRP B 123 -3.03 -51.66 11.30
C TRP B 123 -2.98 -53.19 11.16
N PRO B 124 -3.42 -53.96 12.15
CA PRO B 124 -3.33 -55.41 12.24
C PRO B 124 -4.20 -56.12 11.23
N ASN B 125 -5.18 -55.41 10.68
CA ASN B 125 -6.11 -56.03 9.77
C ASN B 125 -5.89 -55.59 8.33
N HIS B 126 -4.80 -54.90 8.07
CA HIS B 126 -4.55 -54.40 6.73
C HIS B 126 -3.11 -54.65 6.33
N ASP B 127 -2.85 -54.77 5.04
CA ASP B 127 -1.50 -55.06 4.61
C ASP B 127 -0.73 -53.77 4.34
N SER B 128 0.25 -53.51 5.21
CA SER B 128 1.03 -52.27 5.16
C SER B 128 2.32 -52.43 4.38
N ASN B 129 2.56 -53.63 3.85
CA ASN B 129 3.80 -53.92 3.15
C ASN B 129 3.67 -53.94 1.62
N LYS B 130 2.48 -53.66 1.10
CA LYS B 130 2.26 -53.67 -0.35
C LYS B 130 2.08 -52.27 -0.89
N GLY B 131 2.20 -51.30 -0.01
CA GLY B 131 1.97 -49.91 -0.36
C GLY B 131 3.16 -49.29 -1.08
N VAL B 132 3.47 -49.80 -2.26
CA VAL B 132 4.61 -49.32 -3.03
C VAL B 132 4.23 -48.99 -4.47
N THR B 133 5.05 -48.20 -5.12
CA THR B 133 4.84 -47.86 -6.51
C THR B 133 6.11 -47.53 -7.27
N ALA B 134 6.06 -47.72 -8.59
CA ALA B 134 7.17 -47.42 -9.48
C ALA B 134 7.32 -45.91 -9.63
N ALA B 135 6.28 -45.18 -9.24
CA ALA B 135 6.31 -43.72 -9.30
C ALA B 135 7.17 -43.09 -8.19
N CYS B 136 7.52 -43.85 -7.13
CA CYS B 136 8.27 -43.36 -5.97
C CYS B 136 9.43 -44.31 -5.65
N PRO B 137 10.34 -44.55 -6.60
CA PRO B 137 11.39 -45.53 -6.49
C PRO B 137 12.45 -45.12 -5.49
N HIS B 138 13.08 -46.11 -4.89
CA HIS B 138 14.21 -45.91 -3.99
C HIS B 138 15.33 -46.85 -4.36
N ALA B 139 16.42 -46.32 -4.87
CA ALA B 139 17.54 -47.13 -5.31
C ALA B 139 17.06 -48.17 -6.33
N GLY B 140 16.10 -47.79 -7.16
CA GLY B 140 15.57 -48.66 -8.21
C GLY B 140 14.42 -49.56 -7.74
N ALA B 141 14.17 -49.63 -6.44
CA ALA B 141 13.11 -50.49 -5.91
C ALA B 141 11.79 -49.74 -5.84
N LYS B 142 10.68 -50.45 -5.96
CA LYS B 142 9.40 -49.79 -5.76
C LYS B 142 9.31 -49.37 -4.30
N SER B 143 8.81 -48.18 -4.06
CA SER B 143 8.70 -47.70 -2.70
C SER B 143 7.60 -46.68 -2.55
N PHE B 144 7.64 -45.92 -1.48
CA PHE B 144 6.59 -44.96 -1.21
C PHE B 144 7.07 -43.89 -0.25
N TYR B 145 6.20 -42.95 0.06
CA TYR B 145 6.54 -41.89 0.99
C TYR B 145 6.88 -42.49 2.33
N LYS B 146 7.86 -41.92 2.99
CA LYS B 146 8.28 -42.41 4.29
C LYS B 146 7.32 -42.08 5.42
N ASN B 147 6.58 -40.98 5.31
CA ASN B 147 5.73 -40.60 6.42
C ASN B 147 4.30 -41.11 6.29
N LEU B 148 4.03 -41.83 5.21
CA LEU B 148 2.69 -42.36 4.92
C LEU B 148 2.68 -43.86 4.70
N ILE B 149 1.59 -44.50 5.05
CA ILE B 149 1.39 -45.91 4.73
C ILE B 149 0.20 -46.13 3.85
N TRP B 150 0.43 -46.77 2.73
CA TRP B 150 -0.63 -47.07 1.80
C TRP B 150 -1.11 -48.48 2.08
N LEU B 151 -2.30 -48.60 2.66
CA LEU B 151 -2.82 -49.89 3.06
C LEU B 151 -3.54 -50.58 1.93
N VAL B 152 -3.31 -51.88 1.82
CA VAL B 152 -3.90 -52.73 0.81
C VAL B 152 -4.69 -53.87 1.46
N LYS B 153 -5.71 -54.34 0.77
CA LYS B 153 -6.56 -55.41 1.29
C LYS B 153 -5.71 -56.61 1.68
N LYS B 154 -6.08 -57.25 2.77
CA LYS B 154 -5.34 -58.38 3.31
C LYS B 154 -6.18 -59.63 3.34
N GLY B 155 -5.83 -60.62 2.51
CA GLY B 155 -6.63 -61.84 2.44
C GLY B 155 -7.92 -61.61 1.66
N ASN B 156 -7.87 -60.73 0.68
CA ASN B 156 -9.03 -60.36 -0.13
C ASN B 156 -10.15 -59.79 0.72
N SER B 157 -9.77 -58.98 1.70
CA SER B 157 -10.73 -58.33 2.58
C SER B 157 -10.20 -56.99 3.07
N TYR B 158 -11.07 -56.00 3.12
CA TYR B 158 -10.68 -54.69 3.63
C TYR B 158 -11.69 -54.26 4.67
N PRO B 159 -11.54 -54.69 5.92
CA PRO B 159 -12.48 -54.48 6.99
C PRO B 159 -12.45 -53.03 7.35
N LYS B 160 -13.54 -52.51 7.89
CA LYS B 160 -13.55 -51.12 8.24
C LYS B 160 -12.37 -50.78 9.14
N LEU B 161 -11.70 -49.71 8.74
CA LEU B 161 -10.56 -49.14 9.41
C LEU B 161 -11.05 -48.08 10.35
N ASN B 162 -10.68 -48.19 11.62
CA ASN B 162 -11.10 -47.18 12.58
C ASN B 162 -10.02 -46.91 13.62
N GLN B 163 -9.29 -45.82 13.42
CA GLN B 163 -8.20 -45.42 14.32
C GLN B 163 -8.26 -43.94 14.63
N SER B 164 -7.75 -43.58 15.79
CA SER B 164 -7.74 -42.18 16.18
C SER B 164 -6.52 -41.84 16.99
N TYR B 165 -6.19 -40.56 17.00
CA TYR B 165 -5.08 -40.06 17.78
C TYR B 165 -5.50 -38.91 18.65
N ILE B 166 -5.13 -38.97 19.91
CA ILE B 166 -5.44 -37.89 20.83
C ILE B 166 -4.20 -37.07 21.07
N ASN B 167 -4.32 -35.77 20.86
CA ASN B 167 -3.14 -34.95 20.96
C ASN B 167 -2.80 -34.63 22.40
N ASP B 168 -1.87 -35.42 22.95
CA ASP B 168 -1.45 -35.28 24.33
C ASP B 168 -0.20 -34.41 24.43
N LYS B 169 0.13 -33.74 23.33
CA LYS B 169 1.26 -32.84 23.28
C LYS B 169 0.77 -31.45 23.70
N GLY B 170 1.69 -30.58 24.11
CA GLY B 170 1.29 -29.22 24.45
C GLY B 170 1.32 -28.32 23.21
N LYS B 171 1.66 -28.91 22.08
CA LYS B 171 1.79 -28.21 20.82
C LYS B 171 0.86 -28.80 19.76
N GLU B 172 0.63 -28.03 18.71
CA GLU B 172 -0.23 -28.47 17.61
C GLU B 172 0.42 -29.61 16.85
N VAL B 173 -0.39 -30.54 16.38
CA VAL B 173 0.14 -31.63 15.59
C VAL B 173 -0.34 -31.57 14.15
N LEU B 174 0.61 -31.62 13.23
CA LEU B 174 0.31 -31.63 11.82
C LEU B 174 0.21 -33.05 11.32
N VAL B 175 -0.96 -33.40 10.86
CA VAL B 175 -1.21 -34.75 10.38
C VAL B 175 -1.50 -34.72 8.91
N LEU B 176 -0.82 -35.56 8.15
CA LEU B 176 -1.03 -35.62 6.72
C LEU B 176 -1.49 -37.00 6.32
N TRP B 177 -2.33 -37.06 5.31
CA TRP B 177 -2.84 -38.32 4.78
C TRP B 177 -3.19 -38.12 3.34
N GLY B 178 -3.56 -39.19 2.65
CA GLY B 178 -3.95 -39.01 1.27
C GLY B 178 -5.09 -39.92 0.86
N ILE B 179 -5.64 -39.63 -0.30
CA ILE B 179 -6.73 -40.42 -0.85
C ILE B 179 -6.30 -40.98 -2.18
N HIS B 180 -6.44 -42.28 -2.37
CA HIS B 180 -6.03 -42.89 -3.62
C HIS B 180 -7.20 -42.99 -4.58
N HIS B 181 -6.93 -42.68 -5.84
CA HIS B 181 -7.91 -42.71 -6.90
C HIS B 181 -7.44 -43.56 -8.08
N PRO B 182 -7.76 -44.86 -8.09
CA PRO B 182 -7.36 -45.84 -9.07
C PRO B 182 -7.86 -45.44 -10.45
N SER B 183 -7.16 -45.87 -11.48
CA SER B 183 -7.56 -45.52 -12.84
C SER B 183 -8.76 -46.32 -13.32
N THR B 184 -8.94 -47.53 -12.81
CA THR B 184 -10.07 -48.36 -13.20
C THR B 184 -10.76 -49.00 -12.00
N THR B 185 -11.96 -49.53 -12.21
CA THR B 185 -12.66 -50.27 -11.17
C THR B 185 -11.86 -51.51 -10.82
N ALA B 186 -11.27 -52.14 -11.82
CA ALA B 186 -10.49 -53.34 -11.58
C ALA B 186 -9.38 -53.09 -10.57
N ASP B 187 -8.77 -51.91 -10.60
CA ASP B 187 -7.72 -51.60 -9.65
C ASP B 187 -8.32 -51.35 -8.28
N GLN B 188 -9.46 -50.67 -8.26
CA GLN B 188 -10.13 -50.40 -7.00
C GLN B 188 -10.40 -51.70 -6.27
N GLN B 189 -10.84 -52.71 -7.00
CA GLN B 189 -11.11 -53.99 -6.37
C GLN B 189 -9.81 -54.73 -6.04
N SER B 190 -8.80 -54.63 -6.89
CA SER B 190 -7.54 -55.31 -6.64
C SER B 190 -6.89 -54.81 -5.35
N LEU B 191 -7.01 -53.53 -5.08
CA LEU B 191 -6.41 -52.96 -3.89
C LEU B 191 -7.31 -52.93 -2.66
N TYR B 192 -8.60 -52.63 -2.83
CA TYR B 192 -9.41 -52.41 -1.66
C TYR B 192 -10.61 -53.34 -1.49
N GLN B 193 -10.87 -54.23 -2.45
CA GLN B 193 -11.98 -55.20 -2.39
C GLN B 193 -13.41 -54.64 -2.49
N ASN B 194 -13.70 -53.62 -1.70
CA ASN B 194 -15.04 -53.10 -1.47
C ASN B 194 -15.71 -52.39 -2.65
N ALA B 195 -14.90 -51.85 -3.55
CA ALA B 195 -15.38 -51.11 -4.73
C ALA B 195 -16.00 -49.77 -4.32
N ASP B 196 -17.17 -49.79 -3.70
CA ASP B 196 -17.79 -48.55 -3.27
C ASP B 196 -17.25 -48.13 -1.92
N ALA B 197 -16.01 -47.71 -1.91
CA ALA B 197 -15.32 -47.33 -0.69
C ALA B 197 -15.50 -45.86 -0.40
N TYR B 198 -15.31 -45.50 0.86
CA TYR B 198 -15.30 -44.10 1.26
C TYR B 198 -14.28 -43.89 2.36
N VAL B 199 -13.88 -42.64 2.52
CA VAL B 199 -12.97 -42.25 3.58
C VAL B 199 -13.52 -41.08 4.35
N PHE B 200 -13.47 -41.15 5.66
CA PHE B 200 -13.89 -40.01 6.46
C PHE B 200 -12.82 -39.60 7.46
N VAL B 201 -12.53 -38.31 7.52
CA VAL B 201 -11.57 -37.81 8.48
C VAL B 201 -12.12 -36.61 9.22
N GLY B 202 -11.90 -36.55 10.54
CA GLY B 202 -12.35 -35.35 11.25
C GLY B 202 -11.73 -35.09 12.63
N THR B 203 -11.82 -33.82 13.03
CA THR B 203 -11.35 -33.25 14.29
C THR B 203 -12.44 -32.30 14.79
N SER B 204 -12.25 -31.64 15.92
CA SER B 204 -13.33 -30.80 16.43
C SER B 204 -13.74 -29.68 15.48
N ARG B 205 -12.83 -29.19 14.64
CA ARG B 205 -13.16 -28.13 13.70
C ARG B 205 -12.98 -28.57 12.25
N TYR B 206 -13.00 -29.86 12.00
CA TYR B 206 -12.79 -30.35 10.64
C TYR B 206 -13.54 -31.64 10.40
N SER B 207 -14.24 -31.72 9.29
CA SER B 207 -14.94 -32.94 8.97
C SER B 207 -15.18 -33.07 7.50
N LYS B 208 -14.64 -34.11 6.91
CA LYS B 208 -14.85 -34.27 5.49
C LYS B 208 -14.93 -35.73 5.07
N LYS B 209 -15.90 -36.01 4.21
CA LYS B 209 -16.02 -37.31 3.60
C LYS B 209 -15.46 -37.27 2.19
N PHE B 210 -14.74 -38.29 1.82
CA PHE B 210 -14.14 -38.39 0.51
C PHE B 210 -14.65 -39.63 -0.19
N LYS B 211 -14.77 -39.57 -1.50
CA LYS B 211 -15.08 -40.77 -2.26
C LYS B 211 -14.06 -40.90 -3.37
N PRO B 212 -13.67 -42.12 -3.76
CA PRO B 212 -12.83 -42.40 -4.88
C PRO B 212 -13.44 -41.86 -6.16
N GLU B 213 -12.61 -41.23 -6.97
CA GLU B 213 -13.01 -40.72 -8.26
C GLU B 213 -12.27 -41.54 -9.29
N ILE B 214 -12.93 -42.56 -9.80
CA ILE B 214 -12.27 -43.53 -10.64
C ILE B 214 -12.50 -43.27 -12.11
N ALA B 215 -11.40 -42.98 -12.79
CA ALA B 215 -11.38 -42.69 -14.21
C ALA B 215 -9.95 -42.83 -14.70
N THR B 216 -9.78 -43.11 -15.98
CA THR B 216 -8.42 -43.17 -16.51
C THR B 216 -7.93 -41.77 -16.78
N ARG B 217 -6.72 -41.46 -16.34
CA ARG B 217 -6.15 -40.16 -16.57
C ARG B 217 -4.89 -40.27 -17.40
N PRO B 218 -4.41 -39.17 -18.01
CA PRO B 218 -3.14 -39.11 -18.70
C PRO B 218 -2.06 -39.57 -17.75
N LYS B 219 -1.10 -40.31 -18.27
CA LYS B 219 -0.06 -40.80 -17.40
C LYS B 219 0.87 -39.72 -16.95
N VAL B 220 1.11 -39.68 -15.65
CA VAL B 220 2.11 -38.81 -15.09
C VAL B 220 3.01 -39.70 -14.25
N ARG B 221 4.31 -39.70 -14.54
CA ARG B 221 5.21 -40.60 -13.83
C ARG B 221 4.71 -42.05 -13.92
N ASP B 222 4.19 -42.41 -15.09
CA ASP B 222 3.67 -43.74 -15.40
C ASP B 222 2.45 -44.13 -14.55
N GLN B 223 1.74 -43.17 -13.99
CA GLN B 223 0.53 -43.48 -13.23
C GLN B 223 -0.71 -43.00 -13.94
N GLU B 224 -1.67 -43.89 -14.13
CA GLU B 224 -2.94 -43.54 -14.77
C GLU B 224 -3.96 -43.09 -13.74
N GLY B 225 -3.58 -43.21 -12.47
CA GLY B 225 -4.44 -42.83 -11.36
C GLY B 225 -3.83 -41.64 -10.66
N ARG B 226 -4.42 -41.23 -9.56
CA ARG B 226 -3.93 -40.08 -8.82
C ARG B 226 -4.03 -40.28 -7.32
N MET B 227 -3.22 -39.55 -6.57
CA MET B 227 -3.29 -39.60 -5.12
C MET B 227 -3.27 -38.20 -4.56
N ASN B 228 -4.34 -37.80 -3.89
CA ASN B 228 -4.42 -36.44 -3.37
C ASN B 228 -3.91 -36.39 -1.95
N TYR B 229 -3.42 -35.24 -1.53
CA TYR B 229 -2.89 -35.13 -0.19
C TYR B 229 -3.63 -34.08 0.60
N TYR B 230 -3.92 -34.41 1.83
CA TYR B 230 -4.64 -33.55 2.73
C TYR B 230 -3.91 -33.41 4.03
N TRP B 231 -4.18 -32.33 4.74
CA TRP B 231 -3.55 -32.15 6.03
C TRP B 231 -4.42 -31.31 6.93
N THR B 232 -4.19 -31.44 8.22
CA THR B 232 -4.86 -30.59 9.18
C THR B 232 -4.04 -30.46 10.42
N LEU B 233 -4.25 -29.38 11.15
CA LEU B 233 -3.60 -29.25 12.44
C LEU B 233 -4.56 -29.70 13.51
N VAL B 234 -4.05 -30.42 14.49
CA VAL B 234 -4.85 -30.87 15.60
C VAL B 234 -4.48 -30.08 16.84
N GLU B 235 -5.43 -29.35 17.40
CA GLU B 235 -5.16 -28.55 18.57
C GLU B 235 -4.84 -29.46 19.74
N PRO B 236 -4.01 -29.04 20.70
CA PRO B 236 -3.74 -29.77 21.92
C PRO B 236 -5.04 -30.11 22.60
N GLY B 237 -5.19 -31.37 23.01
CA GLY B 237 -6.39 -31.82 23.70
C GLY B 237 -7.45 -32.37 22.75
N ASP B 238 -7.29 -32.15 21.45
CA ASP B 238 -8.28 -32.64 20.50
C ASP B 238 -7.94 -34.04 20.00
N LYS B 239 -8.80 -34.58 19.16
CA LYS B 239 -8.60 -35.90 18.59
C LYS B 239 -8.83 -35.89 17.09
N ILE B 240 -8.07 -36.68 16.36
CA ILE B 240 -8.29 -36.87 14.94
C ILE B 240 -8.72 -38.29 14.67
N THR B 241 -9.81 -38.45 13.93
CA THR B 241 -10.35 -39.77 13.66
C THR B 241 -10.32 -40.13 12.18
N PHE B 242 -9.78 -41.30 11.90
CA PHE B 242 -9.72 -41.85 10.56
C PHE B 242 -10.60 -43.08 10.41
N GLU B 243 -11.65 -42.96 9.61
CA GLU B 243 -12.59 -44.05 9.39
C GLU B 243 -12.66 -44.35 7.89
N ALA B 244 -12.37 -45.58 7.49
CA ALA B 244 -12.35 -45.84 6.05
C ALA B 244 -12.67 -47.27 5.67
N THR B 245 -13.17 -47.44 4.46
CA THR B 245 -13.41 -48.76 3.91
C THR B 245 -12.49 -48.99 2.73
N GLY B 246 -11.55 -48.09 2.54
CA GLY B 246 -10.61 -48.20 1.45
C GLY B 246 -10.19 -46.85 0.92
N ASN B 247 -9.12 -46.86 0.14
CA ASN B 247 -8.55 -45.68 -0.53
C ASN B 247 -7.94 -44.67 0.40
N LEU B 248 -7.72 -45.05 1.65
CA LEU B 248 -7.06 -44.13 2.56
C LEU B 248 -5.61 -44.47 2.76
N VAL B 249 -4.76 -43.48 2.54
CA VAL B 249 -3.35 -43.60 2.80
C VAL B 249 -3.16 -42.98 4.17
N VAL B 250 -2.81 -43.79 5.14
CA VAL B 250 -2.83 -43.33 6.52
C VAL B 250 -1.53 -42.69 6.90
N PRO B 251 -1.53 -41.75 7.84
CA PRO B 251 -0.34 -41.16 8.39
C PRO B 251 0.45 -42.24 9.08
N ARG B 252 1.76 -42.13 9.04
CA ARG B 252 2.60 -43.01 9.84
C ARG B 252 3.28 -42.13 10.85
N TYR B 253 3.83 -41.04 10.32
CA TYR B 253 4.47 -40.03 11.13
C TYR B 253 3.68 -38.75 11.08
N ALA B 254 3.77 -37.99 12.14
CA ALA B 254 3.10 -36.70 12.24
C ALA B 254 4.05 -35.76 12.92
N PHE B 255 3.82 -34.47 12.77
CA PHE B 255 4.77 -33.54 13.31
C PHE B 255 4.22 -32.70 14.44
N THR B 256 4.91 -32.70 15.55
CA THR B 256 4.52 -31.86 16.67
C THR B 256 5.26 -30.57 16.47
N MET B 257 4.55 -29.48 16.34
CA MET B 257 5.24 -28.25 16.05
C MET B 257 4.55 -27.03 16.57
N GLU B 258 5.33 -25.98 16.76
CA GLU B 258 4.79 -24.70 17.15
C GLU B 258 5.17 -23.67 16.12
N ARG B 259 4.17 -23.03 15.55
CA ARG B 259 4.37 -22.02 14.52
C ARG B 259 4.91 -20.76 15.14
N ASN B 260 5.96 -20.20 14.54
CA ASN B 260 6.59 -19.01 15.08
C ASN B 260 6.29 -17.76 14.29
N ALA B 261 5.33 -16.97 14.74
CA ALA B 261 4.99 -15.76 14.01
C ALA B 261 4.69 -16.08 12.55
N GLY B 262 5.71 -15.95 11.71
CA GLY B 262 5.58 -16.18 10.29
C GLY B 262 6.74 -15.55 9.54
N SER B 263 7.18 -16.24 8.50
CA SER B 263 8.28 -15.76 7.68
C SER B 263 7.99 -16.11 6.25
N GLY B 264 8.99 -16.62 5.54
CA GLY B 264 8.75 -16.93 4.15
C GLY B 264 9.69 -17.97 3.61
N ILE B 265 9.60 -18.15 2.29
CA ILE B 265 10.39 -19.12 1.58
C ILE B 265 11.23 -18.43 0.53
N ILE B 266 12.50 -18.75 0.54
CA ILE B 266 13.43 -18.20 -0.42
C ILE B 266 13.83 -19.24 -1.43
N ILE B 267 13.72 -18.89 -2.69
CA ILE B 267 14.16 -19.78 -3.74
C ILE B 267 15.48 -19.27 -4.27
N SER B 268 16.52 -20.02 -4.06
CA SER B 268 17.85 -19.57 -4.42
C SER B 268 18.86 -20.70 -4.49
N ASP B 269 19.84 -20.55 -5.38
CA ASP B 269 20.91 -21.53 -5.46
C ASP B 269 22.11 -21.09 -4.63
N THR B 270 21.93 -19.99 -3.91
CA THR B 270 22.95 -19.42 -3.03
C THR B 270 23.10 -20.32 -1.80
N PRO B 271 24.32 -20.72 -1.41
CA PRO B 271 24.60 -21.62 -0.31
C PRO B 271 24.34 -21.00 1.05
N VAL B 272 24.06 -21.88 2.01
CA VAL B 272 23.90 -21.51 3.42
C VAL B 272 25.25 -21.54 4.14
N HIS B 273 25.55 -20.48 4.85
CA HIS B 273 26.81 -20.35 5.58
C HIS B 273 26.57 -20.01 7.05
N ASP B 274 27.52 -20.35 7.90
CA ASP B 274 27.36 -20.03 9.31
C ASP B 274 27.74 -18.58 9.60
N CYS B 275 26.75 -17.70 9.41
CA CYS B 275 26.83 -16.25 9.54
C CYS B 275 25.52 -15.71 10.08
N ASN B 276 25.52 -14.50 10.58
CA ASN B 276 24.32 -13.89 11.12
C ASN B 276 23.88 -12.68 10.29
N THR B 277 22.57 -12.47 10.15
CA THR B 277 22.03 -11.26 9.53
C THR B 277 20.69 -10.89 10.14
N THR B 278 20.25 -9.68 9.86
CA THR B 278 18.90 -9.27 10.24
C THR B 278 17.96 -9.11 9.01
N CYS B 279 18.51 -9.28 7.78
CA CYS B 279 17.81 -9.12 6.51
C CYS B 279 18.32 -10.11 5.48
N GLN B 280 17.53 -11.08 5.13
CA GLN B 280 17.93 -12.10 4.19
C GLN B 280 17.33 -11.91 2.82
N THR B 281 18.18 -11.68 1.84
CA THR B 281 17.77 -11.50 0.46
C THR B 281 18.14 -12.76 -0.30
N PRO B 282 17.35 -13.22 -1.29
CA PRO B 282 17.63 -14.36 -2.16
C PRO B 282 19.00 -14.31 -2.81
N GLU B 283 19.56 -13.12 -2.99
CA GLU B 283 20.85 -12.99 -3.62
C GLU B 283 22.01 -13.01 -2.61
N GLY B 284 21.68 -13.04 -1.33
CA GLY B 284 22.66 -12.99 -0.25
C GLY B 284 22.24 -11.99 0.82
N ALA B 285 22.67 -12.23 2.06
CA ALA B 285 22.29 -11.40 3.19
C ALA B 285 22.80 -9.97 3.08
N ILE B 286 21.97 -9.05 3.58
CA ILE B 286 22.29 -7.62 3.61
C ILE B 286 22.70 -7.20 5.01
N ASN B 287 23.87 -6.58 5.16
CA ASN B 287 24.45 -6.16 6.41
C ASN B 287 24.62 -4.62 6.43
N THR B 288 23.57 -3.90 6.83
CA THR B 288 23.57 -2.43 6.81
C THR B 288 22.50 -1.88 7.74
N SER B 289 22.70 -0.64 8.16
CA SER B 289 21.69 0.07 8.93
C SER B 289 21.01 1.13 8.07
N LEU B 290 21.35 1.17 6.80
CA LEU B 290 20.83 2.18 5.90
C LEU B 290 19.35 1.91 5.60
N PRO B 291 18.55 2.95 5.39
CA PRO B 291 17.13 2.91 5.14
C PRO B 291 16.71 2.29 3.82
N PHE B 292 17.58 2.29 2.80
CA PHE B 292 17.17 1.77 1.51
C PHE B 292 18.14 0.76 0.94
N GLN B 293 17.63 -0.13 0.10
CA GLN B 293 18.45 -1.05 -0.66
C GLN B 293 17.91 -1.19 -2.06
N ASN B 294 18.78 -1.50 -3.01
CA ASN B 294 18.34 -1.71 -4.39
C ASN B 294 18.83 -3.04 -4.91
N ILE B 295 18.86 -4.02 -4.02
CA ILE B 295 19.34 -5.34 -4.34
C ILE B 295 18.23 -6.23 -4.83
N HIS B 296 17.12 -6.29 -4.07
CA HIS B 296 16.04 -7.16 -4.46
C HIS B 296 14.74 -6.76 -3.76
N PRO B 297 13.58 -6.83 -4.43
CA PRO B 297 12.28 -6.55 -3.85
C PRO B 297 11.78 -7.56 -2.82
N ILE B 298 12.30 -8.78 -2.81
CA ILE B 298 11.78 -9.77 -1.87
C ILE B 298 12.78 -10.17 -0.82
N THR B 299 12.57 -9.71 0.40
CA THR B 299 13.51 -10.00 1.47
C THR B 299 12.80 -10.42 2.74
N ILE B 300 13.50 -11.17 3.59
CA ILE B 300 12.95 -11.57 4.89
C ILE B 300 13.71 -10.98 6.05
N GLY B 301 13.04 -10.21 6.88
CA GLY B 301 13.69 -9.64 8.04
C GLY B 301 13.41 -8.16 8.24
N LYS B 302 14.18 -7.52 9.11
CA LYS B 302 14.01 -6.08 9.34
C LYS B 302 14.81 -5.36 8.28
N CYS B 303 14.34 -5.46 7.04
CA CYS B 303 15.05 -5.02 5.86
C CYS B 303 14.82 -3.56 5.51
N PRO B 304 15.82 -2.91 4.89
CA PRO B 304 15.75 -1.63 4.26
C PRO B 304 14.69 -1.68 3.18
N LYS B 305 14.09 -0.54 2.89
CA LYS B 305 13.04 -0.53 1.88
C LYS B 305 13.65 -0.66 0.51
N TYR B 306 13.00 -1.43 -0.34
CA TYR B 306 13.52 -1.59 -1.69
C TYR B 306 13.15 -0.41 -2.55
N VAL B 307 14.15 0.14 -3.22
CA VAL B 307 13.95 1.21 -4.17
C VAL B 307 14.60 0.82 -5.47
N LYS B 308 14.14 1.40 -6.57
CA LYS B 308 14.72 1.07 -7.86
C LYS B 308 15.71 2.12 -8.32
N SER B 309 16.04 3.02 -7.43
CA SER B 309 17.04 4.03 -7.69
C SER B 309 18.39 3.37 -7.69
N THR B 310 19.39 4.06 -8.23
CA THR B 310 20.72 3.49 -8.25
C THR B 310 21.68 4.24 -7.36
N LYS B 311 21.32 5.46 -6.97
CA LYS B 311 22.23 6.30 -6.24
C LYS B 311 21.54 7.28 -5.31
N LEU B 312 21.71 7.08 -4.01
CA LEU B 312 21.13 7.96 -3.01
C LEU B 312 22.24 8.50 -2.13
N ARG B 313 23.00 9.45 -2.66
CA ARG B 313 24.13 10.02 -1.95
C ARG B 313 23.69 11.27 -1.25
N LEU B 314 23.83 11.28 0.06
CA LEU B 314 23.41 12.40 0.87
C LEU B 314 24.62 13.23 1.27
N ALA B 315 24.66 14.47 0.82
CA ALA B 315 25.80 15.33 1.07
C ALA B 315 25.92 15.64 2.53
N THR B 316 27.14 15.69 3.02
CA THR B 316 27.33 16.15 4.38
C THR B 316 28.25 17.34 4.35
N GLY B 317 29.14 17.35 3.37
CA GLY B 317 30.14 18.39 3.25
C GLY B 317 29.71 19.49 2.31
N LEU B 318 30.63 20.37 2.04
CA LEU B 318 30.41 21.51 1.17
C LEU B 318 30.95 21.26 -0.22
N ARG B 319 30.64 22.15 -1.16
CA ARG B 319 31.05 21.92 -2.54
C ARG B 319 32.57 21.87 -2.62
N ASN B 320 33.08 20.89 -3.34
CA ASN B 320 34.52 20.77 -3.51
C ASN B 320 34.92 21.51 -4.76
N VAL B 321 35.36 22.75 -4.61
CA VAL B 321 35.68 23.59 -5.74
C VAL B 321 37.08 24.21 -5.62
N PRO B 322 38.17 23.53 -6.08
CA PRO B 322 39.56 24.00 -6.03
C PRO B 322 39.72 25.39 -6.64
N ILE B 337 34.11 34.78 -2.18
CA ILE B 337 35.11 33.71 -2.09
C ILE B 337 35.17 33.00 -3.44
N GLU B 338 36.36 33.02 -4.07
CA GLU B 338 36.62 32.44 -5.38
C GLU B 338 36.58 30.91 -5.42
N GLY B 339 37.01 30.27 -4.34
CA GLY B 339 37.04 28.81 -4.29
C GLY B 339 37.54 28.31 -2.93
N GLY B 340 37.64 27.00 -2.80
CA GLY B 340 38.07 26.40 -1.54
C GLY B 340 39.59 26.32 -1.41
N TRP B 341 40.03 26.00 -0.21
CA TRP B 341 41.42 25.88 0.13
C TRP B 341 41.80 24.44 0.40
N THR B 342 42.59 23.85 -0.47
CA THR B 342 42.93 22.45 -0.30
C THR B 342 43.91 22.25 0.84
N GLY B 343 44.55 23.33 1.28
CA GLY B 343 45.50 23.26 2.37
C GLY B 343 44.85 23.34 3.76
N MET B 344 43.56 23.65 3.83
CA MET B 344 42.94 23.79 5.15
C MET B 344 42.38 22.45 5.61
N VAL B 345 43.30 21.54 5.89
CA VAL B 345 42.96 20.16 6.17
C VAL B 345 42.34 19.92 7.55
N ASP B 346 42.43 20.89 8.45
CA ASP B 346 41.94 20.69 9.80
C ASP B 346 40.49 21.10 10.05
N GLY B 347 39.74 21.46 9.02
CA GLY B 347 38.32 21.74 9.25
C GLY B 347 37.59 22.32 8.04
N TRP B 348 36.26 22.28 8.10
CA TRP B 348 35.43 22.77 7.01
C TRP B 348 35.52 24.26 6.78
N TYR B 349 35.50 25.04 7.85
CA TYR B 349 35.53 26.48 7.67
C TYR B 349 36.72 27.00 8.39
N GLY B 350 37.30 28.09 7.93
CA GLY B 350 38.43 28.63 8.65
C GLY B 350 39.04 29.85 8.02
N TYR B 351 40.22 30.19 8.53
CA TYR B 351 40.89 31.40 8.15
C TYR B 351 42.26 31.19 7.57
N HIS B 352 42.66 32.12 6.72
CA HIS B 352 44.02 32.20 6.23
C HIS B 352 44.54 33.58 6.52
N HIS B 353 45.78 33.67 6.94
CA HIS B 353 46.31 34.99 7.22
C HIS B 353 47.69 35.15 6.68
N GLN B 354 48.06 36.41 6.45
CA GLN B 354 49.41 36.75 6.04
C GLN B 354 49.84 38.10 6.56
N ASN B 355 50.97 38.12 7.24
CA ASN B 355 51.55 39.36 7.74
C ASN B 355 53.07 39.27 7.62
N GLU B 356 53.79 40.12 8.34
CA GLU B 356 55.25 40.14 8.24
C GLU B 356 55.92 39.08 9.13
N GLN B 357 55.13 38.38 9.92
CA GLN B 357 55.65 37.37 10.84
C GLN B 357 55.54 35.99 10.23
N GLY B 358 54.47 35.77 9.48
CA GLY B 358 54.21 34.46 8.88
C GLY B 358 52.85 34.40 8.20
N SER B 359 52.50 33.21 7.74
CA SER B 359 51.23 33.01 7.06
C SER B 359 50.82 31.55 7.14
N GLY B 360 49.55 31.28 6.85
CA GLY B 360 49.08 29.90 6.82
C GLY B 360 47.59 29.78 7.09
N TYR B 361 47.14 28.54 7.27
CA TYR B 361 45.72 28.25 7.48
C TYR B 361 45.46 27.76 8.89
N ALA B 362 44.27 28.05 9.39
CA ALA B 362 43.79 27.47 10.63
C ALA B 362 42.27 27.37 10.61
N ALA B 363 41.75 26.21 11.00
CA ALA B 363 40.31 26.01 11.00
C ALA B 363 39.63 26.80 12.11
N ASP B 364 38.38 27.17 11.85
CA ASP B 364 37.54 27.76 12.87
C ASP B 364 36.83 26.63 13.57
N LEU B 365 37.37 26.21 14.70
CA LEU B 365 36.90 24.99 15.33
C LEU B 365 35.48 25.10 15.86
N LYS B 366 35.11 26.26 16.36
CA LYS B 366 33.76 26.40 16.91
C LYS B 366 32.72 26.24 15.82
N SER B 367 32.90 26.97 14.72
CA SER B 367 31.95 26.91 13.62
C SER B 367 31.97 25.56 12.94
N THR B 368 33.17 25.00 12.74
CA THR B 368 33.28 23.73 12.08
C THR B 368 32.64 22.63 12.88
N GLN B 369 32.89 22.59 14.19
CA GLN B 369 32.32 21.52 14.98
C GLN B 369 30.82 21.65 15.04
N ASN B 370 30.34 22.89 15.11
CA ASN B 370 28.92 23.13 15.14
C ASN B 370 28.25 22.55 13.91
N ALA B 371 28.81 22.86 12.74
CA ALA B 371 28.27 22.35 11.49
C ALA B 371 28.36 20.84 11.44
N ILE B 372 29.44 20.27 11.95
CA ILE B 372 29.57 18.83 11.92
C ILE B 372 28.52 18.18 12.78
N ASP B 373 28.30 18.68 13.99
CA ASP B 373 27.34 18.06 14.86
C ASP B 373 25.94 18.16 14.28
N LYS B 374 25.60 19.29 13.68
CA LYS B 374 24.25 19.46 13.14
C LYS B 374 24.04 18.61 11.90
N ILE B 375 25.02 18.54 11.02
CA ILE B 375 24.88 17.72 9.84
C ILE B 375 24.93 16.24 10.17
N THR B 376 25.79 15.83 11.10
CA THR B 376 25.86 14.44 11.46
C THR B 376 24.54 14.00 12.05
N ASN B 377 23.97 14.83 12.91
CA ASN B 377 22.68 14.51 13.51
C ASN B 377 21.60 14.44 12.43
N LYS B 378 21.71 15.30 11.41
CA LYS B 378 20.78 15.30 10.29
C LYS B 378 20.80 13.98 9.53
N VAL B 379 22.00 13.48 9.26
CA VAL B 379 22.14 12.22 8.56
C VAL B 379 21.54 11.12 9.38
N ASN B 380 21.82 11.14 10.68
CA ASN B 380 21.30 10.14 11.57
C ASN B 380 19.78 10.22 11.65
N SER B 381 19.21 11.42 11.50
CA SER B 381 17.77 11.54 11.53
C SER B 381 17.13 10.78 10.38
N VAL B 382 17.69 10.94 9.19
CA VAL B 382 17.15 10.28 8.02
C VAL B 382 17.23 8.76 8.15
N ILE B 383 18.34 8.26 8.67
CA ILE B 383 18.52 6.83 8.82
C ILE B 383 17.73 6.25 10.00
N GLU B 384 17.83 6.87 11.17
CA GLU B 384 17.20 6.38 12.38
C GLU B 384 15.68 6.34 12.32
N LYS B 385 15.08 7.27 11.60
CA LYS B 385 13.62 7.31 11.59
C LYS B 385 12.98 6.28 10.69
N MET B 386 13.76 5.49 9.95
CA MET B 386 13.09 4.51 9.11
C MET B 386 12.42 3.45 9.97
N ASN B 387 13.10 3.01 11.02
CA ASN B 387 12.53 2.08 12.00
C ASN B 387 11.70 0.95 11.37
N THR B 388 12.36 0.05 10.65
CA THR B 388 11.66 -1.01 9.92
C THR B 388 11.13 -2.11 10.84
N GLN B 389 10.23 -2.94 10.31
CA GLN B 389 9.63 -4.08 11.02
C GLN B 389 10.08 -5.38 10.38
N PHE B 390 9.94 -6.48 11.11
CA PHE B 390 10.31 -7.79 10.59
C PHE B 390 9.18 -8.37 9.75
N THR B 391 9.43 -8.54 8.47
CA THR B 391 8.41 -9.05 7.57
C THR B 391 8.98 -9.96 6.48
N ALA B 392 8.13 -10.88 5.99
CA ALA B 392 8.56 -11.87 4.99
C ALA B 392 8.57 -11.36 3.55
N VAL B 393 7.68 -10.41 3.27
CA VAL B 393 7.52 -9.78 1.96
C VAL B 393 7.02 -10.70 0.83
N GLY B 394 7.72 -11.78 0.54
CA GLY B 394 7.31 -12.65 -0.56
C GLY B 394 6.09 -13.50 -0.23
N LYS B 395 5.24 -13.71 -1.24
CA LYS B 395 4.05 -14.55 -1.09
C LYS B 395 3.85 -15.45 -2.30
N GLU B 396 3.24 -16.61 -2.08
CA GLU B 396 3.04 -17.58 -3.15
C GLU B 396 1.60 -17.92 -3.41
N PHE B 397 1.24 -17.90 -4.69
CA PHE B 397 -0.12 -18.19 -5.13
C PHE B 397 -0.09 -19.18 -6.30
N ASN B 398 -1.16 -19.94 -6.48
CA ASN B 398 -1.21 -20.93 -7.56
C ASN B 398 -1.85 -20.35 -8.83
N HIS B 399 -2.02 -21.20 -9.84
CA HIS B 399 -2.48 -20.76 -11.16
C HIS B 399 -3.94 -20.34 -11.21
N LEU B 400 -4.69 -20.66 -10.16
CA LEU B 400 -6.10 -20.28 -10.08
C LEU B 400 -6.28 -19.14 -9.11
N GLU B 401 -5.18 -18.52 -8.74
CA GLU B 401 -5.19 -17.41 -7.82
C GLU B 401 -4.51 -16.18 -8.39
N LYS B 402 -4.62 -16.00 -9.70
CA LYS B 402 -3.96 -14.87 -10.35
C LYS B 402 -4.48 -13.54 -9.83
N ARG B 403 -5.77 -13.43 -9.52
CA ARG B 403 -6.25 -12.13 -9.06
C ARG B 403 -5.59 -11.69 -7.76
N ILE B 404 -5.44 -12.60 -6.82
CA ILE B 404 -4.78 -12.25 -5.56
C ILE B 404 -3.28 -12.09 -5.76
N GLU B 405 -2.68 -12.86 -6.66
CA GLU B 405 -1.27 -12.71 -6.92
C GLU B 405 -0.99 -11.32 -7.46
N ASN B 406 -1.84 -10.86 -8.37
CA ASN B 406 -1.70 -9.54 -8.94
C ASN B 406 -2.06 -8.45 -7.94
N LEU B 407 -2.92 -8.75 -6.97
CA LEU B 407 -3.17 -7.78 -5.90
C LEU B 407 -1.91 -7.62 -5.08
N ASN B 408 -1.25 -8.72 -4.77
CA ASN B 408 0.00 -8.65 -4.05
C ASN B 408 1.01 -7.86 -4.85
N LYS B 409 1.02 -8.04 -6.17
CA LYS B 409 1.93 -7.29 -7.01
C LYS B 409 1.62 -5.80 -6.92
N LYS B 410 0.34 -5.43 -6.97
CA LYS B 410 0.00 -4.00 -6.87
C LYS B 410 0.58 -3.40 -5.62
N VAL B 411 0.51 -4.14 -4.53
CA VAL B 411 0.99 -3.63 -3.27
C VAL B 411 2.49 -3.43 -3.33
N ASP B 412 3.23 -4.40 -3.87
CA ASP B 412 4.67 -4.26 -3.97
C ASP B 412 5.10 -3.15 -4.92
N ASP B 413 4.39 -3.01 -6.04
CA ASP B 413 4.75 -2.00 -7.02
C ASP B 413 4.39 -0.63 -6.51
N GLY B 414 3.26 -0.53 -5.83
CA GLY B 414 2.83 0.73 -5.26
C GLY B 414 3.82 1.21 -4.22
N PHE B 415 4.22 0.32 -3.32
CA PHE B 415 5.18 0.69 -2.30
C PHE B 415 6.51 1.02 -2.92
N LEU B 416 6.91 0.28 -3.95
CA LEU B 416 8.16 0.61 -4.63
C LEU B 416 8.14 1.99 -5.22
N ASP B 417 7.06 2.35 -5.91
CA ASP B 417 7.01 3.67 -6.52
C ASP B 417 7.00 4.76 -5.46
N ILE B 418 6.29 4.53 -4.35
CA ILE B 418 6.25 5.52 -3.29
C ILE B 418 7.61 5.70 -2.66
N TRP B 419 8.28 4.59 -2.32
CA TRP B 419 9.57 4.70 -1.67
C TRP B 419 10.63 5.22 -2.61
N THR B 420 10.59 4.82 -3.88
CA THR B 420 11.59 5.30 -4.81
C THR B 420 11.43 6.78 -5.04
N TYR B 421 10.20 7.22 -5.25
CA TYR B 421 9.96 8.63 -5.52
C TYR B 421 10.34 9.46 -4.32
N ASN B 422 9.91 9.07 -3.14
CA ASN B 422 10.22 9.85 -1.96
C ASN B 422 11.69 9.77 -1.60
N ALA B 423 12.32 8.62 -1.77
CA ALA B 423 13.72 8.49 -1.44
C ALA B 423 14.58 9.31 -2.39
N GLU B 424 14.26 9.27 -3.69
CA GLU B 424 15.07 10.04 -4.62
C GLU B 424 14.86 11.53 -4.40
N LEU B 425 13.62 11.96 -4.15
CA LEU B 425 13.43 13.37 -3.88
C LEU B 425 14.02 13.78 -2.57
N LEU B 426 13.95 12.94 -1.56
CA LEU B 426 14.45 13.34 -0.26
C LEU B 426 15.91 13.67 -0.36
N VAL B 427 16.67 12.86 -1.08
CA VAL B 427 18.08 13.16 -1.23
C VAL B 427 18.26 14.48 -1.96
N LEU B 428 17.46 14.70 -3.00
CA LEU B 428 17.52 15.93 -3.76
C LEU B 428 17.05 17.15 -2.96
N LEU B 429 16.11 16.96 -2.02
CA LEU B 429 15.65 18.08 -1.24
C LEU B 429 16.72 18.43 -0.23
N GLU B 430 17.37 17.42 0.31
CA GLU B 430 18.38 17.60 1.34
C GLU B 430 19.69 18.12 0.82
N ASN B 431 20.15 17.61 -0.31
CA ASN B 431 21.46 17.98 -0.78
C ASN B 431 21.52 19.42 -1.20
N GLU B 432 20.43 19.96 -1.74
CA GLU B 432 20.52 21.34 -2.18
C GLU B 432 20.77 22.22 -0.99
N ARG B 433 19.98 22.06 0.06
CA ARG B 433 20.15 22.99 1.16
C ARG B 433 21.45 22.75 1.88
N THR B 434 21.86 21.48 2.03
CA THR B 434 23.07 21.18 2.80
C THR B 434 24.19 22.07 2.30
N LEU B 435 24.30 22.23 1.00
CA LEU B 435 25.31 23.07 0.44
C LEU B 435 25.03 24.55 0.75
N ASP B 436 23.76 24.99 0.71
CA ASP B 436 23.42 26.38 1.05
C ASP B 436 23.71 26.67 2.53
N TYR B 437 23.49 25.69 3.38
CA TYR B 437 23.76 25.77 4.81
C TYR B 437 25.22 26.05 5.04
N HIS B 438 26.08 25.30 4.36
CA HIS B 438 27.49 25.52 4.52
C HIS B 438 27.87 26.90 4.01
N ASP B 439 27.26 27.32 2.91
CA ASP B 439 27.57 28.64 2.37
C ASP B 439 27.16 29.72 3.36
N SER B 440 26.03 29.51 4.03
CA SER B 440 25.55 30.45 5.03
C SER B 440 26.52 30.56 6.19
N ASN B 441 27.02 29.42 6.68
CA ASN B 441 27.98 29.45 7.77
C ASN B 441 29.27 30.16 7.38
N VAL B 442 29.72 29.97 6.15
CA VAL B 442 30.92 30.64 5.70
C VAL B 442 30.68 32.14 5.63
N LYS B 443 29.54 32.52 5.07
CA LYS B 443 29.18 33.93 4.99
C LYS B 443 29.07 34.54 6.38
N ASN B 444 28.52 33.78 7.33
CA ASN B 444 28.37 34.30 8.68
C ASN B 444 29.72 34.56 9.31
N LEU B 445 30.73 33.73 9.01
CA LEU B 445 32.05 34.00 9.56
C LEU B 445 32.60 35.29 8.99
N TYR B 446 32.36 35.51 7.70
CA TYR B 446 32.82 36.72 7.06
C TYR B 446 32.24 37.92 7.79
N GLU B 447 30.93 37.90 8.03
CA GLU B 447 30.28 39.00 8.72
C GLU B 447 30.77 39.16 10.16
N LYS B 448 31.00 38.07 10.86
CA LYS B 448 31.47 38.15 12.24
C LYS B 448 32.80 38.89 12.31
N VAL B 449 33.65 38.69 11.31
CA VAL B 449 34.90 39.41 11.23
C VAL B 449 34.65 40.86 10.85
N ARG B 450 33.79 41.07 9.86
CA ARG B 450 33.49 42.42 9.37
C ARG B 450 33.00 43.31 10.51
N ASN B 451 32.18 42.74 11.37
CA ASN B 451 31.58 43.45 12.49
C ASN B 451 32.59 43.89 13.53
N GLN B 452 33.75 43.25 13.55
CA GLN B 452 34.78 43.61 14.51
C GLN B 452 35.74 44.60 13.91
N LEU B 453 36.12 44.36 12.66
CA LEU B 453 37.13 45.18 12.03
C LEU B 453 36.59 46.55 11.71
N LYS B 454 35.32 46.61 11.31
CA LYS B 454 34.69 47.88 11.03
C LYS B 454 35.52 48.73 10.06
N ASN B 455 36.11 49.81 10.58
CA ASN B 455 36.86 50.74 9.75
C ASN B 455 38.36 50.50 9.77
N ASN B 456 38.79 49.43 10.44
CA ASN B 456 40.20 49.13 10.56
C ASN B 456 40.70 48.21 9.47
N ALA B 457 39.81 47.86 8.55
CA ALA B 457 40.16 47.02 7.41
C ALA B 457 39.21 47.27 6.27
N LYS B 458 39.66 47.02 5.05
CA LYS B 458 38.80 47.14 3.89
C LYS B 458 38.50 45.79 3.28
N GLU B 459 37.37 45.70 2.60
CA GLU B 459 36.99 44.48 1.90
C GLU B 459 37.63 44.50 0.53
N ILE B 460 38.33 43.43 0.17
CA ILE B 460 39.06 43.40 -1.09
C ILE B 460 38.58 42.31 -2.04
N GLY B 461 37.42 41.73 -1.74
CA GLY B 461 36.89 40.64 -2.54
C GLY B 461 37.45 39.31 -2.05
N ASN B 462 37.03 38.21 -2.68
CA ASN B 462 37.47 36.87 -2.31
C ASN B 462 37.24 36.53 -0.85
N GLY B 463 36.29 37.21 -0.21
CA GLY B 463 36.01 36.94 1.20
C GLY B 463 37.16 37.37 2.14
N CYS B 464 38.02 38.30 1.68
CA CYS B 464 39.21 38.75 2.40
C CYS B 464 39.12 40.19 2.86
N PHE B 465 39.77 40.45 3.98
CA PHE B 465 39.93 41.79 4.51
C PHE B 465 41.39 42.19 4.48
N GLU B 466 41.64 43.46 4.24
CA GLU B 466 42.99 44.00 4.30
C GLU B 466 43.05 45.08 5.36
N PHE B 467 43.97 44.93 6.28
CA PHE B 467 44.04 45.80 7.43
C PHE B 467 44.64 47.16 7.10
N TYR B 468 44.24 48.17 7.84
CA TYR B 468 44.82 49.50 7.71
C TYR B 468 45.87 49.72 8.80
N HIS B 469 46.23 48.65 9.48
CA HIS B 469 47.23 48.70 10.54
C HIS B 469 48.00 47.40 10.58
N LYS B 470 49.14 47.40 11.27
CA LYS B 470 49.89 46.16 11.40
C LYS B 470 49.20 45.24 12.41
N CYS B 471 48.86 44.01 11.97
CA CYS B 471 48.11 43.03 12.75
C CYS B 471 48.97 41.80 12.99
N ASP B 472 49.56 41.69 14.16
CA ASP B 472 50.50 40.62 14.49
C ASP B 472 49.77 39.34 14.85
N ASN B 473 50.51 38.29 15.15
CA ASN B 473 49.88 37.01 15.43
C ASN B 473 48.88 37.11 16.58
N THR B 474 49.15 37.94 17.57
CA THR B 474 48.23 38.08 18.71
C THR B 474 46.95 38.89 18.35
N CYS B 475 46.96 39.58 17.19
CA CYS B 475 45.87 40.35 16.63
C CYS B 475 45.04 39.42 15.77
N MET B 476 45.69 38.63 14.92
CA MET B 476 44.96 37.73 14.06
C MET B 476 44.16 36.77 14.92
N GLU B 477 44.72 36.35 16.04
CA GLU B 477 44.03 35.46 16.96
C GLU B 477 42.88 36.18 17.63
N SER B 478 43.02 37.48 17.87
CA SER B 478 41.97 38.24 18.52
C SER B 478 40.78 38.37 17.58
N VAL B 479 41.05 38.51 16.30
CA VAL B 479 39.96 38.63 15.36
C VAL B 479 39.23 37.31 15.23
N LYS B 480 39.98 36.23 15.05
CA LYS B 480 39.39 34.90 14.93
C LYS B 480 38.59 34.47 16.16
N ASN B 481 39.06 34.84 17.37
CA ASN B 481 38.45 34.49 18.63
C ASN B 481 37.27 35.41 19.04
N GLY B 482 36.99 36.46 18.21
CA GLY B 482 35.90 37.41 18.49
C GLY B 482 36.22 38.43 19.59
N THR B 483 37.50 38.71 19.82
CA THR B 483 37.91 39.60 20.89
C THR B 483 38.70 40.80 20.37
N TYR B 484 38.57 41.11 19.09
CA TYR B 484 39.32 42.21 18.49
C TYR B 484 38.94 43.54 19.11
N ASP B 485 39.96 44.32 19.46
CA ASP B 485 39.79 45.64 20.04
C ASP B 485 39.81 46.72 18.96
N TYR B 486 38.64 47.12 18.49
CA TYR B 486 38.59 48.10 17.41
C TYR B 486 39.26 49.42 17.76
N PRO B 487 38.90 50.12 18.86
CA PRO B 487 39.44 51.41 19.26
C PRO B 487 40.96 51.40 19.29
N LYS B 488 41.55 50.29 19.73
CA LYS B 488 43.00 50.17 19.84
C LYS B 488 43.75 50.50 18.56
N TYR B 489 43.20 50.14 17.42
CA TYR B 489 43.90 50.34 16.17
C TYR B 489 43.28 51.43 15.33
N SER B 490 42.33 52.15 15.90
CA SER B 490 41.57 53.14 15.14
C SER B 490 42.46 54.27 14.64
N GLU B 491 43.36 54.77 15.48
CA GLU B 491 44.16 55.92 15.07
C GLU B 491 45.11 55.56 13.94
N GLU B 492 45.68 54.36 13.98
CA GLU B 492 46.59 53.96 12.92
C GLU B 492 45.81 53.85 11.62
N ALA B 493 44.61 53.30 11.69
CA ALA B 493 43.78 53.16 10.50
C ALA B 493 43.44 54.54 9.92
N LYS B 494 43.25 55.53 10.78
CA LYS B 494 42.96 56.87 10.28
C LYS B 494 44.16 57.43 9.52
N LEU B 495 45.35 57.21 10.06
CA LEU B 495 46.58 57.73 9.47
C LEU B 495 46.83 57.14 8.10
N ASN B 496 46.44 55.89 7.91
CA ASN B 496 46.68 55.22 6.64
C ASN B 496 45.55 55.37 5.60
N ARG B 497 44.57 56.26 5.86
CA ARG B 497 43.46 56.57 4.95
C ARG B 497 43.49 58.04 4.60
N ASP C 1 21.85 60.78 -12.07
CA ASP C 1 21.93 59.50 -12.75
C ASP C 1 21.64 58.36 -11.76
N THR C 2 20.78 57.40 -12.16
CA THR C 2 20.40 56.25 -11.33
C THR C 2 20.54 54.91 -12.04
N LEU C 3 20.65 53.87 -11.23
CA LEU C 3 20.65 52.49 -11.67
C LEU C 3 19.87 51.66 -10.66
N CYS C 4 18.83 50.93 -11.14
CA CYS C 4 17.92 50.16 -10.27
C CYS C 4 17.98 48.69 -10.60
N ILE C 5 17.85 47.88 -9.54
CA ILE C 5 17.75 46.44 -9.66
C ILE C 5 16.32 46.01 -9.42
N GLY C 6 15.75 45.30 -10.38
CA GLY C 6 14.37 44.89 -10.26
C GLY C 6 14.12 43.51 -10.84
N TYR C 7 12.85 43.23 -11.06
CA TYR C 7 12.43 41.94 -11.57
C TYR C 7 11.21 42.04 -12.48
N HIS C 8 11.06 41.02 -13.30
CA HIS C 8 10.02 40.87 -14.32
C HIS C 8 8.61 40.88 -13.80
N ALA C 9 7.71 41.42 -14.60
CA ALA C 9 6.30 41.39 -14.31
C ALA C 9 5.54 41.28 -15.62
N ASN C 10 4.31 40.78 -15.55
CA ASN C 10 3.48 40.65 -16.73
C ASN C 10 2.01 40.72 -16.34
N ASN C 11 1.12 40.38 -17.27
CA ASN C 11 -0.35 40.39 -17.06
C ASN C 11 -0.87 38.99 -16.71
N SER C 12 -0.01 38.04 -16.25
CA SER C 12 -0.41 36.69 -15.86
C SER C 12 -1.29 36.73 -14.62
N THR C 13 -2.39 35.98 -14.67
CA THR C 13 -3.37 35.98 -13.60
C THR C 13 -3.52 34.63 -12.91
N ASP C 14 -2.69 33.65 -13.25
CA ASP C 14 -2.81 32.38 -12.56
C ASP C 14 -1.98 32.41 -11.28
N THR C 15 -2.29 31.49 -10.39
CA THR C 15 -1.65 31.48 -9.09
C THR C 15 -1.15 30.13 -8.69
N VAL C 16 -0.35 30.14 -7.65
CA VAL C 16 0.09 28.94 -7.00
C VAL C 16 -0.18 29.08 -5.53
N ASP C 17 -0.26 27.97 -4.83
CA ASP C 17 -0.37 28.08 -3.40
C ASP C 17 0.99 27.76 -2.82
N THR C 18 1.27 28.35 -1.67
CA THR C 18 2.49 27.99 -0.97
C THR C 18 2.07 27.53 0.40
N VAL C 19 2.95 26.84 1.11
CA VAL C 19 2.54 26.37 2.42
C VAL C 19 2.25 27.55 3.35
N LEU C 20 2.94 28.67 3.18
CA LEU C 20 2.67 29.84 4.03
C LEU C 20 1.51 30.70 3.54
N GLU C 21 1.39 30.90 2.24
CA GLU C 21 0.41 31.83 1.70
C GLU C 21 -0.34 31.31 0.47
N LYS C 22 -1.66 31.48 0.48
CA LYS C 22 -2.49 31.02 -0.64
C LYS C 22 -2.70 32.11 -1.70
N ASN C 23 -3.06 31.69 -2.92
CA ASN C 23 -3.38 32.58 -4.07
C ASN C 23 -2.24 33.51 -4.45
N VAL C 24 -0.99 33.01 -4.51
CA VAL C 24 0.15 33.83 -4.89
C VAL C 24 0.25 33.92 -6.40
N THR C 25 0.13 35.12 -6.95
CA THR C 25 0.15 35.27 -8.40
C THR C 25 1.58 35.26 -8.87
N VAL C 26 1.87 34.48 -9.90
CA VAL C 26 3.25 34.38 -10.38
C VAL C 26 3.34 34.66 -11.87
N THR C 27 4.54 35.00 -12.34
CA THR C 27 4.71 35.32 -13.75
C THR C 27 4.74 34.07 -14.62
N HIS C 28 5.21 32.96 -14.05
CA HIS C 28 5.29 31.70 -14.80
C HIS C 28 5.08 30.50 -13.88
N SER C 29 4.38 29.48 -14.38
CA SER C 29 4.17 28.25 -13.63
C SER C 29 3.88 27.08 -14.55
N VAL C 30 4.04 25.87 -14.03
CA VAL C 30 3.73 24.67 -14.79
C VAL C 30 2.73 23.80 -14.05
N ASN C 31 2.03 22.97 -14.81
CA ASN C 31 1.03 22.08 -14.23
C ASN C 31 1.53 20.66 -14.07
N LEU C 32 1.52 20.14 -12.85
CA LEU C 32 1.95 18.77 -12.60
C LEU C 32 0.80 17.78 -12.64
N LEU C 33 -0.41 18.30 -12.74
CA LEU C 33 -1.61 17.46 -12.66
C LEU C 33 -2.38 17.46 -13.95
N GLU C 34 -2.53 16.29 -14.54
CA GLU C 34 -3.27 16.19 -15.79
C GLU C 34 -4.75 15.94 -15.49
N ASP C 35 -5.60 16.87 -15.94
CA ASP C 35 -7.03 16.80 -15.69
C ASP C 35 -7.84 16.66 -16.97
N LYS C 36 -7.19 16.26 -18.05
CA LYS C 36 -7.86 16.10 -19.32
C LYS C 36 -7.49 14.80 -20.00
N HIS C 37 -8.35 14.37 -20.91
CA HIS C 37 -8.15 13.18 -21.71
C HIS C 37 -8.69 13.44 -23.10
N ASN C 38 -8.35 12.58 -24.07
CA ASN C 38 -8.79 12.88 -25.43
C ASN C 38 -10.17 12.32 -25.75
N GLY C 39 -10.80 11.70 -24.75
CA GLY C 39 -12.16 11.19 -24.90
C GLY C 39 -12.27 9.93 -25.76
N LYS C 40 -11.16 9.28 -26.04
CA LYS C 40 -11.20 8.10 -26.91
C LYS C 40 -10.43 6.95 -26.28
N LEU C 41 -10.83 5.71 -26.59
CA LEU C 41 -10.04 4.57 -26.13
C LEU C 41 -9.00 4.28 -27.22
N CYS C 42 -7.72 4.17 -26.82
CA CYS C 42 -6.59 4.05 -27.74
C CYS C 42 -5.84 2.71 -27.54
N LYS C 43 -4.91 2.45 -28.45
CA LYS C 43 -4.08 1.26 -28.43
C LYS C 43 -3.01 1.35 -27.36
N LEU C 44 -2.67 0.24 -26.75
CA LEU C 44 -1.56 0.20 -25.79
C LEU C 44 -0.45 -0.66 -26.33
N ARG C 45 0.78 -0.16 -26.27
CA ARG C 45 1.92 -0.90 -26.80
C ARG C 45 1.72 -1.19 -28.29
N GLY C 46 0.98 -0.31 -28.97
CA GLY C 46 0.73 -0.43 -30.40
C GLY C 46 -0.34 -1.47 -30.75
N VAL C 47 -0.98 -2.04 -29.74
CA VAL C 47 -1.95 -3.10 -29.95
C VAL C 47 -3.37 -2.71 -29.56
N ALA C 48 -4.31 -3.00 -30.45
CA ALA C 48 -5.71 -2.69 -30.26
C ALA C 48 -6.29 -3.46 -29.09
N PRO C 49 -7.33 -2.93 -28.45
CA PRO C 49 -8.16 -3.60 -27.48
C PRO C 49 -9.10 -4.56 -28.17
N LEU C 50 -9.60 -5.52 -27.42
CA LEU C 50 -10.66 -6.36 -27.90
C LEU C 50 -11.96 -5.71 -27.45
N HIS C 51 -12.78 -5.30 -28.41
CA HIS C 51 -13.99 -4.60 -28.02
C HIS C 51 -15.20 -5.50 -28.15
N LEU C 52 -15.86 -5.74 -27.03
CA LEU C 52 -17.03 -6.59 -27.02
C LEU C 52 -18.26 -5.70 -26.92
N GLY C 53 -18.78 -5.28 -28.07
CA GLY C 53 -19.83 -4.26 -28.10
C GLY C 53 -21.14 -4.66 -27.42
N LYS C 54 -21.55 -5.92 -27.57
CA LYS C 54 -22.81 -6.37 -26.99
C LYS C 54 -22.65 -7.50 -25.96
N CYS C 55 -21.62 -8.34 -26.14
CA CYS C 55 -21.29 -9.51 -25.37
C CYS C 55 -20.35 -9.19 -24.22
N ASN C 56 -20.37 -9.98 -23.18
CA ASN C 56 -19.33 -9.88 -22.18
C ASN C 56 -18.35 -11.01 -22.44
N ILE C 57 -17.32 -11.14 -21.61
CA ILE C 57 -16.34 -12.18 -21.87
C ILE C 57 -16.93 -13.59 -21.87
N ALA C 58 -17.77 -13.95 -20.91
CA ALA C 58 -18.30 -15.31 -20.94
C ALA C 58 -19.03 -15.56 -22.24
N GLY C 59 -19.79 -14.58 -22.70
CA GLY C 59 -20.52 -14.73 -23.94
C GLY C 59 -19.58 -14.97 -25.09
N TRP C 60 -18.58 -14.12 -25.19
CA TRP C 60 -17.63 -14.20 -26.28
C TRP C 60 -16.84 -15.50 -26.31
N ILE C 61 -16.34 -15.93 -25.16
CA ILE C 61 -15.50 -17.13 -25.13
C ILE C 61 -16.33 -18.40 -25.36
N LEU C 62 -17.57 -18.42 -24.88
CA LEU C 62 -18.43 -19.57 -25.08
C LEU C 62 -19.07 -19.58 -26.46
N GLY C 63 -19.25 -18.40 -27.05
CA GLY C 63 -19.87 -18.34 -28.35
C GLY C 63 -21.37 -18.10 -28.27
N ASN C 64 -21.79 -17.19 -27.39
CA ASN C 64 -23.18 -16.82 -27.32
C ASN C 64 -23.63 -16.50 -28.74
N PRO C 65 -24.82 -16.93 -29.18
CA PRO C 65 -25.37 -16.69 -30.51
C PRO C 65 -25.31 -15.23 -30.96
N GLU C 66 -25.29 -14.30 -30.02
CA GLU C 66 -25.24 -12.88 -30.37
C GLU C 66 -23.82 -12.33 -30.62
N CYS C 67 -22.77 -13.15 -30.40
CA CYS C 67 -21.37 -12.77 -30.54
C CYS C 67 -20.88 -13.18 -31.92
N GLU C 68 -21.72 -13.86 -32.68
CA GLU C 68 -21.32 -14.36 -33.99
C GLU C 68 -20.89 -13.24 -34.94
N SER C 69 -21.49 -12.07 -34.75
CA SER C 69 -21.21 -10.89 -35.56
C SER C 69 -19.83 -10.31 -35.27
N LEU C 70 -19.29 -10.63 -34.10
CA LEU C 70 -18.05 -10.05 -33.64
C LEU C 70 -16.85 -10.67 -34.33
N SER C 71 -15.94 -9.82 -34.80
CA SER C 71 -14.70 -10.27 -35.41
C SER C 71 -13.63 -10.36 -34.34
N THR C 72 -13.11 -11.55 -34.13
CA THR C 72 -12.12 -11.79 -33.10
C THR C 72 -10.74 -11.37 -33.57
N ALA C 73 -10.01 -10.69 -32.70
CA ALA C 73 -8.66 -10.27 -33.01
C ALA C 73 -7.69 -11.40 -32.71
N SER C 74 -6.56 -11.43 -33.43
CA SER C 74 -5.53 -12.42 -33.16
C SER C 74 -4.76 -12.10 -31.89
N SER C 75 -4.87 -10.86 -31.44
CA SER C 75 -4.22 -10.41 -30.21
C SER C 75 -4.91 -9.17 -29.67
N TRP C 76 -4.66 -8.85 -28.42
CA TRP C 76 -5.15 -7.61 -27.85
C TRP C 76 -4.37 -7.23 -26.62
N SER C 77 -4.36 -5.94 -26.32
CA SER C 77 -3.66 -5.46 -25.13
C SER C 77 -4.55 -5.35 -23.89
N TYR C 78 -5.84 -5.20 -24.11
CA TYR C 78 -6.80 -5.09 -23.02
C TYR C 78 -8.19 -5.39 -23.55
N ILE C 79 -9.15 -5.60 -22.65
CA ILE C 79 -10.51 -5.88 -23.07
C ILE C 79 -11.47 -4.77 -22.69
N VAL C 80 -12.32 -4.40 -23.62
CA VAL C 80 -13.32 -3.39 -23.38
C VAL C 80 -14.73 -3.94 -23.43
N GLU C 81 -15.46 -3.76 -22.35
CA GLU C 81 -16.85 -4.18 -22.26
C GLU C 81 -17.69 -2.93 -22.13
N THR C 82 -18.91 -2.96 -22.64
CA THR C 82 -19.76 -1.79 -22.53
C THR C 82 -20.64 -1.91 -21.29
N SER C 83 -21.32 -0.82 -20.93
CA SER C 83 -22.14 -0.79 -19.72
C SER C 83 -23.37 -1.66 -19.82
N ASN C 84 -23.71 -2.04 -21.06
CA ASN C 84 -24.88 -2.86 -21.34
C ASN C 84 -24.50 -4.15 -22.01
N SER C 85 -23.30 -4.65 -21.74
CA SER C 85 -22.87 -5.91 -22.33
C SER C 85 -23.48 -7.08 -21.59
N ASP C 86 -24.76 -7.30 -21.84
CA ASP C 86 -25.56 -8.31 -21.14
C ASP C 86 -25.44 -9.74 -21.69
N ASN C 87 -25.00 -9.96 -22.94
CA ASN C 87 -24.99 -11.27 -23.57
C ASN C 87 -23.82 -12.10 -23.07
N GLY C 88 -23.97 -12.78 -21.96
CA GLY C 88 -22.99 -13.64 -21.31
C GLY C 88 -23.42 -15.06 -21.49
N THR C 89 -23.60 -15.78 -20.40
CA THR C 89 -24.11 -17.11 -20.53
C THR C 89 -25.60 -16.99 -20.85
N CYS C 90 -26.11 -17.74 -21.84
CA CYS C 90 -27.47 -17.75 -22.27
C CYS C 90 -28.29 -18.92 -21.68
N PHE C 91 -27.50 -19.91 -21.19
CA PHE C 91 -28.09 -21.05 -20.52
C PHE C 91 -27.66 -20.88 -19.07
N PRO C 92 -28.56 -20.51 -18.15
CA PRO C 92 -28.29 -20.12 -16.79
C PRO C 92 -27.50 -21.17 -16.05
N GLY C 93 -26.54 -20.71 -15.26
CA GLY C 93 -25.69 -21.58 -14.49
C GLY C 93 -24.48 -20.82 -14.00
N ASP C 94 -23.60 -21.50 -13.28
CA ASP C 94 -22.40 -20.89 -12.75
C ASP C 94 -21.20 -21.09 -13.65
N PHE C 95 -20.56 -19.99 -14.01
CA PHE C 95 -19.34 -20.07 -14.77
C PHE C 95 -18.24 -20.10 -13.70
N ILE C 96 -17.56 -21.23 -13.61
CA ILE C 96 -16.62 -21.46 -12.53
C ILE C 96 -15.28 -20.81 -12.77
N ASN C 97 -14.76 -20.13 -11.75
CA ASN C 97 -13.52 -19.40 -11.86
C ASN C 97 -13.60 -18.43 -13.01
N TYR C 98 -14.75 -17.79 -13.13
CA TYR C 98 -15.00 -16.85 -14.19
C TYR C 98 -14.10 -15.66 -14.07
N GLU C 99 -13.97 -15.14 -12.87
CA GLU C 99 -13.15 -13.98 -12.64
C GLU C 99 -11.69 -14.26 -12.94
N GLU C 100 -11.22 -15.46 -12.62
CA GLU C 100 -9.84 -15.80 -12.89
C GLU C 100 -9.62 -15.88 -14.40
N LEU C 101 -10.62 -16.39 -15.12
CA LEU C 101 -10.51 -16.47 -16.58
C LEU C 101 -10.51 -15.08 -17.19
N ARG C 102 -11.38 -14.22 -16.69
CA ARG C 102 -11.49 -12.87 -17.21
C ARG C 102 -10.16 -12.17 -17.12
N GLU C 103 -9.45 -12.38 -16.02
CA GLU C 103 -8.15 -11.75 -15.88
C GLU C 103 -7.08 -12.41 -16.75
N GLN C 104 -7.09 -13.73 -16.86
CA GLN C 104 -6.07 -14.38 -17.68
C GLN C 104 -6.18 -13.99 -19.16
N LEU C 105 -7.40 -13.73 -19.63
CA LEU C 105 -7.62 -13.33 -21.00
C LEU C 105 -7.46 -11.84 -21.23
N SER C 106 -7.15 -11.08 -20.19
CA SER C 106 -7.08 -9.64 -20.30
C SER C 106 -6.03 -9.19 -21.29
N SER C 107 -4.97 -9.95 -21.46
CA SER C 107 -3.93 -9.56 -22.42
C SER C 107 -3.32 -10.78 -23.04
N VAL C 108 -3.37 -10.88 -24.36
CA VAL C 108 -2.80 -12.04 -25.02
C VAL C 108 -1.88 -11.64 -26.15
N SER C 109 -0.79 -12.39 -26.30
CA SER C 109 0.16 -12.16 -27.38
C SER C 109 -0.42 -12.71 -28.66
N SER C 110 -1.06 -13.85 -28.54
CA SER C 110 -1.71 -14.47 -29.71
C SER C 110 -2.93 -15.24 -29.28
N PHE C 111 -3.91 -15.34 -30.18
CA PHE C 111 -5.16 -16.04 -29.88
C PHE C 111 -5.80 -16.62 -31.13
N GLU C 112 -5.85 -17.94 -31.21
CA GLU C 112 -6.40 -18.63 -32.37
C GLU C 112 -7.47 -19.61 -31.98
N ARG C 113 -8.61 -19.57 -32.66
CA ARG C 113 -9.63 -20.55 -32.40
C ARG C 113 -9.43 -21.72 -33.34
N PHE C 114 -9.56 -22.94 -32.84
CA PHE C 114 -9.45 -24.11 -33.71
C PHE C 114 -10.45 -25.17 -33.29
N GLU C 115 -10.82 -26.05 -34.21
CA GLU C 115 -11.84 -27.02 -33.88
C GLU C 115 -11.20 -28.26 -33.26
N ILE C 116 -11.12 -28.24 -31.94
CA ILE C 116 -10.51 -29.29 -31.13
C ILE C 116 -11.18 -30.66 -31.27
N PHE C 117 -12.50 -30.67 -31.40
CA PHE C 117 -13.23 -31.93 -31.57
C PHE C 117 -14.24 -31.82 -32.70
N PRO C 118 -13.84 -32.06 -33.95
CA PRO C 118 -14.63 -31.85 -35.14
C PRO C 118 -16.01 -32.46 -35.01
N LYS C 119 -17.02 -31.64 -35.28
CA LYS C 119 -18.41 -32.03 -35.08
C LYS C 119 -18.81 -33.28 -35.86
N THR C 120 -18.25 -33.46 -37.04
CA THR C 120 -18.64 -34.55 -37.90
C THR C 120 -17.86 -35.86 -37.69
N SER C 121 -16.80 -35.84 -36.89
CA SER C 121 -16.02 -37.08 -36.73
C SER C 121 -15.74 -37.50 -35.29
N SER C 122 -15.87 -36.59 -34.34
CA SER C 122 -15.50 -36.90 -32.96
C SER C 122 -16.61 -37.57 -32.19
N TRP C 123 -17.86 -37.38 -32.61
CA TRP C 123 -18.96 -37.88 -31.80
C TRP C 123 -19.93 -38.75 -32.61
N PRO C 124 -19.47 -39.86 -33.22
CA PRO C 124 -20.23 -40.72 -34.12
C PRO C 124 -21.33 -41.49 -33.43
N ASN C 125 -21.25 -41.58 -32.11
CA ASN C 125 -22.21 -42.37 -31.37
C ASN C 125 -23.18 -41.50 -30.58
N HIS C 126 -23.16 -40.20 -30.81
CA HIS C 126 -24.02 -39.31 -30.05
C HIS C 126 -24.68 -38.31 -30.98
N ASP C 127 -25.85 -37.81 -30.60
CA ASP C 127 -26.55 -36.89 -31.46
C ASP C 127 -26.16 -35.45 -31.16
N SER C 128 -25.43 -34.84 -32.08
CA SER C 128 -24.89 -33.49 -31.91
C SER C 128 -25.81 -32.42 -32.50
N ASN C 129 -26.94 -32.84 -33.06
CA ASN C 129 -27.85 -31.92 -33.73
C ASN C 129 -29.10 -31.56 -32.90
N LYS C 130 -29.20 -32.09 -31.70
CA LYS C 130 -30.37 -31.82 -30.84
C LYS C 130 -30.00 -30.91 -29.69
N GLY C 131 -28.76 -30.48 -29.66
CA GLY C 131 -28.24 -29.67 -28.57
C GLY C 131 -28.66 -28.22 -28.68
N VAL C 132 -29.96 -27.95 -28.61
CA VAL C 132 -30.48 -26.60 -28.74
C VAL C 132 -31.42 -26.24 -27.61
N THR C 133 -31.63 -24.95 -27.41
CA THR C 133 -32.56 -24.48 -26.40
C THR C 133 -33.18 -23.13 -26.71
N ALA C 134 -34.35 -22.89 -26.15
CA ALA C 134 -35.06 -21.63 -26.31
C ALA C 134 -34.38 -20.53 -25.50
N ALA C 135 -33.52 -20.94 -24.59
CA ALA C 135 -32.75 -20.00 -23.78
C ALA C 135 -31.61 -19.31 -24.55
N CYS C 136 -31.21 -19.86 -25.72
CA CYS C 136 -30.10 -19.36 -26.53
C CYS C 136 -30.52 -19.21 -27.99
N PRO C 137 -31.56 -18.42 -28.28
CA PRO C 137 -32.16 -18.30 -29.59
C PRO C 137 -31.26 -17.59 -30.57
N HIS C 138 -31.40 -17.93 -31.84
CA HIS C 138 -30.71 -17.27 -32.93
C HIS C 138 -31.68 -16.94 -34.03
N ALA C 139 -31.95 -15.67 -34.23
CA ALA C 139 -32.93 -15.24 -35.22
C ALA C 139 -34.27 -15.92 -34.98
N GLY C 140 -34.61 -16.13 -33.70
CA GLY C 140 -35.88 -16.74 -33.32
C GLY C 140 -35.84 -18.28 -33.26
N ALA C 141 -34.77 -18.89 -33.75
CA ALA C 141 -34.67 -20.35 -33.77
C ALA C 141 -34.02 -20.84 -32.49
N LYS C 142 -34.35 -22.05 -32.06
CA LYS C 142 -33.64 -22.63 -30.94
C LYS C 142 -32.21 -22.86 -31.35
N SER C 143 -31.28 -22.55 -30.47
CA SER C 143 -29.87 -22.74 -30.81
C SER C 143 -29.04 -22.94 -29.57
N PHE C 144 -27.74 -22.76 -29.69
CA PHE C 144 -26.84 -23.00 -28.58
C PHE C 144 -25.52 -22.28 -28.79
N TYR C 145 -24.63 -22.41 -27.84
CA TYR C 145 -23.33 -21.78 -27.93
C TYR C 145 -22.61 -22.31 -29.15
N LYS C 146 -21.88 -21.45 -29.82
CA LYS C 146 -21.15 -21.84 -31.01
C LYS C 146 -19.90 -22.66 -30.72
N ASN C 147 -19.28 -22.47 -29.56
CA ASN C 147 -18.04 -23.18 -29.32
C ASN C 147 -18.24 -24.49 -28.56
N LEU C 148 -19.49 -24.81 -28.23
CA LEU C 148 -19.83 -26.02 -27.48
C LEU C 148 -20.84 -26.90 -28.20
N ILE C 149 -20.75 -28.20 -27.98
CA ILE C 149 -21.77 -29.13 -28.47
C ILE C 149 -22.45 -29.85 -27.34
N TRP C 150 -23.76 -29.75 -27.30
CA TRP C 150 -24.53 -30.42 -26.30
C TRP C 150 -25.02 -31.73 -26.89
N LEU C 151 -24.45 -32.83 -26.42
CA LEU C 151 -24.76 -34.14 -26.97
C LEU C 151 -25.98 -34.75 -26.31
N VAL C 152 -26.81 -35.37 -27.14
CA VAL C 152 -28.04 -36.01 -26.71
C VAL C 152 -28.02 -37.49 -27.10
N LYS C 153 -28.71 -38.32 -26.34
CA LYS C 153 -28.76 -39.75 -26.60
C LYS C 153 -29.23 -40.01 -28.02
N LYS C 154 -28.63 -41.01 -28.66
CA LYS C 154 -28.92 -41.34 -30.05
C LYS C 154 -29.48 -42.74 -30.17
N GLY C 155 -30.74 -42.85 -30.55
CA GLY C 155 -31.37 -44.16 -30.64
C GLY C 155 -31.69 -44.72 -29.26
N ASN C 156 -32.03 -43.84 -28.33
CA ASN C 156 -32.33 -44.20 -26.95
C ASN C 156 -31.15 -44.91 -26.29
N SER C 157 -29.95 -44.42 -26.57
CA SER C 157 -28.74 -44.97 -25.99
C SER C 157 -27.68 -43.90 -25.86
N TYR C 158 -26.96 -43.92 -24.75
CA TYR C 158 -25.87 -42.98 -24.54
C TYR C 158 -24.63 -43.75 -24.13
N PRO C 159 -23.87 -44.28 -25.07
CA PRO C 159 -22.74 -45.15 -24.84
C PRO C 159 -21.65 -44.33 -24.23
N LYS C 160 -20.76 -44.96 -23.48
CA LYS C 160 -19.70 -44.19 -22.88
C LYS C 160 -18.94 -43.40 -23.92
N LEU C 161 -18.78 -42.13 -23.61
CA LEU C 161 -18.07 -41.16 -24.39
C LEU C 161 -16.63 -41.13 -23.93
N ASN C 162 -15.71 -41.31 -24.85
CA ASN C 162 -14.30 -41.27 -24.47
C ASN C 162 -13.45 -40.64 -25.57
N GLN C 163 -13.11 -39.36 -25.38
CA GLN C 163 -12.30 -38.61 -26.33
C GLN C 163 -11.22 -37.82 -25.63
N SER C 164 -10.13 -37.57 -26.34
CA SER C 164 -9.04 -36.81 -25.77
C SER C 164 -8.36 -35.96 -26.81
N TYR C 165 -7.68 -34.93 -26.34
CA TYR C 165 -6.92 -34.05 -27.19
C TYR C 165 -5.51 -33.89 -26.69
N ILE C 166 -4.56 -34.04 -27.59
CA ILE C 166 -3.16 -33.87 -27.24
C ILE C 166 -2.68 -32.54 -27.75
N ASN C 167 -2.11 -31.75 -26.86
CA ASN C 167 -1.74 -30.41 -27.25
C ASN C 167 -0.44 -30.40 -28.02
N ASP C 168 -0.55 -30.40 -29.34
CA ASP C 168 0.59 -30.41 -30.22
C ASP C 168 0.99 -29.00 -30.64
N LYS C 169 0.42 -28.01 -29.96
CA LYS C 169 0.72 -26.62 -30.21
C LYS C 169 1.90 -26.23 -29.32
N GLY C 170 2.59 -25.15 -29.67
CA GLY C 170 3.67 -24.68 -28.81
C GLY C 170 3.15 -23.73 -27.73
N LYS C 171 1.85 -23.52 -27.74
CA LYS C 171 1.19 -22.60 -26.83
C LYS C 171 0.12 -23.32 -26.02
N GLU C 172 -0.28 -22.70 -24.92
CA GLU C 172 -1.32 -23.25 -24.05
C GLU C 172 -2.65 -23.27 -24.74
N VAL C 173 -3.44 -24.30 -24.47
CA VAL C 173 -4.77 -24.36 -25.05
C VAL C 173 -5.85 -24.23 -23.99
N LEU C 174 -6.76 -23.31 -24.22
CA LEU C 174 -7.88 -23.11 -23.33
C LEU C 174 -9.07 -23.91 -23.80
N VAL C 175 -9.48 -24.84 -22.98
CA VAL C 175 -10.58 -25.71 -23.32
C VAL C 175 -11.73 -25.47 -22.38
N LEU C 176 -12.92 -25.27 -22.93
CA LEU C 176 -14.09 -25.03 -22.12
C LEU C 176 -15.13 -26.11 -22.38
N TRP C 177 -15.87 -26.44 -21.35
CA TRP C 177 -16.93 -27.44 -21.44
C TRP C 177 -17.96 -27.13 -20.39
N GLY C 178 -19.06 -27.86 -20.39
CA GLY C 178 -20.04 -27.61 -19.35
C GLY C 178 -20.72 -28.87 -18.89
N ILE C 179 -21.45 -28.75 -17.79
CA ILE C 179 -22.17 -29.86 -17.22
C ILE C 179 -23.64 -29.50 -17.17
N HIS C 180 -24.50 -30.36 -17.69
CA HIS C 180 -25.92 -30.07 -17.70
C HIS C 180 -26.60 -30.68 -16.49
N HIS C 181 -27.50 -29.92 -15.89
CA HIS C 181 -28.25 -30.33 -14.73
C HIS C 181 -29.75 -30.16 -14.93
N PRO C 182 -30.43 -31.20 -15.43
CA PRO C 182 -31.84 -31.24 -15.76
C PRO C 182 -32.67 -30.93 -14.54
N SER C 183 -33.87 -30.38 -14.75
CA SER C 183 -34.73 -30.04 -13.63
C SER C 183 -35.40 -31.26 -13.01
N THR C 184 -35.62 -32.31 -13.80
CA THR C 184 -36.25 -33.52 -13.31
C THR C 184 -35.52 -34.77 -13.77
N THR C 185 -35.82 -35.91 -13.13
CA THR C 185 -35.28 -37.18 -13.58
C THR C 185 -35.79 -37.49 -14.97
N ALA C 186 -37.04 -37.16 -15.24
CA ALA C 186 -37.62 -37.42 -16.53
C ALA C 186 -36.80 -36.77 -17.64
N ASP C 187 -36.27 -35.58 -17.39
CA ASP C 187 -35.46 -34.92 -18.41
C ASP C 187 -34.11 -35.60 -18.52
N GLN C 188 -33.56 -36.00 -17.38
CA GLN C 188 -32.29 -36.70 -17.39
C GLN C 188 -32.37 -37.93 -18.28
N GLN C 189 -33.47 -38.66 -18.18
CA GLN C 189 -33.63 -39.84 -19.01
C GLN C 189 -33.94 -39.47 -20.46
N SER C 190 -34.73 -38.42 -20.67
CA SER C 190 -35.07 -38.02 -22.03
C SER C 190 -33.83 -37.62 -22.82
N LEU C 191 -32.88 -36.98 -22.16
CA LEU C 191 -31.67 -36.55 -22.84
C LEU C 191 -30.52 -37.55 -22.81
N TYR C 192 -30.32 -38.24 -21.69
CA TYR C 192 -29.11 -39.05 -21.58
C TYR C 192 -29.33 -40.54 -21.35
N GLN C 193 -30.57 -41.00 -21.20
CA GLN C 193 -30.91 -42.42 -21.01
C GLN C 193 -30.48 -43.07 -19.69
N ASN C 194 -29.22 -42.88 -19.30
CA ASN C 194 -28.56 -43.59 -18.22
C ASN C 194 -29.04 -43.27 -16.81
N ALA C 195 -29.59 -42.08 -16.62
CA ALA C 195 -30.08 -41.61 -15.32
C ALA C 195 -28.93 -41.34 -14.36
N ASP C 196 -28.26 -42.38 -13.89
CA ASP C 196 -27.13 -42.19 -12.97
C ASP C 196 -25.86 -41.94 -13.77
N ALA C 197 -25.80 -40.78 -14.38
CA ALA C 197 -24.69 -40.41 -15.24
C ALA C 197 -23.60 -39.72 -14.45
N TYR C 198 -22.40 -39.73 -15.00
CA TYR C 198 -21.31 -38.97 -14.44
C TYR C 198 -20.42 -38.43 -15.55
N VAL C 199 -19.66 -37.41 -15.22
CA VAL C 199 -18.69 -36.83 -16.13
C VAL C 199 -17.33 -36.73 -15.48
N PHE C 200 -16.30 -37.13 -16.19
CA PHE C 200 -14.96 -36.96 -15.68
C PHE C 200 -14.06 -36.23 -16.66
N VAL C 201 -13.33 -35.24 -16.18
CA VAL C 201 -12.41 -34.52 -17.03
C VAL C 201 -11.05 -34.39 -16.35
N GLY C 202 -9.97 -34.59 -17.12
CA GLY C 202 -8.66 -34.38 -16.50
C GLY C 202 -7.47 -34.19 -17.44
N THR C 203 -6.43 -33.57 -16.88
CA THR C 203 -5.14 -33.26 -17.50
C THR C 203 -4.05 -33.60 -16.48
N SER C 204 -2.78 -33.39 -16.79
CA SER C 204 -1.75 -33.80 -15.84
C SER C 204 -1.84 -33.11 -14.48
N ARG C 205 -2.39 -31.89 -14.43
CA ARG C 205 -2.53 -31.19 -13.16
C ARG C 205 -3.98 -30.90 -12.83
N TYR C 206 -4.91 -31.64 -13.40
CA TYR C 206 -6.32 -31.39 -13.15
C TYR C 206 -7.13 -32.66 -13.23
N SER C 207 -7.99 -32.88 -12.26
CA SER C 207 -8.82 -34.06 -12.30
C SER C 207 -10.07 -33.87 -11.50
N LYS C 208 -11.22 -33.94 -12.14
CA LYS C 208 -12.43 -33.78 -11.40
C LYS C 208 -13.58 -34.61 -11.93
N LYS C 209 -14.31 -35.22 -11.02
CA LYS C 209 -15.51 -35.95 -11.34
C LYS C 209 -16.72 -35.09 -11.02
N PHE C 210 -17.70 -35.10 -11.91
CA PHE C 210 -18.91 -34.33 -11.72
C PHE C 210 -20.09 -35.28 -11.72
N LYS C 211 -21.12 -34.93 -10.96
CA LYS C 211 -22.37 -35.67 -11.05
C LYS C 211 -23.49 -34.68 -11.28
N PRO C 212 -24.54 -35.05 -12.01
CA PRO C 212 -25.74 -34.28 -12.20
C PRO C 212 -26.40 -34.00 -10.86
N GLU C 213 -26.83 -32.76 -10.68
CA GLU C 213 -27.55 -32.35 -9.50
C GLU C 213 -28.95 -32.01 -9.95
N ILE C 214 -29.84 -32.98 -9.82
CA ILE C 214 -31.16 -32.86 -10.40
C ILE C 214 -32.20 -32.41 -9.38
N ALA C 215 -32.74 -31.24 -9.64
CA ALA C 215 -33.74 -30.62 -8.81
C ALA C 215 -34.42 -29.53 -9.61
N THR C 216 -35.65 -29.19 -9.26
CA THR C 216 -36.31 -28.10 -9.95
C THR C 216 -35.83 -26.78 -9.39
N ARG C 217 -35.46 -25.85 -10.26
CA ARG C 217 -35.01 -24.55 -9.81
C ARG C 217 -35.93 -23.47 -10.34
N PRO C 218 -35.89 -22.25 -9.76
CA PRO C 218 -36.59 -21.09 -10.24
C PRO C 218 -36.22 -20.89 -11.70
N LYS C 219 -37.20 -20.50 -12.51
CA LYS C 219 -36.89 -20.32 -13.91
C LYS C 219 -36.06 -19.11 -14.17
N VAL C 220 -35.01 -19.30 -14.93
CA VAL C 220 -34.19 -18.21 -15.42
C VAL C 220 -34.13 -18.37 -16.92
N ARG C 221 -34.54 -17.35 -17.66
CA ARG C 221 -34.59 -17.47 -19.11
C ARG C 221 -35.39 -18.72 -19.52
N ASP C 222 -36.47 -18.96 -18.80
CA ASP C 222 -37.40 -20.07 -19.02
C ASP C 222 -36.75 -21.45 -18.83
N GLN C 223 -35.66 -21.53 -18.10
CA GLN C 223 -35.04 -22.82 -17.81
C GLN C 223 -35.18 -23.20 -16.35
N GLU C 224 -35.70 -24.39 -16.10
CA GLU C 224 -35.85 -24.90 -14.73
C GLU C 224 -34.62 -25.67 -14.30
N GLY C 225 -33.69 -25.84 -15.23
CA GLY C 225 -32.46 -26.56 -14.98
C GLY C 225 -31.31 -25.58 -15.09
N ARG C 226 -30.09 -26.09 -14.99
CA ARG C 226 -28.91 -25.24 -15.05
C ARG C 226 -27.78 -25.88 -15.83
N MET C 227 -26.88 -25.07 -16.34
CA MET C 227 -25.70 -25.59 -17.02
C MET C 227 -24.47 -24.86 -16.54
N ASN C 228 -23.56 -25.59 -15.92
CA ASN C 228 -22.36 -24.95 -15.37
C ASN C 228 -21.24 -24.98 -16.39
N TYR C 229 -20.33 -24.03 -16.28
CA TYR C 229 -19.24 -23.99 -17.24
C TYR C 229 -17.91 -24.10 -16.54
N TYR C 230 -17.04 -24.89 -17.12
CA TYR C 230 -15.72 -25.14 -16.59
C TYR C 230 -14.68 -24.92 -17.65
N TRP C 231 -13.46 -24.65 -17.22
CA TRP C 231 -12.39 -24.47 -18.17
C TRP C 231 -11.06 -24.84 -17.56
N THR C 232 -10.11 -25.15 -18.42
CA THR C 232 -8.75 -25.39 -17.96
C THR C 232 -7.77 -25.09 -19.05
N LEU C 233 -6.55 -24.78 -18.67
CA LEU C 233 -5.52 -24.62 -19.67
C LEU C 233 -4.76 -25.92 -19.78
N VAL C 234 -4.42 -26.28 -21.00
CA VAL C 234 -3.65 -27.48 -21.25
C VAL C 234 -2.23 -27.09 -21.67
N GLU C 235 -1.25 -27.49 -20.89
CA GLU C 235 0.12 -27.15 -21.20
C GLU C 235 0.54 -27.84 -22.49
N PRO C 236 1.44 -27.28 -23.29
CA PRO C 236 1.99 -27.89 -24.46
C PRO C 236 2.54 -29.25 -24.10
N GLY C 237 2.20 -30.27 -24.88
CA GLY C 237 2.69 -31.62 -24.66
C GLY C 237 1.75 -32.44 -23.78
N ASP C 238 0.78 -31.80 -23.14
CA ASP C 238 -0.14 -32.53 -22.27
C ASP C 238 -1.36 -33.02 -23.02
N LYS C 239 -2.24 -33.71 -22.32
CA LYS C 239 -3.46 -34.23 -22.90
C LYS C 239 -4.66 -33.94 -22.02
N ILE C 240 -5.80 -33.66 -22.63
CA ILE C 240 -7.04 -33.51 -21.88
C ILE C 240 -7.99 -34.63 -22.24
N THR C 241 -8.53 -35.29 -21.22
CA THR C 241 -9.41 -36.42 -21.45
C THR C 241 -10.82 -36.19 -20.95
N PHE C 242 -11.78 -36.44 -21.82
CA PHE C 242 -13.20 -36.34 -21.50
C PHE C 242 -13.87 -37.70 -21.52
N GLU C 243 -14.31 -38.14 -20.35
CA GLU C 243 -14.98 -39.43 -20.19
C GLU C 243 -16.36 -39.21 -19.60
N ALA C 244 -17.41 -39.67 -20.27
CA ALA C 244 -18.73 -39.38 -19.72
C ALA C 244 -19.80 -40.38 -20.12
N THR C 245 -20.82 -40.48 -19.28
CA THR C 245 -21.97 -41.32 -19.57
C THR C 245 -23.19 -40.44 -19.75
N GLY C 246 -22.98 -39.14 -19.79
CA GLY C 246 -24.07 -38.21 -19.97
C GLY C 246 -23.81 -36.90 -19.25
N ASN C 247 -24.61 -35.90 -19.60
CA ASN C 247 -24.58 -34.56 -19.02
C ASN C 247 -23.33 -33.77 -19.34
N LEU C 248 -22.55 -34.22 -20.29
CA LEU C 248 -21.39 -33.45 -20.69
C LEU C 248 -21.62 -32.67 -21.96
N VAL C 249 -21.37 -31.38 -21.88
CA VAL C 249 -21.41 -30.51 -23.03
C VAL C 249 -19.98 -30.40 -23.48
N VAL C 250 -19.67 -30.95 -24.64
CA VAL C 250 -18.29 -31.09 -25.04
C VAL C 250 -17.79 -29.87 -25.76
N PRO C 251 -16.50 -29.57 -25.71
CA PRO C 251 -15.89 -28.50 -26.46
C PRO C 251 -16.03 -28.81 -27.92
N ARG C 252 -16.19 -27.79 -28.74
CA ARG C 252 -16.14 -27.97 -30.18
C ARG C 252 -14.92 -27.24 -30.64
N TYR C 253 -14.82 -26.01 -30.16
CA TYR C 253 -13.68 -25.16 -30.44
C TYR C 253 -12.91 -24.90 -29.17
N ALA C 254 -11.62 -24.69 -29.33
CA ALA C 254 -10.74 -24.39 -28.22
C ALA C 254 -9.79 -23.32 -28.67
N PHE C 255 -9.17 -22.63 -27.74
CA PHE C 255 -8.34 -21.53 -28.14
C PHE C 255 -6.88 -21.75 -27.85
N THR C 256 -6.05 -21.58 -28.86
CA THR C 256 -4.62 -21.67 -28.67
C THR C 256 -4.18 -20.27 -28.38
N MET C 257 -3.57 -20.06 -27.23
CA MET C 257 -3.23 -18.71 -26.89
C MET C 257 -2.03 -18.60 -25.99
N GLU C 258 -1.40 -17.44 -26.04
CA GLU C 258 -0.29 -17.15 -25.16
C GLU C 258 -0.62 -15.92 -24.36
N ARG C 259 -0.60 -16.07 -23.05
CA ARG C 259 -0.91 -14.99 -22.13
C ARG C 259 0.22 -13.99 -22.10
N ASN C 260 -0.10 -12.71 -22.21
CA ASN C 260 0.92 -11.68 -22.25
C ASN C 260 1.00 -10.87 -20.98
N ALA C 261 1.94 -11.20 -20.11
CA ALA C 261 2.06 -10.47 -18.86
C ALA C 261 0.74 -10.45 -18.12
N GLY C 262 -0.02 -9.38 -18.33
CA GLY C 262 -1.30 -9.19 -17.68
C GLY C 262 -1.73 -7.74 -17.75
N SER C 263 -3.02 -7.53 -17.94
CA SER C 263 -3.59 -6.20 -18.02
C SER C 263 -4.91 -6.19 -17.32
N GLY C 264 -5.91 -5.58 -17.93
CA GLY C 264 -7.20 -5.53 -17.27
C GLY C 264 -8.36 -5.33 -18.21
N ILE C 265 -9.52 -5.12 -17.61
CA ILE C 265 -10.75 -4.95 -18.33
C ILE C 265 -11.34 -3.60 -18.02
N ILE C 266 -11.70 -2.88 -19.05
CA ILE C 266 -12.30 -1.58 -18.91
C ILE C 266 -13.76 -1.64 -19.27
N ILE C 267 -14.59 -1.11 -18.38
CA ILE C 267 -16.01 -1.04 -18.68
C ILE C 267 -16.34 0.39 -19.02
N SER C 268 -16.73 0.61 -20.26
CA SER C 268 -16.95 1.95 -20.73
C SER C 268 -17.78 1.99 -22.00
N ASP C 269 -18.57 3.06 -22.15
CA ASP C 269 -19.33 3.24 -23.38
C ASP C 269 -18.56 4.13 -24.36
N THR C 270 -17.33 4.48 -23.99
CA THR C 270 -16.45 5.30 -24.79
C THR C 270 -15.96 4.47 -25.98
N PRO C 271 -16.03 4.98 -27.22
CA PRO C 271 -15.65 4.29 -28.44
C PRO C 271 -14.16 4.09 -28.59
N VAL C 272 -13.82 3.04 -29.35
CA VAL C 272 -12.44 2.74 -29.72
C VAL C 272 -12.05 3.47 -31.00
N HIS C 273 -10.92 4.14 -30.96
CA HIS C 273 -10.44 4.91 -32.12
C HIS C 273 -9.01 4.51 -32.47
N ASP C 274 -8.63 4.73 -33.72
CA ASP C 274 -7.27 4.39 -34.13
C ASP C 274 -6.28 5.48 -33.72
N CYS C 275 -5.80 5.37 -32.47
CA CYS C 275 -4.91 6.30 -31.79
C CYS C 275 -3.99 5.53 -30.88
N ASN C 276 -2.91 6.14 -30.45
CA ASN C 276 -1.95 5.49 -29.56
C ASN C 276 -1.91 6.18 -28.21
N THR C 277 -1.73 5.41 -27.12
CA THR C 277 -1.47 5.96 -25.79
C THR C 277 -0.60 5.05 -24.97
N THR C 278 -0.09 5.57 -23.87
CA THR C 278 0.64 4.74 -22.91
C THR C 278 -0.16 4.54 -21.59
N CYS C 279 -1.33 5.19 -21.46
CA CYS C 279 -2.19 5.18 -20.28
C CYS C 279 -3.66 5.23 -20.68
N GLN C 280 -4.36 4.16 -20.50
CA GLN C 280 -5.76 4.09 -20.87
C GLN C 280 -6.70 4.19 -19.69
N THR C 281 -7.50 5.24 -19.67
CA THR C 281 -8.46 5.47 -18.61
C THR C 281 -9.85 5.18 -19.19
N PRO C 282 -10.79 4.61 -18.42
CA PRO C 282 -12.17 4.36 -18.81
C PRO C 282 -12.88 5.58 -19.41
N GLU C 283 -12.44 6.78 -19.05
CA GLU C 283 -13.07 7.99 -19.55
C GLU C 283 -12.42 8.50 -20.83
N GLY C 284 -11.33 7.86 -21.25
CA GLY C 284 -10.56 8.28 -22.41
C GLY C 284 -9.07 8.28 -22.11
N ALA C 285 -8.25 8.07 -23.12
CA ALA C 285 -6.80 7.97 -22.96
C ALA C 285 -6.17 9.26 -22.46
N ILE C 286 -5.14 9.10 -21.64
CA ILE C 286 -4.37 10.20 -21.08
C ILE C 286 -3.03 10.34 -21.81
N ASN C 287 -2.73 11.53 -22.34
CA ASN C 287 -1.55 11.83 -23.11
C ASN C 287 -0.71 12.92 -22.40
N THR C 288 0.17 12.48 -21.48
CA THR C 288 0.97 13.40 -20.67
C THR C 288 2.18 12.71 -20.10
N SER C 289 3.19 13.50 -19.74
CA SER C 289 4.35 12.98 -19.04
C SER C 289 4.34 13.41 -17.58
N LEU C 290 3.26 14.06 -17.17
CA LEU C 290 3.15 14.59 -15.83
C LEU C 290 2.97 13.45 -14.83
N PRO C 291 3.48 13.59 -13.60
CA PRO C 291 3.45 12.61 -12.54
C PRO C 291 2.08 12.32 -11.95
N PHE C 292 1.13 13.25 -12.05
CA PHE C 292 -0.15 13.01 -11.43
C PHE C 292 -1.33 13.26 -12.37
N GLN C 293 -2.43 12.58 -12.10
CA GLN C 293 -3.69 12.83 -12.80
C GLN C 293 -4.85 12.78 -11.82
N ASN C 294 -5.91 13.49 -12.12
CA ASN C 294 -7.10 13.46 -11.27
C ASN C 294 -8.33 13.14 -12.08
N ILE C 295 -8.15 12.28 -13.07
CA ILE C 295 -9.22 11.90 -13.97
C ILE C 295 -9.94 10.68 -13.46
N HIS C 296 -9.21 9.63 -13.11
CA HIS C 296 -9.86 8.41 -12.67
C HIS C 296 -8.88 7.52 -11.90
N PRO C 297 -9.30 6.84 -10.83
CA PRO C 297 -8.50 5.90 -10.07
C PRO C 297 -8.14 4.61 -10.79
N ILE C 298 -8.89 4.21 -11.81
CA ILE C 298 -8.60 2.94 -12.46
C ILE C 298 -8.08 3.09 -13.87
N THR C 299 -6.80 2.86 -14.07
CA THR C 299 -6.22 3.04 -15.39
C THR C 299 -5.30 1.88 -15.76
N ILE C 300 -5.12 1.65 -17.06
CA ILE C 300 -4.21 0.62 -17.53
C ILE C 300 -3.03 1.19 -18.29
N GLY C 301 -1.82 0.94 -17.81
CA GLY C 301 -0.65 1.42 -18.52
C GLY C 301 0.36 2.08 -17.60
N LYS C 302 1.33 2.78 -18.20
CA LYS C 302 2.34 3.48 -17.41
C LYS C 302 1.76 4.83 -17.05
N CYS C 303 0.76 4.80 -16.17
CA CYS C 303 -0.07 5.94 -15.83
C CYS C 303 0.49 6.80 -14.71
N PRO C 304 0.20 8.10 -14.73
CA PRO C 304 0.40 9.05 -13.67
C PRO C 304 -0.37 8.58 -12.45
N LYS C 305 0.11 8.94 -11.28
CA LYS C 305 -0.56 8.49 -10.07
C LYS C 305 -1.84 9.27 -9.88
N TYR C 306 -2.88 8.57 -9.45
CA TYR C 306 -4.14 9.25 -9.24
C TYR C 306 -4.15 9.99 -7.92
N VAL C 307 -4.53 11.25 -7.97
CA VAL C 307 -4.68 12.06 -6.78
C VAL C 307 -6.06 12.67 -6.81
N LYS C 308 -6.58 13.04 -5.65
CA LYS C 308 -7.90 13.64 -5.60
C LYS C 308 -7.84 15.14 -5.46
N SER C 309 -6.65 15.68 -5.64
CA SER C 309 -6.44 17.10 -5.63
C SER C 309 -7.00 17.67 -6.90
N THR C 310 -7.19 18.97 -6.95
CA THR C 310 -7.71 19.58 -8.15
C THR C 310 -6.70 20.48 -8.83
N LYS C 311 -5.65 20.86 -8.09
CA LYS C 311 -4.72 21.83 -8.62
C LYS C 311 -3.31 21.66 -8.06
N LEU C 312 -2.38 21.26 -8.91
CA LEU C 312 -0.99 21.10 -8.52
C LEU C 312 -0.13 21.97 -9.42
N ARG C 313 -0.14 23.28 -9.15
CA ARG C 313 0.60 24.23 -9.95
C ARG C 313 1.94 24.49 -9.31
N LEU C 314 3.00 24.20 -10.03
CA LEU C 314 4.34 24.35 -9.52
C LEU C 314 4.96 25.62 -10.09
N ALA C 315 5.27 26.56 -9.21
CA ALA C 315 5.79 27.85 -9.63
C ALA C 315 7.15 27.69 -10.26
N THR C 316 7.41 28.45 -11.30
CA THR C 316 8.75 28.47 -11.84
C THR C 316 9.26 29.88 -11.80
N GLY C 317 8.34 30.82 -11.91
CA GLY C 317 8.68 32.23 -11.97
C GLY C 317 8.58 32.88 -10.61
N LEU C 318 8.71 34.19 -10.62
CA LEU C 318 8.67 35.00 -9.42
C LEU C 318 7.31 35.65 -9.25
N ARG C 319 7.07 36.27 -8.10
CA ARG C 319 5.76 36.83 -7.83
C ARG C 319 5.44 37.92 -8.84
N ASN C 320 4.24 37.89 -9.38
CA ASN C 320 3.84 38.90 -10.34
C ASN C 320 3.17 40.03 -9.60
N VAL C 321 3.93 41.07 -9.29
CA VAL C 321 3.41 42.18 -8.50
C VAL C 321 3.66 43.54 -9.17
N PRO C 322 2.76 44.03 -10.07
CA PRO C 322 2.87 45.31 -10.78
C PRO C 322 3.12 46.48 -9.82
N ILE C 337 12.75 46.97 -3.01
CA ILE C 337 12.11 46.99 -4.33
C ILE C 337 10.59 47.00 -4.11
N GLU C 338 9.92 48.05 -4.60
CA GLU C 338 8.48 48.28 -4.46
C GLU C 338 7.61 47.30 -5.24
N GLY C 339 8.08 46.87 -6.42
CA GLY C 339 7.31 45.98 -7.27
C GLY C 339 8.07 45.62 -8.54
N GLY C 340 7.44 44.84 -9.40
CA GLY C 340 8.09 44.39 -10.63
C GLY C 340 7.94 45.39 -11.76
N TRP C 341 8.69 45.15 -12.82
CA TRP C 341 8.71 45.97 -14.01
C TRP C 341 8.08 45.27 -15.18
N THR C 342 6.92 45.73 -15.62
CA THR C 342 6.24 45.04 -16.70
C THR C 342 6.93 45.29 -18.03
N GLY C 343 7.80 46.29 -18.09
CA GLY C 343 8.52 46.60 -19.31
C GLY C 343 9.79 45.77 -19.50
N MET C 344 10.21 45.01 -18.48
CA MET C 344 11.45 44.26 -18.63
C MET C 344 11.17 42.88 -19.21
N VAL C 345 10.77 42.89 -20.46
CA VAL C 345 10.28 41.69 -21.12
C VAL C 345 11.36 40.68 -21.51
N ASP C 346 12.63 41.08 -21.47
CA ASP C 346 13.69 40.20 -21.91
C ASP C 346 14.32 39.33 -20.82
N GLY C 347 13.78 39.33 -19.60
CA GLY C 347 14.32 38.42 -18.60
C GLY C 347 13.75 38.62 -17.21
N TRP C 348 13.96 37.62 -16.35
CA TRP C 348 13.45 37.65 -14.98
C TRP C 348 14.09 38.71 -14.11
N TYR C 349 15.39 38.87 -14.20
CA TYR C 349 16.03 39.84 -13.33
C TYR C 349 16.76 40.81 -14.21
N GLY C 350 16.90 42.04 -13.77
CA GLY C 350 17.64 42.98 -14.60
C GLY C 350 17.71 44.37 -14.04
N TYR C 351 18.15 45.28 -14.90
CA TYR C 351 18.42 46.63 -14.50
C TYR C 351 17.63 47.66 -15.28
N HIS C 352 17.40 48.78 -14.62
CA HIS C 352 16.85 49.96 -15.25
C HIS C 352 17.79 51.11 -14.99
N HIS C 353 18.01 51.94 -15.99
CA HIS C 353 18.90 53.06 -15.77
C HIS C 353 18.34 54.33 -16.36
N GLN C 354 18.81 55.44 -15.81
CA GLN C 354 18.47 56.75 -16.34
C GLN C 354 19.59 57.74 -16.13
N ASN C 355 20.00 58.37 -17.22
CA ASN C 355 21.02 59.42 -17.18
C ASN C 355 20.65 60.49 -18.21
N GLU C 356 21.61 61.32 -18.58
CA GLU C 356 21.34 62.41 -19.51
C GLU C 356 21.39 61.97 -20.98
N GLN C 357 21.76 60.72 -21.22
CA GLN C 357 21.88 60.19 -22.56
C GLN C 357 20.63 59.43 -22.96
N GLY C 358 20.04 58.74 -21.99
CA GLY C 358 18.86 57.93 -22.24
C GLY C 358 18.46 57.11 -21.01
N SER C 359 17.47 56.25 -21.20
CA SER C 359 16.98 55.41 -20.13
C SER C 359 16.29 54.18 -20.68
N GLY C 360 16.09 53.18 -19.83
CA GLY C 360 15.36 51.99 -20.25
C GLY C 360 15.72 50.76 -19.43
N TYR C 361 15.24 49.61 -19.90
CA TYR C 361 15.45 48.35 -19.20
C TYR C 361 16.37 47.43 -19.97
N ALA C 362 17.11 46.60 -19.25
CA ALA C 362 17.88 45.52 -19.84
C ALA C 362 18.01 44.37 -18.86
N ALA C 363 17.76 43.15 -19.33
CA ALA C 363 17.85 41.99 -18.46
C ALA C 363 19.29 41.67 -18.10
N ASP C 364 19.46 41.07 -16.93
CA ASP C 364 20.75 40.53 -16.52
C ASP C 364 20.78 39.10 -17.01
N LEU C 365 21.41 38.89 -18.16
CA LEU C 365 21.31 37.60 -18.81
C LEU C 365 22.00 36.49 -18.04
N LYS C 366 23.11 36.79 -17.39
CA LYS C 366 23.82 35.74 -16.68
C LYS C 366 22.99 35.22 -15.52
N SER C 367 22.46 36.13 -14.71
CA SER C 367 21.66 35.75 -13.56
C SER C 367 20.35 35.11 -13.99
N THR C 368 19.71 35.69 -15.00
CA THR C 368 18.44 35.18 -15.46
C THR C 368 18.59 33.78 -16.02
N GLN C 369 19.59 33.55 -16.86
CA GLN C 369 19.73 32.23 -17.43
C GLN C 369 20.07 31.22 -16.36
N ASN C 370 20.87 31.62 -15.39
CA ASN C 370 21.23 30.73 -14.31
C ASN C 370 19.99 30.26 -13.58
N ALA C 371 19.13 31.21 -13.22
CA ALA C 371 17.90 30.88 -12.53
C ALA C 371 17.00 30.02 -13.39
N ILE C 372 16.96 30.29 -14.69
CA ILE C 372 16.12 29.49 -15.56
C ILE C 372 16.61 28.06 -15.61
N ASP C 373 17.91 27.86 -15.77
CA ASP C 373 18.41 26.51 -15.88
C ASP C 373 18.18 25.74 -14.60
N LYS C 374 18.37 26.38 -13.45
CA LYS C 374 18.20 25.68 -12.19
C LYS C 374 16.74 25.37 -11.90
N ILE C 375 15.85 26.30 -12.18
CA ILE C 375 14.44 26.05 -11.96
C ILE C 375 13.89 25.05 -12.97
N THR C 376 14.30 25.14 -14.22
CA THR C 376 13.82 24.21 -15.22
C THR C 376 14.24 22.80 -14.84
N ASN C 377 15.49 22.65 -14.43
CA ASN C 377 15.98 21.35 -14.01
C ASN C 377 15.20 20.86 -12.80
N LYS C 378 14.83 21.78 -11.90
CA LYS C 378 14.05 21.43 -10.73
C LYS C 378 12.69 20.86 -11.10
N VAL C 379 12.02 21.49 -12.04
CA VAL C 379 10.73 21.01 -12.49
C VAL C 379 10.87 19.65 -13.10
N ASN C 380 11.91 19.47 -13.90
CA ASN C 380 12.16 18.20 -14.53
C ASN C 380 12.48 17.14 -13.49
N SER C 381 13.10 17.52 -12.38
CA SER C 381 13.40 16.55 -11.34
C SER C 381 12.12 15.96 -10.77
N VAL C 382 11.15 16.82 -10.49
CA VAL C 382 9.89 16.37 -9.91
C VAL C 382 9.16 15.43 -10.86
N ILE C 383 9.15 15.77 -12.14
CA ILE C 383 8.46 14.96 -13.13
C ILE C 383 9.20 13.67 -13.48
N GLU C 384 10.49 13.78 -13.76
CA GLU C 384 11.31 12.65 -14.21
C GLU C 384 11.45 11.56 -13.17
N LYS C 385 11.47 11.92 -11.90
CA LYS C 385 11.67 10.90 -10.88
C LYS C 385 10.45 10.06 -10.57
N MET C 386 9.29 10.35 -11.17
CA MET C 386 8.15 9.51 -10.85
C MET C 386 8.37 8.11 -11.39
N ASN C 387 8.89 8.01 -12.61
CA ASN C 387 9.25 6.72 -13.22
C ASN C 387 8.23 5.61 -12.96
N THR C 388 7.06 5.73 -13.55
CA THR C 388 5.97 4.78 -13.31
C THR C 388 6.18 3.43 -14.00
N GLN C 389 5.41 2.43 -13.58
CA GLN C 389 5.43 1.08 -14.15
C GLN C 389 4.13 0.77 -14.85
N PHE C 390 4.15 -0.24 -15.72
CA PHE C 390 2.94 -0.62 -16.43
C PHE C 390 2.09 -1.56 -15.58
N THR C 391 0.90 -1.10 -15.22
CA THR C 391 0.02 -1.88 -14.36
C THR C 391 -1.45 -1.71 -14.73
N ALA C 392 -2.25 -2.75 -14.42
CA ALA C 392 -3.67 -2.76 -14.75
C ALA C 392 -4.57 -2.00 -13.79
N VAL C 393 -4.15 -1.96 -12.53
CA VAL C 393 -4.86 -1.29 -11.43
C VAL C 393 -6.22 -1.88 -11.04
N GLY C 394 -7.16 -1.97 -11.97
CA GLY C 394 -8.50 -2.47 -11.64
C GLY C 394 -8.52 -3.98 -11.44
N LYS C 395 -9.35 -4.43 -10.49
CA LYS C 395 -9.52 -5.86 -10.21
C LYS C 395 -10.99 -6.20 -9.99
N GLU C 396 -11.36 -7.43 -10.31
CA GLU C 396 -12.75 -7.85 -10.20
C GLU C 396 -12.96 -9.03 -9.27
N PHE C 397 -13.94 -8.89 -8.39
CA PHE C 397 -14.28 -9.91 -7.41
C PHE C 397 -15.79 -10.15 -7.41
N ASN C 398 -16.22 -11.36 -7.01
CA ASN C 398 -17.64 -11.68 -6.99
C ASN C 398 -18.28 -11.40 -5.63
N HIS C 399 -19.55 -11.75 -5.48
CA HIS C 399 -20.32 -11.41 -4.29
C HIS C 399 -19.93 -12.19 -3.04
N LEU C 400 -19.14 -13.24 -3.21
CA LEU C 400 -18.67 -14.04 -2.09
C LEU C 400 -17.21 -13.76 -1.82
N GLU C 401 -16.72 -12.68 -2.39
CA GLU C 401 -15.34 -12.28 -2.24
C GLU C 401 -15.23 -10.85 -1.74
N LYS C 402 -16.19 -10.42 -0.93
CA LYS C 402 -16.18 -9.05 -0.44
C LYS C 402 -14.95 -8.73 0.38
N ARG C 403 -14.46 -9.69 1.17
CA ARG C 403 -13.29 -9.37 1.99
C ARG C 403 -12.08 -9.00 1.15
N ILE C 404 -11.82 -9.74 0.09
CA ILE C 404 -10.70 -9.42 -0.77
C ILE C 404 -10.98 -8.19 -1.61
N GLU C 405 -12.22 -7.97 -2.00
CA GLU C 405 -12.55 -6.78 -2.76
C GLU C 405 -12.26 -5.54 -1.91
N ASN C 406 -12.63 -5.60 -0.65
CA ASN C 406 -12.39 -4.50 0.26
C ASN C 406 -10.91 -4.38 0.61
N LEU C 407 -10.16 -5.48 0.57
CA LEU C 407 -8.71 -5.37 0.75
C LEU C 407 -8.13 -4.61 -0.42
N ASN C 408 -8.58 -4.92 -1.62
CA ASN C 408 -8.13 -4.19 -2.79
C ASN C 408 -8.48 -2.73 -2.65
N LYS C 409 -9.67 -2.43 -2.11
CA LYS C 409 -10.05 -1.06 -1.91
C LYS C 409 -9.12 -0.38 -0.92
N LYS C 410 -8.79 -1.05 0.18
CA LYS C 410 -7.86 -0.43 1.15
C LYS C 410 -6.58 -0.02 0.47
N VAL C 411 -6.08 -0.87 -0.41
CA VAL C 411 -4.83 -0.58 -1.08
C VAL C 411 -4.99 0.66 -1.95
N ASP C 412 -6.06 0.74 -2.72
CA ASP C 412 -6.27 1.90 -3.59
C ASP C 412 -6.49 3.18 -2.80
N ASP C 413 -7.24 3.10 -1.71
CA ASP C 413 -7.53 4.28 -0.91
C ASP C 413 -6.30 4.72 -0.16
N GLY C 414 -5.52 3.77 0.32
CA GLY C 414 -4.31 4.08 1.04
C GLY C 414 -3.32 4.78 0.12
N PHE C 415 -3.14 4.24 -1.08
CA PHE C 415 -2.23 4.85 -2.03
C PHE C 415 -2.74 6.21 -2.45
N LEU C 416 -4.05 6.34 -2.62
CA LEU C 416 -4.59 7.65 -2.96
C LEU C 416 -4.31 8.67 -1.90
N ASP C 417 -4.53 8.34 -0.63
CA ASP C 417 -4.28 9.30 0.42
C ASP C 417 -2.80 9.66 0.52
N ILE C 418 -1.93 8.67 0.33
CA ILE C 418 -0.51 8.95 0.38
C ILE C 418 -0.07 9.84 -0.75
N TRP C 419 -0.50 9.53 -1.97
CA TRP C 419 -0.09 10.33 -3.11
C TRP C 419 -0.73 11.71 -3.08
N THR C 420 -1.98 11.80 -2.66
CA THR C 420 -2.62 13.11 -2.63
C THR C 420 -1.96 13.98 -1.59
N TYR C 421 -1.72 13.44 -0.41
CA TYR C 421 -1.12 14.22 0.65
C TYR C 421 0.26 14.67 0.27
N ASN C 422 1.08 13.75 -0.23
CA ASN C 422 2.43 14.11 -0.59
C ASN C 422 2.47 15.02 -1.80
N ALA C 423 1.61 14.79 -2.78
CA ALA C 423 1.62 15.62 -3.97
C ALA C 423 1.18 17.04 -3.63
N GLU C 424 0.14 17.18 -2.80
CA GLU C 424 -0.31 18.52 -2.48
C GLU C 424 0.72 19.24 -1.63
N LEU C 425 1.33 18.54 -0.68
CA LEU C 425 2.36 19.20 0.10
C LEU C 425 3.58 19.49 -0.70
N LEU C 426 3.96 18.60 -1.61
CA LEU C 426 5.17 18.83 -2.36
C LEU C 426 5.08 20.11 -3.13
N VAL C 427 3.93 20.37 -3.74
CA VAL C 427 3.78 21.62 -4.46
C VAL C 427 3.89 22.79 -3.50
N LEU C 428 3.27 22.66 -2.33
CA LEU C 428 3.31 23.71 -1.33
C LEU C 428 4.72 23.89 -0.73
N LEU C 429 5.50 22.82 -0.65
CA LEU C 429 6.84 22.95 -0.11
C LEU C 429 7.72 23.63 -1.13
N GLU C 430 7.50 23.31 -2.39
CA GLU C 430 8.30 23.84 -3.47
C GLU C 430 7.99 25.27 -3.82
N ASN C 431 6.71 25.62 -3.87
CA ASN C 431 6.35 26.93 -4.32
C ASN C 431 6.80 28.00 -3.37
N GLU C 432 6.81 27.72 -2.07
CA GLU C 432 7.20 28.77 -1.17
C GLU C 432 8.62 29.15 -1.43
N ARG C 433 9.50 28.17 -1.49
CA ARG C 433 10.89 28.54 -1.63
C ARG C 433 11.17 29.11 -3.00
N THR C 434 10.54 28.57 -4.04
CA THR C 434 10.84 29.02 -5.40
C THR C 434 10.77 30.53 -5.44
N LEU C 435 9.77 31.09 -4.78
CA LEU C 435 9.65 32.52 -4.75
C LEU C 435 10.75 33.15 -3.89
N ASP C 436 11.14 32.52 -2.77
CA ASP C 436 12.23 33.05 -1.95
C ASP C 436 13.58 32.99 -2.70
N TYR C 437 13.76 31.96 -3.51
CA TYR C 437 14.94 31.78 -4.34
C TYR C 437 15.08 32.94 -5.28
N HIS C 438 13.99 33.29 -5.95
CA HIS C 438 14.05 34.40 -6.86
C HIS C 438 14.34 35.68 -6.11
N ASP C 439 13.75 35.84 -4.94
CA ASP C 439 14.00 37.05 -4.17
C ASP C 439 15.47 37.13 -3.77
N SER C 440 16.06 35.99 -3.45
CA SER C 440 17.46 35.92 -3.08
C SER C 440 18.34 36.34 -4.25
N ASN C 441 18.04 35.85 -5.45
CA ASN C 441 18.82 36.23 -6.63
C ASN C 441 18.72 37.72 -6.92
N VAL C 442 17.54 38.29 -6.73
CA VAL C 442 17.37 39.72 -6.96
C VAL C 442 18.18 40.50 -5.94
N LYS C 443 18.09 40.09 -4.68
CA LYS C 443 18.86 40.72 -3.63
C LYS C 443 20.35 40.61 -3.89
N ASN C 444 20.78 39.46 -4.39
CA ASN C 444 22.19 39.27 -4.67
C ASN C 444 22.67 40.22 -5.75
N LEU C 445 21.83 40.52 -6.74
CA LEU C 445 22.24 41.47 -7.76
C LEU C 445 22.41 42.84 -7.15
N TYR C 446 21.52 43.19 -6.24
CA TYR C 446 21.60 44.47 -5.57
C TYR C 446 22.94 44.59 -4.87
N GLU C 447 23.31 43.55 -4.12
CA GLU C 447 24.58 43.57 -3.40
C GLU C 447 25.78 43.59 -4.34
N LYS C 448 25.72 42.86 -5.44
CA LYS C 448 26.83 42.84 -6.39
C LYS C 448 27.11 44.24 -6.93
N VAL C 449 26.06 45.02 -7.11
CA VAL C 449 26.22 46.40 -7.53
C VAL C 449 26.75 47.24 -6.38
N ARG C 450 26.17 47.05 -5.20
CA ARG C 450 26.56 47.82 -4.03
C ARG C 450 28.05 47.69 -3.74
N ASN C 451 28.57 46.48 -3.93
CA ASN C 451 29.95 46.15 -3.67
C ASN C 451 30.91 46.85 -4.62
N GLN C 452 30.41 47.28 -5.78
CA GLN C 452 31.25 47.96 -6.74
C GLN C 452 31.18 49.45 -6.56
N LEU C 453 29.97 49.95 -6.34
CA LEU C 453 29.77 51.37 -6.27
C LEU C 453 30.33 51.94 -4.99
N LYS C 454 30.22 51.18 -3.91
CA LYS C 454 30.79 51.61 -2.64
C LYS C 454 30.35 53.03 -2.27
N ASN C 455 31.29 53.97 -2.33
CA ASN C 455 31.01 55.35 -1.92
C ASN C 455 30.69 56.27 -3.10
N ASN C 456 30.58 55.70 -4.29
CA ASN C 456 30.33 56.50 -5.48
C ASN C 456 28.84 56.61 -5.79
N ALA C 457 28.02 56.02 -4.93
CA ALA C 457 26.57 56.10 -5.08
C ALA C 457 25.91 55.91 -3.73
N LYS C 458 24.71 56.44 -3.59
CA LYS C 458 23.94 56.25 -2.38
C LYS C 458 22.73 55.37 -2.62
N GLU C 459 22.29 54.71 -1.57
CA GLU C 459 21.09 53.88 -1.64
C GLU C 459 19.88 54.77 -1.40
N ILE C 460 18.90 54.71 -2.28
CA ILE C 460 17.75 55.59 -2.18
C ILE C 460 16.43 54.85 -2.00
N GLY C 461 16.52 53.57 -1.67
CA GLY C 461 15.33 52.74 -1.51
C GLY C 461 14.92 52.17 -2.86
N ASN C 462 13.85 51.36 -2.87
CA ASN C 462 13.35 50.73 -4.09
C ASN C 462 14.40 49.91 -4.83
N GLY C 463 15.42 49.46 -4.12
CA GLY C 463 16.47 48.67 -4.77
C GLY C 463 17.31 49.49 -5.77
N CYS C 464 17.33 50.83 -5.62
CA CYS C 464 18.01 51.74 -6.53
C CYS C 464 19.20 52.44 -5.91
N PHE C 465 20.17 52.74 -6.75
CA PHE C 465 21.33 53.53 -6.38
C PHE C 465 21.33 54.84 -7.15
N GLU C 466 21.80 55.89 -6.50
CA GLU C 466 21.95 57.18 -7.14
C GLU C 466 23.42 57.58 -7.11
N PHE C 467 23.96 57.87 -8.27
CA PHE C 467 25.38 58.12 -8.40
C PHE C 467 25.77 59.51 -7.89
N TYR C 468 27.00 59.62 -7.42
CA TYR C 468 27.55 60.91 -7.03
C TYR C 468 28.42 61.47 -8.14
N HIS C 469 28.33 60.87 -9.32
CA HIS C 469 29.10 61.29 -10.48
C HIS C 469 28.29 61.03 -11.73
N LYS C 470 28.71 61.63 -12.84
CA LYS C 470 28.02 61.37 -14.10
C LYS C 470 28.44 59.99 -14.62
N CYS C 471 27.45 59.10 -14.86
CA CYS C 471 27.65 57.72 -15.27
C CYS C 471 27.04 57.49 -16.64
N ASP C 472 27.85 57.50 -17.68
CA ASP C 472 27.40 57.41 -19.06
C ASP C 472 27.09 55.98 -19.43
N ASN C 473 26.65 55.77 -20.67
CA ASN C 473 26.26 54.43 -21.09
C ASN C 473 27.39 53.42 -20.90
N THR C 474 28.63 53.84 -21.12
CA THR C 474 29.77 52.92 -20.95
C THR C 474 30.10 52.62 -19.47
N CYS C 475 29.53 53.40 -18.54
CA CYS C 475 29.64 53.27 -17.10
C CYS C 475 28.54 52.34 -16.63
N MET C 476 27.32 52.58 -17.10
CA MET C 476 26.21 51.74 -16.67
C MET C 476 26.50 50.31 -17.07
N GLU C 477 27.11 50.11 -18.24
CA GLU C 477 27.46 48.78 -18.70
C GLU C 477 28.57 48.20 -17.84
N SER C 478 29.47 49.05 -17.35
CA SER C 478 30.57 48.57 -16.53
C SER C 478 30.04 48.08 -15.19
N VAL C 479 29.02 48.74 -14.67
CA VAL C 479 28.47 48.32 -13.40
C VAL C 479 27.74 47.00 -13.58
N LYS C 480 26.89 46.92 -14.60
CA LYS C 480 26.12 45.70 -14.86
C LYS C 480 27.01 44.49 -15.15
N ASN C 481 28.14 44.70 -15.86
CA ASN C 481 29.06 43.66 -16.25
C ASN C 481 30.09 43.26 -15.13
N GLY C 482 30.02 43.96 -13.97
CA GLY C 482 30.93 43.69 -12.85
C GLY C 482 32.34 44.23 -13.04
N THR C 483 32.51 45.25 -13.87
CA THR C 483 33.83 45.78 -14.17
C THR C 483 33.96 47.27 -13.80
N TYR C 484 33.10 47.75 -12.91
CA TYR C 484 33.12 49.15 -12.53
C TYR C 484 34.41 49.53 -11.85
N ASP C 485 34.99 50.65 -12.28
CA ASP C 485 36.23 51.16 -11.72
C ASP C 485 35.94 52.18 -10.62
N TYR C 486 35.93 51.73 -9.38
CA TYR C 486 35.60 52.63 -8.27
C TYR C 486 36.52 53.84 -8.18
N PRO C 487 37.86 53.68 -8.08
CA PRO C 487 38.82 54.76 -7.93
C PRO C 487 38.64 55.84 -8.99
N LYS C 488 38.30 55.43 -10.21
CA LYS C 488 38.13 56.37 -11.31
C LYS C 488 37.16 57.50 -11.03
N TYR C 489 36.09 57.23 -10.29
CA TYR C 489 35.07 58.24 -10.05
C TYR C 489 35.08 58.72 -8.62
N SER C 490 36.09 58.31 -7.86
CA SER C 490 36.11 58.61 -6.44
C SER C 490 36.21 60.11 -6.17
N GLU C 491 37.04 60.82 -6.92
CA GLU C 491 37.24 62.24 -6.64
C GLU C 491 35.98 63.04 -6.93
N GLU C 492 35.27 62.68 -7.99
CA GLU C 492 34.06 63.40 -8.31
C GLU C 492 33.02 63.17 -7.21
N ALA C 493 32.95 61.94 -6.73
CA ALA C 493 32.02 61.61 -5.66
C ALA C 493 32.34 62.41 -4.40
N LYS C 494 33.63 62.63 -4.13
CA LYS C 494 34.00 63.41 -2.96
C LYS C 494 33.52 64.85 -3.10
N LEU C 495 33.68 65.41 -4.29
CA LEU C 495 33.32 66.79 -4.56
C LEU C 495 31.83 67.01 -4.38
N ASN C 496 31.03 66.01 -4.72
CA ASN C 496 29.59 66.15 -4.62
C ASN C 496 28.97 65.74 -3.27
N ARG C 497 29.81 65.52 -2.25
CA ARG C 497 29.40 65.18 -0.88
C ARG C 497 29.91 66.23 0.08
C1 NAG D . -23.05 -20.08 25.98
C2 NAG D . -23.30 -21.63 25.85
C3 NAG D . -22.99 -22.29 27.20
C4 NAG D . -21.51 -22.02 27.59
C5 NAG D . -21.32 -20.47 27.67
C6 NAG D . -19.88 -20.06 27.94
C7 NAG D . -25.13 -21.94 24.24
C8 NAG D . -26.57 -22.19 23.93
N2 NAG D . -24.72 -21.86 25.50
O3 NAG D . -23.19 -23.70 27.09
O4 NAG D . -21.26 -22.63 28.89
O5 NAG D . -21.68 -19.83 26.38
O6 NAG D . -19.73 -18.64 28.05
O7 NAG D . -24.31 -21.82 23.29
C1 NAG D . -20.08 -23.56 28.94
C2 NAG D . -19.57 -23.68 30.42
C3 NAG D . -18.34 -24.64 30.42
C4 NAG D . -18.76 -26.03 29.81
C5 NAG D . -19.28 -25.81 28.35
C6 NAG D . -19.80 -27.10 27.72
C7 NAG D . -19.86 -21.62 31.75
C8 NAG D . -19.35 -20.29 32.22
N2 NAG D . -19.12 -22.35 30.91
O3 NAG D . -17.90 -24.83 31.77
O4 NAG D . -17.63 -26.90 29.81
O5 NAG D . -20.41 -24.86 28.39
O6 NAG D . -20.95 -27.61 28.41
O7 NAG D . -20.97 -22.03 32.15
C1 NAG E . -25.29 12.82 16.99
C2 NAG E . -26.08 13.45 18.21
C3 NAG E . -27.59 13.42 17.86
C4 NAG E . -27.85 14.21 16.56
C5 NAG E . -27.00 13.57 15.43
C6 NAG E . -27.09 14.31 14.10
C7 NAG E . -25.16 13.13 20.47
C8 NAG E . -24.93 12.25 21.67
N2 NAG E . -25.82 12.65 19.41
O3 NAG E . -28.32 13.98 18.97
O4 NAG E . -29.26 14.12 16.21
O5 NAG E . -25.57 13.55 15.77
O6 NAG E . -26.56 13.53 13.03
O7 NAG E . -24.74 14.30 20.50
C1 NAG E . -30.09 15.37 16.45
C2 NAG E . -31.32 15.37 15.46
C3 NAG E . -32.16 16.66 15.75
C4 NAG E . -32.59 16.66 17.26
C5 NAG E . -31.31 16.64 18.16
C6 NAG E . -31.64 16.51 19.64
C7 NAG E . -31.18 14.56 13.14
C8 NAG E . -30.67 14.69 11.73
N2 NAG E . -30.83 15.46 14.06
O3 NAG E . -33.32 16.65 14.92
O4 NAG E . -33.36 17.82 17.53
O5 NAG E . -30.52 15.44 17.83
O6 NAG E . -30.55 16.88 20.46
O7 NAG E . -31.95 13.63 13.42
C1 NAG F . 13.39 -36.97 -7.99
C2 NAG F . 12.45 -38.08 -8.61
C3 NAG F . 13.15 -38.67 -9.85
C4 NAG F . 13.41 -37.55 -10.88
C5 NAG F . 14.31 -36.47 -10.21
C6 NAG F . 14.57 -35.26 -11.10
C7 NAG F . 11.21 -39.10 -6.76
C8 NAG F . 11.03 -40.21 -5.76
N2 NAG F . 12.23 -39.14 -7.61
O3 NAG F . 12.31 -39.66 -10.43
O4 NAG F . 14.11 -38.14 -12.03
O5 NAG F . 13.66 -35.95 -8.98
O6 NAG F . 15.41 -34.29 -10.46
O7 NAG F . 10.39 -38.16 -6.79
C1 NAG F . 13.46 -37.89 -13.37
C2 NAG F . 14.54 -38.04 -14.50
C3 NAG F . 13.84 -37.76 -15.86
C4 NAG F . 12.63 -38.74 -16.03
C5 NAG F . 11.63 -38.55 -14.86
C6 NAG F . 10.47 -39.54 -14.90
C7 NAG F . 16.82 -37.37 -13.82
C8 NAG F . 17.87 -36.31 -13.66
N2 NAG F . 15.62 -37.04 -14.31
O3 NAG F . 14.79 -37.97 -16.92
O4 NAG F . 11.99 -38.48 -17.28
O5 NAG F . 12.34 -38.77 -13.59
O6 NAG F . 10.91 -40.89 -14.74
O7 NAG F . 17.07 -38.54 -13.48
C1 NAG G . 24.56 -15.31 15.97
C2 NAG G . 26.02 -15.85 16.26
C3 NAG G . 25.94 -16.85 17.43
C4 NAG G . 25.34 -16.15 18.68
C5 NAG G . 23.94 -15.61 18.31
C6 NAG G . 23.27 -14.81 19.42
C7 NAG G . 27.58 -16.07 14.36
C8 NAG G . 28.04 -16.82 13.14
N2 NAG G . 26.54 -16.53 15.05
O3 NAG G . 27.25 -17.36 17.71
O4 NAG G . 25.20 -17.12 19.75
O5 NAG G . 24.01 -14.69 17.15
O6 NAG G . 21.88 -14.58 19.14
O7 NAG G . 28.18 -15.04 14.70
C1 NAG G . 26.20 -17.00 20.89
C2 NAG G . 25.56 -17.60 22.21
C3 NAG G . 26.64 -17.49 23.34
C4 NAG G . 27.92 -18.24 22.90
C5 NAG G . 28.47 -17.61 21.59
C6 NAG G . 29.67 -18.37 21.03
C7 NAG G . 23.19 -17.31 22.80
C8 NAG G . 22.04 -16.44 23.22
N2 NAG G . 24.39 -16.77 22.61
O3 NAG G . 26.11 -18.08 24.54
O4 NAG G . 28.90 -18.16 23.93
O5 NAG G . 27.43 -17.69 20.56
O6 NAG G . 30.39 -17.60 20.09
O7 NAG G . 23.01 -18.53 22.68
C1 NAG H . -28.92 -11.07 -25.52
C2 NAG H . -29.91 -12.25 -25.18
C3 NAG H . -31.35 -11.74 -25.39
C4 NAG H . -31.62 -10.54 -24.45
C5 NAG H . -30.58 -9.43 -24.79
C6 NAG H . -30.68 -8.22 -23.88
C7 NAG H . -28.78 -14.34 -25.80
C8 NAG H . -28.56 -15.46 -26.78
N2 NAG H . -29.64 -13.37 -26.11
O3 NAG H . -32.27 -12.80 -25.08
O4 NAG H . -32.98 -10.07 -24.69
O5 NAG H . -29.20 -9.94 -24.66
O6 NAG H . -29.74 -7.20 -24.23
O7 NAG H . -28.18 -14.33 -24.71
C1 NAG H . -33.85 -9.98 -23.46
C2 NAG H . -35.01 -8.95 -23.72
C3 NAG H . -35.87 -8.88 -22.43
C4 NAG H . -36.40 -10.30 -22.07
C5 NAG H . -35.19 -11.26 -21.85
C6 NAG H . -35.61 -12.70 -21.59
C7 NAG H . -34.39 -7.10 -25.23
C8 NAG H . -33.82 -5.72 -25.44
N2 NAG H . -34.45 -7.60 -24.00
O3 NAG H . -36.99 -8.00 -22.68
O4 NAG H . -37.18 -10.22 -20.88
O5 NAG H . -34.36 -11.27 -23.08
O6 NAG H . -36.28 -13.28 -22.70
O7 NAG H . -34.80 -7.75 -26.22
C1 NAG I . 1.19 3.32 -32.86
C2 NAG I . 0.94 3.95 -34.29
C3 NAG I . 1.35 2.91 -35.36
C4 NAG I . 2.85 2.53 -35.17
C5 NAG I . 3.04 1.98 -33.74
C6 NAG I . 4.49 1.66 -33.40
C7 NAG I . -0.96 5.50 -34.54
C8 NAG I . -2.45 5.73 -34.68
N2 NAG I . -0.49 4.25 -34.43
O3 NAG I . 1.11 3.45 -36.66
O4 NAG I . 3.22 1.51 -36.14
O5 NAG I . 2.59 2.95 -32.73
O6 NAG I . 4.59 0.89 -32.19
O7 NAG I . -0.19 6.47 -34.56
C1 NAG I . 4.07 1.96 -37.30
C2 NAG I . 4.91 0.74 -37.84
C3 NAG I . 5.75 1.24 -39.06
C4 NAG I . 4.79 1.82 -40.14
C5 NAG I . 4.00 3.01 -39.52
C6 NAG I . 2.94 3.56 -40.48
C7 NAG I . 5.89 -0.97 -36.35
C8 NAG I . 6.87 -1.38 -35.30
N2 NAG I . 5.86 0.29 -36.78
O3 NAG I . 6.48 0.12 -39.60
O4 NAG I . 5.55 2.28 -41.25
O5 NAG I . 3.25 2.52 -38.35
O6 NAG I . 2.50 4.85 -40.09
O7 NAG I . 5.13 -1.83 -36.84
C1 NAG J . 4.23 30.14 33.50
C2 NAG J . 3.70 31.62 33.35
C3 NAG J . 2.17 31.62 33.60
C4 NAG J . 1.50 30.68 32.57
C5 NAG J . 2.10 29.25 32.71
C6 NAG J . 1.51 28.30 31.67
C7 NAG J . 5.06 33.58 33.99
C8 NAG J . 5.72 34.43 35.03
N2 NAG J . 4.37 32.48 34.35
O3 NAG J . 1.66 32.95 33.48
O4 NAG J . 0.09 30.66 32.82
O5 NAG J . 3.56 29.29 32.52
O6 NAG J . 1.71 28.74 30.33
O7 NAG J . 5.15 33.92 32.79
C1 NAG K . 17.54 15.30 24.63
C2 NAG K . 16.35 14.25 24.59
C3 NAG K . 16.98 12.84 24.83
C4 NAG K . 18.04 12.54 23.75
C5 NAG K . 19.14 13.63 23.83
C6 NAG K . 20.24 13.42 22.78
C7 NAG K . 14.26 14.38 26.31
C8 NAG K . 13.18 13.42 25.93
N2 NAG K . 15.40 14.52 25.65
O3 NAG K . 15.93 11.85 24.76
O4 NAG K . 18.62 11.26 24.00
O5 NAG K . 18.54 14.98 23.62
O6 NAG K . 21.40 14.19 23.07
O7 NAG K . 14.11 15.09 27.32
C1 NAG L . -14.64 17.11 20.77
C2 NAG L . -14.08 18.12 19.67
C3 NAG L . -14.91 19.43 19.80
C4 NAG L . -16.41 19.12 19.57
C5 NAG L . -16.88 18.06 20.62
C6 NAG L . -18.34 17.67 20.42
C7 NAG L . -11.75 18.46 18.97
C8 NAG L . -10.30 18.71 19.32
N2 NAG L . -12.65 18.36 19.95
O3 NAG L . -14.46 20.39 18.82
O4 NAG L . -17.17 20.32 19.73
O5 NAG L . -16.05 16.84 20.52
O6 NAG L . -18.58 17.06 19.15
O7 NAG L . -12.08 18.35 17.79
C1 NAG M . 3.05 55.60 10.21
C2 NAG M . 2.31 56.85 10.81
C3 NAG M . 0.98 57.06 10.00
C4 NAG M . 1.34 57.26 8.50
C5 NAG M . 2.11 56.01 7.99
C6 NAG M . 2.57 56.16 6.55
C7 NAG M . 2.21 57.49 13.17
C8 NAG M . 1.88 57.17 14.60
N2 NAG M . 1.99 56.58 12.22
O3 NAG M . 0.30 58.22 10.50
O4 NAG M . 0.14 57.46 7.75
O5 NAG M . 3.32 55.81 8.81
O6 NAG M . 3.01 54.93 5.99
O7 NAG M . 2.70 58.59 12.90
C1 NAG N . 43.61 11.82 -2.62
C2 NAG N . 44.39 12.41 -1.36
C3 NAG N . 44.80 11.23 -0.45
C4 NAG N . 43.53 10.47 0.00
C5 NAG N . 42.77 9.97 -1.26
C6 NAG N . 41.47 9.25 -0.88
C7 NAG N . 45.80 14.42 -1.52
C8 NAG N . 47.03 15.12 -2.01
N2 NAG N . 45.59 13.13 -1.84
O3 NAG N . 45.51 11.73 0.69
O4 NAG N . 43.91 9.37 0.82
O5 NAG N . 42.44 11.10 -2.16
O6 NAG N . 40.59 10.08 -0.13
O7 NAG N . 45.00 15.05 -0.81
C1 NAG O . 26.25 14.80 -15.50
C2 NAG O . 25.80 13.30 -15.25
C3 NAG O . 25.13 12.79 -16.56
C4 NAG O . 23.94 13.70 -16.93
C5 NAG O . 24.45 15.15 -17.11
C6 NAG O . 23.32 16.13 -17.46
C7 NAG O . 27.58 11.35 -14.59
C8 NAG O . 26.88 10.09 -14.20
N2 NAG O . 26.96 12.46 -14.96
O3 NAG O . 24.67 11.44 -16.37
O4 NAG O . 23.36 13.23 -18.14
O5 NAG O . 25.10 15.62 -15.86
O6 NAG O . 23.83 17.35 -17.96
O7 NAG O . 28.82 11.39 -14.59
C1 NAG P . 28.55 -6.09 9.25
C2 NAG P . 28.15 -4.73 9.96
C3 NAG P . 29.09 -4.53 11.18
C4 NAG P . 28.94 -5.76 12.13
C5 NAG P . 29.28 -7.06 11.37
C6 NAG P . 29.10 -8.30 12.24
C7 NAG P . 27.44 -2.63 8.90
C8 NAG P . 27.66 -1.53 7.88
N2 NAG P . 28.32 -3.63 8.98
O3 NAG P . 28.76 -3.33 11.87
O4 NAG P . 29.85 -5.59 13.23
O5 NAG P . 28.41 -7.20 10.18
O6 NAG P . 27.76 -8.47 12.69
O7 NAG P . 26.45 -2.58 9.64
C1 NAG Q . 38.79 33.88 23.50
C2 NAG Q . 40.08 33.95 24.40
C3 NAG Q . 39.71 33.38 25.80
C4 NAG Q . 38.54 34.21 26.41
C5 NAG Q . 37.33 34.13 25.45
C6 NAG Q . 36.16 34.99 25.92
C7 NAG Q . 42.38 33.57 23.66
C8 NAG Q . 43.42 32.71 23.02
N2 NAG Q . 41.13 33.13 23.77
O3 NAG Q . 40.85 33.46 26.66
O4 NAG Q . 38.20 33.70 27.69
O5 NAG Q . 37.71 34.64 24.11
O6 NAG Q . 34.96 34.71 25.22
O7 NAG Q . 42.70 34.70 24.07
C1 NAG R . -1.65 39.59 -21.87
C2 NAG R . -0.41 40.14 -22.69
C3 NAG R . -0.37 39.43 -24.07
C4 NAG R . -0.24 37.90 -23.83
C5 NAG R . -1.45 37.42 -22.99
C6 NAG R . -1.36 35.92 -22.68
C7 NAG R . 0.39 42.46 -22.47
C8 NAG R . 0.20 43.93 -22.68
N2 NAG R . -0.56 41.60 -22.88
O3 NAG R . 0.75 39.91 -24.83
O4 NAG R . -0.24 37.24 -25.10
O5 NAG R . -1.51 38.15 -21.70
O6 NAG R . -0.15 35.58 -21.99
O7 NAG R . 1.43 42.06 -21.92
C1 NAG S . -8.15 32.82 -2.18
C2 NAG S . -8.72 31.48 -2.82
C3 NAG S . -9.99 31.08 -2.00
C4 NAG S . -9.62 30.89 -0.51
C5 NAG S . -9.04 32.22 0.03
C6 NAG S . -8.62 32.13 1.51
C7 NAG S . -9.51 31.35 -5.42
C8 NAG S . -9.79 29.93 -5.82
N2 NAG S . -9.11 31.71 -4.21
O3 NAG S . -10.51 29.84 -2.52
O4 NAG S . -10.79 30.55 0.22
O5 NAG S . -7.84 32.62 -0.77
O6 NAG S . -8.42 33.41 2.07
O7 NAG S . -9.66 32.27 -6.24
C1 NAG T . 0.24 13.98 -27.25
C2 NAG T . 1.64 14.32 -26.57
C3 NAG T . 2.60 14.76 -27.71
C4 NAG T . 2.75 13.60 -28.74
C5 NAG T . 1.34 13.26 -29.31
C6 NAG T . 1.39 12.09 -30.29
C7 NAG T . 2.03 15.45 -24.42
C8 NAG T . 1.78 16.59 -23.47
N2 NAG T . 1.42 15.42 -25.60
O3 NAG T . 3.90 15.07 -27.15
O4 NAG T . 3.60 14.03 -29.79
O5 NAG T . 0.42 12.90 -28.21
O6 NAG T . 1.86 10.88 -29.69
O7 NAG T . 2.80 14.54 -24.08
C1 NAG U . 32.67 42.06 -19.18
C2 NAG U . 33.29 42.76 -20.45
C3 NAG U . 34.17 41.71 -21.21
C4 NAG U . 35.28 41.21 -20.25
C5 NAG U . 34.62 40.57 -18.99
C6 NAG U . 35.65 40.13 -17.96
C7 NAG U . 32.15 44.40 -21.87
C8 NAG U . 31.00 44.80 -22.74
N2 NAG U . 32.16 43.19 -21.31
O3 NAG U . 34.76 42.33 -22.36
O4 NAG U . 36.10 40.26 -20.93
O5 NAG U . 33.75 41.57 -18.33
O6 NAG U . 35.07 39.30 -16.96
O7 NAG U . 33.07 45.21 -21.67
#